data_2N8L
#
_entry.id   2N8L
#
loop_
_entity.id
_entity.type
_entity.pdbx_description
1 polymer 'Insulin-like growth factor 2 mRNA-binding protein 1'
2 polymer "RNA (5'-R(P*GP*CP*AP*CP*AP*CP*CP*C)-3')"
#
loop_
_entity_poly.entity_id
_entity_poly.type
_entity_poly.pdbx_seq_one_letter_code
_entity_poly.pdbx_strand_id
1 'polypeptide(L)'
;GAMGPSSVSGAAPFSSFMPPEQETVHVFIPAQAVGAIIGKKGQHIKQLSRFASASIKIAPPETPDSKVRMVVITGPPEAQ
FKAQGRIYGKLKEENFFGPKEEVKLETHIRVPASAAGRVIGDDGKTVNELQNLTAAEVVVPRDQTPDENEQVIVKIIGHF
YASQMAQRKIRDILAQVKQQHQKGQSGQLQA
;
A
2 'polyribonucleotide' GCACACCC B
#
# COMPACT_ATOMS: atom_id res chain seq x y z
N GLY A 1 -35.28 -2.61 30.38
CA GLY A 1 -35.49 -2.07 29.01
C GLY A 1 -36.79 -1.30 28.89
N ALA A 2 -37.27 -1.16 27.66
CA ALA A 2 -38.52 -0.46 27.40
C ALA A 2 -39.14 -0.97 26.09
N MET A 3 -40.36 -1.45 26.17
CA MET A 3 -41.04 -1.99 25.00
C MET A 3 -41.54 -0.89 24.08
N GLY A 4 -40.75 -0.57 23.06
CA GLY A 4 -41.16 0.40 22.07
C GLY A 4 -41.89 -0.25 20.93
N PRO A 5 -43.09 0.25 20.57
CA PRO A 5 -43.93 -0.34 19.51
C PRO A 5 -43.19 -0.46 18.18
N SER A 6 -42.84 -1.70 17.84
CA SER A 6 -42.12 -2.01 16.60
C SER A 6 -40.75 -1.33 16.59
N SER A 7 -40.26 -0.95 17.77
CA SER A 7 -39.00 -0.24 17.89
C SER A 7 -37.91 -1.18 18.37
N VAL A 8 -37.97 -2.43 17.92
CA VAL A 8 -36.97 -3.42 18.27
C VAL A 8 -36.02 -3.63 17.10
N SER A 9 -34.72 -3.58 17.38
CA SER A 9 -33.73 -3.70 16.33
C SER A 9 -32.50 -4.49 16.81
N GLY A 10 -31.51 -4.60 15.95
CA GLY A 10 -30.33 -5.37 16.26
C GLY A 10 -29.47 -5.55 15.02
N ALA A 11 -29.75 -6.62 14.28
CA ALA A 11 -29.07 -6.92 13.02
C ALA A 11 -27.56 -7.00 13.19
N ALA A 12 -27.08 -8.16 13.62
CA ALA A 12 -25.66 -8.36 13.83
C ALA A 12 -25.14 -9.49 12.95
N PRO A 13 -24.83 -9.19 11.68
CA PRO A 13 -24.33 -10.16 10.72
C PRO A 13 -22.80 -10.09 10.56
N PHE A 14 -22.10 -9.81 11.64
CA PHE A 14 -20.65 -9.68 11.59
C PHE A 14 -19.99 -10.91 12.21
N SER A 15 -19.97 -11.98 11.44
CA SER A 15 -19.36 -13.22 11.90
C SER A 15 -18.12 -13.55 11.07
N SER A 16 -17.55 -14.73 11.31
CA SER A 16 -16.34 -15.20 10.61
C SER A 16 -15.10 -14.44 11.08
N PHE A 17 -14.01 -15.18 11.25
CA PHE A 17 -12.75 -14.58 11.64
C PHE A 17 -11.79 -14.54 10.46
N MET A 18 -11.88 -13.48 9.68
CA MET A 18 -11.00 -13.30 8.53
C MET A 18 -9.77 -12.50 8.93
N PRO A 19 -8.59 -13.15 8.96
CA PRO A 19 -7.34 -12.50 9.33
C PRO A 19 -6.89 -11.47 8.28
N PRO A 20 -6.96 -10.19 8.61
CA PRO A 20 -6.65 -9.11 7.70
C PRO A 20 -5.17 -8.70 7.76
N GLU A 21 -4.29 -9.70 7.81
CA GLU A 21 -2.86 -9.44 7.90
C GLU A 21 -2.22 -9.44 6.52
N GLN A 22 -3.04 -9.24 5.51
CA GLN A 22 -2.56 -9.09 4.14
C GLN A 22 -2.28 -7.62 3.88
N GLU A 23 -1.33 -7.36 2.99
CA GLU A 23 -0.95 -5.99 2.69
C GLU A 23 -2.01 -5.31 1.85
N THR A 24 -2.54 -4.22 2.39
CA THR A 24 -3.62 -3.48 1.75
C THR A 24 -3.22 -2.03 1.54
N VAL A 25 -3.10 -1.64 0.28
CA VAL A 25 -2.71 -0.27 -0.06
C VAL A 25 -3.63 0.31 -1.13
N HIS A 26 -3.63 1.62 -1.26
CA HIS A 26 -4.58 2.32 -2.14
C HIS A 26 -3.87 2.86 -3.38
N VAL A 27 -4.20 2.31 -4.54
CA VAL A 27 -3.54 2.69 -5.79
C VAL A 27 -4.28 3.84 -6.46
N PHE A 28 -3.57 4.93 -6.70
CA PHE A 28 -4.17 6.20 -7.11
C PHE A 28 -4.40 6.26 -8.61
N ILE A 29 -5.64 6.11 -9.05
CA ILE A 29 -5.97 6.28 -10.47
C ILE A 29 -7.15 7.22 -10.64
N PRO A 30 -6.92 8.36 -11.30
CA PRO A 30 -7.96 9.38 -11.55
C PRO A 30 -9.20 8.81 -12.23
N ALA A 31 -10.32 9.47 -12.00
CA ALA A 31 -11.63 9.04 -12.49
C ALA A 31 -11.66 8.88 -14.01
N GLN A 32 -10.68 9.48 -14.68
CA GLN A 32 -10.58 9.42 -16.14
C GLN A 32 -10.14 8.05 -16.62
N ALA A 33 -9.55 7.24 -15.74
CA ALA A 33 -9.04 5.95 -16.15
C ALA A 33 -9.65 4.81 -15.34
N VAL A 34 -9.98 5.09 -14.07
CA VAL A 34 -10.42 4.05 -13.15
C VAL A 34 -11.57 3.23 -13.72
N GLY A 35 -12.43 3.89 -14.49
CA GLY A 35 -13.57 3.23 -15.07
C GLY A 35 -13.18 2.03 -15.90
N ALA A 36 -12.35 2.26 -16.90
CA ALA A 36 -12.01 1.22 -17.84
C ALA A 36 -11.00 0.25 -17.23
N ILE A 37 -10.41 0.65 -16.09
CA ILE A 37 -9.49 -0.21 -15.37
C ILE A 37 -10.23 -1.45 -14.85
N ILE A 38 -11.47 -1.24 -14.37
CA ILE A 38 -12.30 -2.36 -13.92
C ILE A 38 -12.58 -3.33 -15.08
N GLY A 39 -13.21 -2.83 -16.13
CA GLY A 39 -13.32 -3.62 -17.36
C GLY A 39 -14.50 -4.58 -17.42
N LYS A 40 -15.35 -4.34 -18.41
CA LYS A 40 -16.45 -5.23 -18.82
C LYS A 40 -17.21 -5.87 -17.67
N LYS A 41 -18.24 -5.18 -17.20
CA LYS A 41 -19.15 -5.67 -16.15
C LYS A 41 -18.42 -5.93 -14.83
N GLY A 42 -17.15 -5.59 -14.78
CA GLY A 42 -16.35 -5.87 -13.60
C GLY A 42 -16.08 -7.35 -13.45
N GLN A 43 -16.01 -8.06 -14.57
CA GLN A 43 -15.83 -9.50 -14.55
C GLN A 43 -14.35 -9.87 -14.49
N HIS A 44 -13.56 -9.36 -15.43
CA HIS A 44 -12.14 -9.72 -15.49
C HIS A 44 -11.35 -9.09 -14.35
N ILE A 45 -11.87 -8.01 -13.77
CA ILE A 45 -11.23 -7.42 -12.60
C ILE A 45 -11.34 -8.36 -11.40
N LYS A 46 -12.44 -9.11 -11.33
CA LYS A 46 -12.60 -10.11 -10.30
C LYS A 46 -11.88 -11.39 -10.70
N GLN A 47 -11.82 -11.63 -12.01
CA GLN A 47 -11.01 -12.70 -12.56
C GLN A 47 -9.55 -12.48 -12.16
N LEU A 48 -9.16 -11.22 -12.13
CA LEU A 48 -7.82 -10.82 -11.72
C LEU A 48 -7.57 -11.25 -10.29
N SER A 49 -8.59 -11.10 -9.46
CA SER A 49 -8.49 -11.51 -8.06
C SER A 49 -8.24 -13.01 -7.97
N ARG A 50 -8.72 -13.75 -8.96
CA ARG A 50 -8.58 -15.19 -8.96
C ARG A 50 -7.18 -15.62 -9.41
N PHE A 51 -6.72 -15.11 -10.56
CA PHE A 51 -5.41 -15.53 -11.06
C PHE A 51 -4.26 -14.91 -10.27
N ALA A 52 -4.54 -13.83 -9.54
CA ALA A 52 -3.54 -13.24 -8.69
C ALA A 52 -3.62 -13.81 -7.28
N SER A 53 -4.79 -14.34 -6.93
CA SER A 53 -5.05 -14.89 -5.60
C SER A 53 -5.03 -13.78 -4.55
N ALA A 54 -5.53 -12.62 -4.92
CA ALA A 54 -5.55 -11.46 -4.04
C ALA A 54 -6.93 -10.81 -4.05
N SER A 55 -7.13 -9.84 -3.18
CA SER A 55 -8.41 -9.15 -3.09
C SER A 55 -8.30 -7.82 -3.83
N ILE A 56 -8.85 -7.79 -5.03
CA ILE A 56 -8.81 -6.60 -5.87
C ILE A 56 -10.13 -5.85 -5.74
N LYS A 57 -10.08 -4.68 -5.13
CA LYS A 57 -11.27 -3.87 -4.91
C LYS A 57 -11.04 -2.46 -5.41
N ILE A 58 -12.10 -1.75 -5.78
CA ILE A 58 -11.98 -0.35 -6.15
C ILE A 58 -12.62 0.52 -5.08
N ALA A 59 -11.79 1.30 -4.41
CA ALA A 59 -12.23 2.12 -3.28
C ALA A 59 -13.07 3.29 -3.76
N PRO A 60 -14.28 3.44 -3.20
CA PRO A 60 -15.11 4.62 -3.42
C PRO A 60 -14.43 5.85 -2.84
N PRO A 61 -14.58 7.02 -3.52
CA PRO A 61 -13.94 8.28 -3.12
C PRO A 61 -13.90 8.51 -1.62
N GLU A 62 -12.69 8.37 -1.06
CA GLU A 62 -12.49 8.53 0.38
C GLU A 62 -12.75 9.95 0.81
N THR A 63 -12.54 10.89 -0.11
CA THR A 63 -12.90 12.28 0.11
C THR A 63 -13.77 12.76 -1.04
N PRO A 64 -14.82 13.56 -0.75
CA PRO A 64 -15.76 14.04 -1.77
C PRO A 64 -15.11 15.00 -2.76
N ASP A 65 -13.87 15.37 -2.49
CA ASP A 65 -13.14 16.29 -3.37
C ASP A 65 -12.12 15.55 -4.21
N SER A 66 -12.20 14.24 -4.23
CA SER A 66 -11.23 13.44 -4.98
C SER A 66 -11.57 13.36 -6.45
N LYS A 67 -10.55 13.47 -7.29
CA LYS A 67 -10.69 13.32 -8.72
C LYS A 67 -10.11 11.96 -9.12
N VAL A 68 -10.13 11.06 -8.18
CA VAL A 68 -9.40 9.81 -8.28
C VAL A 68 -10.07 8.74 -7.45
N ARG A 69 -9.91 7.50 -7.87
CA ARG A 69 -10.41 6.36 -7.13
C ARG A 69 -9.27 5.40 -6.92
N MET A 70 -9.09 4.98 -5.69
CA MET A 70 -7.94 4.18 -5.32
C MET A 70 -8.26 2.70 -5.38
N VAL A 71 -7.36 1.92 -5.93
CA VAL A 71 -7.53 0.49 -5.95
C VAL A 71 -7.06 -0.09 -4.64
N VAL A 72 -7.95 -0.76 -3.94
CA VAL A 72 -7.63 -1.40 -2.69
C VAL A 72 -7.10 -2.79 -2.97
N ILE A 73 -5.79 -2.92 -3.00
CA ILE A 73 -5.18 -4.20 -3.22
C ILE A 73 -4.86 -4.86 -1.89
N THR A 74 -5.52 -5.96 -1.62
CA THR A 74 -5.20 -6.76 -0.46
C THR A 74 -4.64 -8.10 -0.91
N GLY A 75 -3.33 -8.25 -0.82
CA GLY A 75 -2.70 -9.44 -1.30
C GLY A 75 -1.26 -9.57 -0.89
N PRO A 76 -0.70 -10.78 -0.97
CA PRO A 76 0.74 -10.97 -0.81
C PRO A 76 1.50 -10.34 -1.98
N PRO A 77 2.71 -9.85 -1.70
CA PRO A 77 3.57 -9.16 -2.68
C PRO A 77 3.73 -9.90 -4.01
N GLU A 78 3.61 -11.22 -3.95
CA GLU A 78 3.65 -12.07 -5.14
C GLU A 78 2.50 -11.71 -6.08
N ALA A 79 1.33 -11.51 -5.49
CA ALA A 79 0.13 -11.17 -6.25
C ALA A 79 0.13 -9.71 -6.63
N GLN A 80 0.60 -8.87 -5.71
CA GLN A 80 0.65 -7.43 -5.92
C GLN A 80 1.51 -7.08 -7.14
N PHE A 81 2.50 -7.92 -7.41
CA PHE A 81 3.38 -7.72 -8.56
C PHE A 81 2.56 -7.74 -9.85
N LYS A 82 1.71 -8.76 -9.99
CA LYS A 82 0.88 -8.87 -11.19
C LYS A 82 -0.16 -7.76 -11.21
N ALA A 83 -0.85 -7.63 -10.09
CA ALA A 83 -1.97 -6.71 -9.96
C ALA A 83 -1.56 -5.27 -10.30
N GLN A 84 -0.53 -4.78 -9.63
CA GLN A 84 -0.07 -3.42 -9.86
C GLN A 84 0.70 -3.31 -11.17
N GLY A 85 1.39 -4.38 -11.55
CA GLY A 85 2.07 -4.40 -12.82
C GLY A 85 1.11 -4.18 -13.98
N ARG A 86 -0.04 -4.81 -13.90
CA ARG A 86 -1.08 -4.68 -14.92
C ARG A 86 -1.87 -3.38 -14.74
N ILE A 87 -1.96 -2.90 -13.50
CA ILE A 87 -2.67 -1.66 -13.23
C ILE A 87 -1.91 -0.48 -13.83
N TYR A 88 -0.58 -0.51 -13.74
CA TYR A 88 0.24 0.49 -14.39
C TYR A 88 0.17 0.33 -15.91
N GLY A 89 -0.03 -0.92 -16.33
CA GLY A 89 -0.23 -1.20 -17.74
C GLY A 89 -1.50 -0.58 -18.28
N LYS A 90 -2.49 -0.43 -17.40
CA LYS A 90 -3.75 0.21 -17.74
C LYS A 90 -3.53 1.71 -17.95
N LEU A 91 -2.56 2.26 -17.23
CA LEU A 91 -2.11 3.63 -17.50
C LEU A 91 -1.55 3.72 -18.93
N LYS A 92 -0.73 2.73 -19.29
CA LYS A 92 -0.17 2.65 -20.64
C LYS A 92 -1.26 2.45 -21.69
N GLU A 93 -2.33 1.80 -21.30
CA GLU A 93 -3.44 1.49 -22.20
C GLU A 93 -3.99 2.76 -22.86
N GLU A 94 -4.19 3.80 -22.08
CA GLU A 94 -4.74 5.05 -22.60
C GLU A 94 -3.69 6.17 -22.63
N ASN A 95 -2.52 5.88 -22.07
CA ASN A 95 -1.37 6.79 -22.12
C ASN A 95 -1.64 8.12 -21.42
N PHE A 96 -2.33 8.07 -20.28
CA PHE A 96 -2.70 9.29 -19.56
C PHE A 96 -1.48 10.00 -18.98
N PHE A 97 -0.60 9.23 -18.35
CA PHE A 97 0.59 9.78 -17.70
C PHE A 97 1.54 10.41 -18.71
N GLY A 98 1.52 9.88 -19.93
CA GLY A 98 2.40 10.35 -20.98
C GLY A 98 2.59 9.30 -22.05
N PRO A 99 2.43 9.67 -23.34
CA PRO A 99 2.57 8.72 -24.46
C PRO A 99 3.96 8.09 -24.54
N LYS A 100 4.99 8.92 -24.53
CA LYS A 100 6.36 8.43 -24.64
C LYS A 100 6.97 8.18 -23.25
N GLU A 101 6.38 8.78 -22.24
CA GLU A 101 6.85 8.65 -20.87
C GLU A 101 6.77 7.21 -20.40
N GLU A 102 7.72 6.80 -19.58
CA GLU A 102 7.64 5.55 -18.88
C GLU A 102 6.61 5.71 -17.77
N VAL A 103 6.04 4.61 -17.32
CA VAL A 103 4.91 4.68 -16.42
C VAL A 103 5.23 5.46 -15.16
N LYS A 104 4.42 6.47 -14.93
CA LYS A 104 4.53 7.30 -13.75
C LYS A 104 3.17 7.32 -13.08
N LEU A 105 2.95 6.40 -12.15
CA LEU A 105 1.65 6.27 -11.52
C LEU A 105 1.79 6.27 -10.01
N GLU A 106 1.07 7.19 -9.39
CA GLU A 106 1.11 7.37 -7.95
C GLU A 106 0.42 6.22 -7.21
N THR A 107 1.09 5.71 -6.20
CA THR A 107 0.45 4.77 -5.29
C THR A 107 0.46 5.35 -3.87
N HIS A 108 -0.66 5.25 -3.17
CA HIS A 108 -0.78 5.80 -1.84
C HIS A 108 -0.84 4.69 -0.81
N ILE A 109 0.10 4.69 0.12
CA ILE A 109 0.12 3.66 1.14
C ILE A 109 -0.16 4.25 2.51
N ARG A 110 -1.00 3.57 3.26
CA ARG A 110 -1.42 4.02 4.57
C ARG A 110 -0.45 3.56 5.64
N VAL A 111 0.16 4.52 6.31
CA VAL A 111 1.06 4.25 7.41
C VAL A 111 0.56 4.96 8.65
N PRO A 112 0.87 4.45 9.84
CA PRO A 112 0.52 5.11 11.10
C PRO A 112 1.01 6.54 11.13
N ALA A 113 0.23 7.43 11.71
CA ALA A 113 0.50 8.87 11.63
C ALA A 113 1.95 9.20 11.99
N SER A 114 2.42 8.64 13.11
CA SER A 114 3.78 8.88 13.58
C SER A 114 4.82 8.11 12.75
N ALA A 115 4.41 6.97 12.20
CA ALA A 115 5.30 6.13 11.42
C ALA A 115 5.76 6.83 10.16
N ALA A 116 4.89 7.68 9.59
CA ALA A 116 5.26 8.49 8.44
C ALA A 116 6.37 9.47 8.81
N GLY A 117 6.33 9.93 10.05
CA GLY A 117 7.35 10.83 10.54
C GLY A 117 8.64 10.11 10.80
N ARG A 118 8.56 8.81 11.08
CA ARG A 118 9.74 8.02 11.38
C ARG A 118 10.31 7.35 10.13
N VAL A 119 9.53 7.30 9.04
CA VAL A 119 10.06 6.81 7.78
C VAL A 119 11.04 7.83 7.21
N ILE A 120 10.90 9.07 7.68
CA ILE A 120 11.86 10.11 7.43
C ILE A 120 13.17 9.76 8.12
N GLY A 121 13.05 8.97 9.18
CA GLY A 121 14.20 8.52 9.92
C GLY A 121 14.27 9.12 11.30
N ASP A 122 14.89 8.41 12.22
CA ASP A 122 15.10 8.92 13.57
C ASP A 122 16.04 10.12 13.52
N ASP A 123 16.89 10.14 12.49
CA ASP A 123 17.79 11.27 12.26
C ASP A 123 17.28 12.16 11.14
N GLY A 124 16.33 11.66 10.37
CA GLY A 124 15.85 12.41 9.22
C GLY A 124 16.61 12.07 7.95
N LYS A 125 17.60 11.20 8.06
CA LYS A 125 18.41 10.80 6.91
C LYS A 125 17.75 9.65 6.15
N THR A 126 16.90 8.90 6.86
CA THR A 126 16.36 7.67 6.33
C THR A 126 15.46 7.89 5.11
N VAL A 127 14.65 8.95 5.13
CA VAL A 127 13.72 9.21 4.03
C VAL A 127 14.48 9.47 2.72
N ASN A 128 15.65 10.07 2.83
CA ASN A 128 16.46 10.39 1.67
C ASN A 128 17.07 9.12 1.09
N GLU A 129 17.51 8.23 1.97
CA GLU A 129 18.12 6.99 1.55
C GLU A 129 17.07 5.98 1.13
N LEU A 130 15.85 6.14 1.66
CA LEU A 130 14.72 5.32 1.26
C LEU A 130 14.49 5.47 -0.23
N GLN A 131 14.52 6.71 -0.70
CA GLN A 131 14.37 7.00 -2.13
C GLN A 131 15.50 6.34 -2.93
N ASN A 132 16.68 6.31 -2.33
CA ASN A 132 17.86 5.72 -2.96
C ASN A 132 17.72 4.20 -3.11
N LEU A 133 17.03 3.57 -2.16
CA LEU A 133 16.84 2.12 -2.16
C LEU A 133 15.60 1.75 -2.97
N THR A 134 14.52 2.48 -2.77
CA THR A 134 13.23 2.15 -3.37
C THR A 134 13.21 2.47 -4.86
N ALA A 135 14.09 3.39 -5.27
CA ALA A 135 14.18 3.84 -6.66
C ALA A 135 12.92 4.59 -7.08
N ALA A 136 12.13 4.98 -6.08
CA ALA A 136 10.88 5.66 -6.31
C ALA A 136 10.89 7.03 -5.63
N GLU A 137 9.92 7.85 -5.95
CA GLU A 137 9.81 9.15 -5.33
C GLU A 137 8.88 9.06 -4.13
N VAL A 138 9.47 9.17 -2.95
CA VAL A 138 8.75 9.04 -1.70
C VAL A 138 8.59 10.41 -1.06
N VAL A 139 7.37 10.94 -1.12
CA VAL A 139 7.10 12.23 -0.51
C VAL A 139 6.23 12.06 0.72
N VAL A 140 6.79 12.41 1.87
CA VAL A 140 6.12 12.28 3.14
C VAL A 140 5.60 13.65 3.59
N PRO A 141 4.28 13.81 3.68
CA PRO A 141 3.67 15.06 4.09
C PRO A 141 3.62 15.25 5.60
N ARG A 142 3.56 16.50 6.03
CA ARG A 142 3.44 16.81 7.45
C ARG A 142 1.99 16.83 7.87
N ASP A 143 1.11 16.82 6.87
CA ASP A 143 -0.33 16.87 7.11
C ASP A 143 -1.01 15.60 6.61
N GLN A 144 -1.41 15.61 5.34
CA GLN A 144 -2.12 14.48 4.72
C GLN A 144 -3.50 14.27 5.32
N THR A 145 -3.54 13.68 6.50
CA THR A 145 -4.78 13.39 7.20
C THR A 145 -4.56 13.53 8.70
N PRO A 146 -5.54 14.12 9.40
CA PRO A 146 -5.44 14.34 10.86
C PRO A 146 -5.20 13.04 11.62
N ASP A 147 -4.47 13.13 12.73
CA ASP A 147 -4.14 11.96 13.53
C ASP A 147 -5.37 11.44 14.28
N GLU A 148 -6.52 11.99 13.95
CA GLU A 148 -7.80 11.46 14.41
C GLU A 148 -7.98 10.04 13.87
N ASN A 149 -7.38 9.79 12.72
CA ASN A 149 -7.40 8.48 12.09
C ASN A 149 -6.13 7.71 12.45
N GLU A 150 -5.28 8.37 13.26
CA GLU A 150 -3.95 7.89 13.68
C GLU A 150 -3.14 7.35 12.50
N GLN A 151 -3.46 7.80 11.30
CA GLN A 151 -2.88 7.21 10.11
C GLN A 151 -2.85 8.24 8.98
N VAL A 152 -1.75 8.23 8.24
CA VAL A 152 -1.54 9.15 7.14
C VAL A 152 -1.06 8.39 5.90
N ILE A 153 -0.78 9.12 4.84
CA ILE A 153 -0.34 8.51 3.60
C ILE A 153 0.97 9.10 3.12
N VAL A 154 1.82 8.24 2.59
CA VAL A 154 2.97 8.68 1.82
C VAL A 154 2.76 8.33 0.36
N LYS A 155 3.12 9.24 -0.53
CA LYS A 155 2.85 9.08 -1.94
C LYS A 155 4.09 8.58 -2.66
N ILE A 156 3.93 7.53 -3.43
CA ILE A 156 5.03 6.97 -4.18
C ILE A 156 4.83 7.20 -5.68
N ILE A 157 5.74 7.95 -6.28
CA ILE A 157 5.68 8.27 -7.70
C ILE A 157 6.83 7.57 -8.43
N GLY A 158 6.57 7.03 -9.61
CA GLY A 158 7.61 6.36 -10.36
C GLY A 158 7.10 5.13 -11.09
N HIS A 159 8.01 4.19 -11.32
CA HIS A 159 7.70 2.97 -12.06
C HIS A 159 7.12 1.93 -11.13
N PHE A 160 6.38 0.95 -11.64
CA PHE A 160 5.72 -0.02 -10.77
C PHE A 160 6.74 -0.84 -9.99
N TYR A 161 7.87 -1.18 -10.62
CA TYR A 161 8.94 -1.90 -9.93
C TYR A 161 9.36 -1.14 -8.68
N ALA A 162 9.55 0.16 -8.85
CA ALA A 162 9.99 1.02 -7.77
C ALA A 162 8.90 1.17 -6.72
N SER A 163 7.69 1.45 -7.16
CA SER A 163 6.55 1.61 -6.28
C SER A 163 6.35 0.37 -5.42
N GLN A 164 6.32 -0.80 -6.06
CA GLN A 164 6.09 -2.06 -5.36
C GLN A 164 7.15 -2.31 -4.30
N MET A 165 8.39 -1.98 -4.62
CA MET A 165 9.49 -2.16 -3.68
C MET A 165 9.42 -1.13 -2.56
N ALA A 166 9.02 0.09 -2.90
CA ALA A 166 8.89 1.17 -1.93
C ALA A 166 7.77 0.87 -0.94
N GLN A 167 6.61 0.49 -1.47
CA GLN A 167 5.44 0.17 -0.67
C GLN A 167 5.77 -0.82 0.43
N ARG A 168 6.31 -1.96 0.02
CA ARG A 168 6.58 -3.05 0.93
C ARG A 168 7.63 -2.66 1.97
N LYS A 169 8.56 -1.78 1.62
CA LYS A 169 9.63 -1.41 2.53
C LYS A 169 9.14 -0.46 3.60
N ILE A 170 8.32 0.49 3.19
CA ILE A 170 7.74 1.43 4.14
C ILE A 170 6.70 0.71 5.01
N ARG A 171 5.90 -0.13 4.39
CA ARG A 171 4.93 -0.96 5.12
C ARG A 171 5.63 -1.90 6.09
N ASP A 172 6.87 -2.23 5.77
CA ASP A 172 7.66 -3.17 6.57
C ASP A 172 8.20 -2.51 7.83
N ILE A 173 8.65 -1.26 7.71
CA ILE A 173 9.17 -0.57 8.87
C ILE A 173 8.06 -0.25 9.86
N LEU A 174 6.83 -0.12 9.36
CA LEU A 174 5.67 0.15 10.22
C LEU A 174 5.61 -0.85 11.37
N ALA A 175 5.76 -2.13 11.05
CA ALA A 175 5.72 -3.18 12.05
C ALA A 175 6.84 -3.02 13.06
N GLN A 176 8.02 -2.66 12.56
CA GLN A 176 9.20 -2.50 13.41
C GLN A 176 9.11 -1.23 14.25
N VAL A 177 8.43 -0.22 13.71
CA VAL A 177 8.18 1.02 14.44
C VAL A 177 7.25 0.75 15.62
N LYS A 178 6.17 0.01 15.37
CA LYS A 178 5.18 -0.29 16.39
C LYS A 178 5.78 -1.11 17.54
N GLN A 179 6.92 -1.75 17.26
CA GLN A 179 7.61 -2.58 18.26
C GLN A 179 8.03 -1.74 19.48
N GLN A 180 7.94 -0.42 19.34
CA GLN A 180 8.22 0.50 20.46
C GLN A 180 7.36 0.18 21.68
N HIS A 181 6.25 -0.53 21.46
CA HIS A 181 5.35 -0.92 22.55
C HIS A 181 6.08 -1.79 23.60
N GLN A 182 7.14 -2.47 23.16
CA GLN A 182 7.91 -3.30 24.06
C GLN A 182 8.65 -2.43 25.07
N LYS A 183 9.33 -1.40 24.55
CA LYS A 183 10.04 -0.43 25.37
C LYS A 183 11.03 -1.11 26.32
N GLY A 184 12.24 -1.33 25.83
CA GLY A 184 13.25 -1.99 26.62
C GLY A 184 14.33 -2.57 25.75
N GLN A 185 15.43 -1.84 25.61
CA GLN A 185 16.53 -2.30 24.78
C GLN A 185 17.35 -3.36 25.49
N SER A 186 16.82 -4.58 25.50
CA SER A 186 17.54 -5.72 26.04
C SER A 186 18.50 -6.28 24.99
N GLY A 187 19.21 -5.38 24.33
CA GLY A 187 20.09 -5.76 23.25
C GLY A 187 20.62 -4.55 22.52
N GLN A 188 21.66 -4.73 21.73
CA GLN A 188 22.29 -3.63 21.01
C GLN A 188 21.74 -3.50 19.59
N LEU A 189 22.15 -2.44 18.92
CA LEU A 189 21.79 -2.18 17.53
C LEU A 189 22.86 -1.34 16.88
N GLN A 190 23.21 -1.67 15.64
CA GLN A 190 24.23 -0.91 14.92
C GLN A 190 23.65 0.38 14.36
N ALA A 191 23.37 1.33 15.25
CA ALA A 191 22.83 2.62 14.86
C ALA A 191 23.13 3.67 15.93
N GLY A 1 32.96 -37.67 10.63
CA GLY A 1 32.00 -37.29 9.57
C GLY A 1 30.78 -38.19 9.55
N ALA A 2 29.77 -37.80 8.78
CA ALA A 2 28.56 -38.59 8.67
C ALA A 2 28.17 -38.78 7.21
N MET A 3 27.52 -39.90 6.91
CA MET A 3 27.08 -40.17 5.55
C MET A 3 25.60 -39.90 5.41
N GLY A 4 25.25 -38.62 5.33
CA GLY A 4 23.87 -38.23 5.23
C GLY A 4 23.71 -36.90 4.50
N PRO A 5 23.02 -36.89 3.36
CA PRO A 5 22.81 -35.67 2.56
C PRO A 5 22.06 -34.58 3.33
N SER A 6 22.37 -33.34 3.01
CA SER A 6 21.78 -32.20 3.71
C SER A 6 20.46 -31.78 3.06
N SER A 7 19.39 -32.51 3.37
CA SER A 7 18.07 -32.18 2.88
C SER A 7 17.00 -32.72 3.81
N VAL A 8 17.33 -32.79 5.09
CA VAL A 8 16.40 -33.31 6.10
C VAL A 8 16.77 -32.78 7.49
N SER A 9 16.40 -31.53 7.74
CA SER A 9 16.67 -30.88 9.01
C SER A 9 15.58 -29.89 9.37
N GLY A 10 14.40 -30.07 8.78
CA GLY A 10 13.30 -29.17 9.00
C GLY A 10 12.79 -28.57 7.71
N ALA A 11 11.85 -29.26 7.07
CA ALA A 11 11.32 -28.82 5.79
C ALA A 11 9.98 -28.11 5.94
N ALA A 12 9.23 -28.49 6.97
CA ALA A 12 7.94 -27.89 7.24
C ALA A 12 7.86 -27.42 8.70
N PRO A 13 8.37 -26.22 8.98
CA PRO A 13 8.42 -25.67 10.33
C PRO A 13 7.10 -25.04 10.78
N PHE A 14 6.67 -24.02 10.06
CA PHE A 14 5.50 -23.25 10.46
C PHE A 14 4.33 -23.52 9.51
N SER A 15 3.20 -23.91 10.07
CA SER A 15 2.03 -24.23 9.28
C SER A 15 0.75 -24.04 10.09
N SER A 16 -0.40 -24.21 9.41
CA SER A 16 -1.73 -24.15 10.04
C SER A 16 -2.10 -22.74 10.48
N PHE A 17 -1.42 -22.23 11.50
CA PHE A 17 -1.67 -20.90 12.01
C PHE A 17 -0.96 -19.86 11.16
N MET A 18 -1.55 -18.67 11.06
CA MET A 18 -0.93 -17.57 10.36
C MET A 18 -1.47 -16.24 10.89
N PRO A 19 -0.60 -15.22 10.98
CA PRO A 19 -1.00 -13.87 11.35
C PRO A 19 -1.46 -13.07 10.14
N PRO A 20 -2.74 -12.70 10.08
CA PRO A 20 -3.34 -12.03 8.92
C PRO A 20 -2.97 -10.55 8.81
N GLU A 21 -1.67 -10.26 8.77
CA GLU A 21 -1.20 -8.91 8.51
C GLU A 21 -1.15 -8.69 7.00
N GLN A 22 -2.33 -8.76 6.38
CA GLN A 22 -2.45 -8.68 4.94
C GLN A 22 -2.04 -7.30 4.44
N GLU A 23 -1.24 -7.30 3.38
CA GLU A 23 -0.75 -6.06 2.80
C GLU A 23 -1.77 -5.50 1.82
N THR A 24 -2.48 -4.47 2.26
CA THR A 24 -3.37 -3.77 1.37
C THR A 24 -2.95 -2.31 1.27
N VAL A 25 -2.69 -1.86 0.06
CA VAL A 25 -2.30 -0.48 -0.17
C VAL A 25 -3.23 0.13 -1.22
N HIS A 26 -3.29 1.45 -1.28
CA HIS A 26 -4.28 2.12 -2.12
C HIS A 26 -3.63 2.71 -3.37
N VAL A 27 -4.09 2.29 -4.53
CA VAL A 27 -3.47 2.69 -5.79
C VAL A 27 -4.23 3.87 -6.41
N PHE A 28 -3.51 4.93 -6.75
CA PHE A 28 -4.11 6.19 -7.18
C PHE A 28 -4.31 6.22 -8.69
N ILE A 29 -5.55 6.05 -9.15
CA ILE A 29 -5.85 6.16 -10.57
C ILE A 29 -6.99 7.15 -10.80
N PRO A 30 -6.73 8.21 -11.57
CA PRO A 30 -7.71 9.26 -11.84
C PRO A 30 -8.98 8.74 -12.51
N ALA A 31 -10.08 9.45 -12.28
CA ALA A 31 -11.41 9.03 -12.70
C ALA A 31 -11.52 8.86 -14.22
N GLN A 32 -10.61 9.49 -14.96
CA GLN A 32 -10.64 9.40 -16.42
C GLN A 32 -10.32 8.00 -16.92
N ALA A 33 -9.58 7.22 -16.12
CA ALA A 33 -9.16 5.90 -16.57
C ALA A 33 -9.75 4.80 -15.72
N VAL A 34 -9.99 5.09 -14.43
CA VAL A 34 -10.45 4.07 -13.47
C VAL A 34 -11.66 3.32 -14.00
N GLY A 35 -12.52 4.04 -14.73
CA GLY A 35 -13.71 3.45 -15.28
C GLY A 35 -13.39 2.25 -16.14
N ALA A 36 -12.55 2.45 -17.14
CA ALA A 36 -12.24 1.40 -18.09
C ALA A 36 -11.32 0.36 -17.47
N ILE A 37 -10.71 0.71 -16.35
CA ILE A 37 -9.80 -0.18 -15.66
C ILE A 37 -10.56 -1.39 -15.12
N ILE A 38 -11.76 -1.15 -14.60
CA ILE A 38 -12.61 -2.23 -14.11
C ILE A 38 -12.98 -3.21 -15.24
N GLY A 39 -13.22 -2.68 -16.43
CA GLY A 39 -13.54 -3.51 -17.57
C GLY A 39 -14.98 -3.37 -18.00
N LYS A 40 -15.22 -3.38 -19.32
CA LYS A 40 -16.54 -3.08 -19.91
C LYS A 40 -17.66 -3.83 -19.20
N LYS A 41 -17.37 -5.02 -18.74
CA LYS A 41 -18.23 -5.70 -17.81
C LYS A 41 -17.43 -6.05 -16.56
N GLY A 42 -17.49 -5.15 -15.58
CA GLY A 42 -16.90 -5.37 -14.25
C GLY A 42 -16.95 -6.82 -13.81
N GLN A 43 -15.92 -7.56 -14.17
CA GLN A 43 -15.81 -8.99 -13.93
C GLN A 43 -14.45 -9.45 -14.39
N HIS A 44 -13.98 -8.82 -15.48
CA HIS A 44 -12.59 -8.99 -15.92
C HIS A 44 -11.65 -8.62 -14.78
N ILE A 45 -12.01 -7.53 -14.11
CA ILE A 45 -11.33 -7.08 -12.91
C ILE A 45 -11.32 -8.17 -11.83
N LYS A 46 -12.39 -8.95 -11.79
CA LYS A 46 -12.52 -9.99 -10.79
C LYS A 46 -11.78 -11.25 -11.23
N GLN A 47 -11.69 -11.44 -12.54
CA GLN A 47 -10.85 -12.49 -13.10
C GLN A 47 -9.41 -12.20 -12.74
N LEU A 48 -9.06 -10.91 -12.73
CA LEU A 48 -7.75 -10.48 -12.28
C LEU A 48 -7.55 -10.89 -10.83
N SER A 49 -8.58 -10.72 -10.01
CA SER A 49 -8.53 -11.08 -8.60
C SER A 49 -8.16 -12.56 -8.44
N ARG A 50 -8.64 -13.38 -9.37
CA ARG A 50 -8.43 -14.83 -9.32
C ARG A 50 -6.98 -15.20 -9.64
N PHE A 51 -6.47 -14.70 -10.76
CA PHE A 51 -5.14 -15.11 -11.21
C PHE A 51 -4.06 -14.40 -10.41
N ALA A 52 -4.36 -13.19 -9.94
CA ALA A 52 -3.39 -12.41 -9.20
C ALA A 52 -3.33 -12.84 -7.74
N SER A 53 -4.33 -13.64 -7.34
CA SER A 53 -4.41 -14.16 -5.97
C SER A 53 -4.52 -13.02 -4.96
N ALA A 54 -5.13 -11.93 -5.39
CA ALA A 54 -5.24 -10.74 -4.56
C ALA A 54 -6.66 -10.22 -4.58
N SER A 55 -7.01 -9.44 -3.59
CA SER A 55 -8.35 -8.91 -3.48
C SER A 55 -8.43 -7.58 -4.19
N ILE A 56 -8.97 -7.60 -5.40
CA ILE A 56 -9.06 -6.40 -6.21
C ILE A 56 -10.35 -5.66 -5.93
N LYS A 57 -10.24 -4.51 -5.31
CA LYS A 57 -11.39 -3.66 -5.05
C LYS A 57 -11.12 -2.24 -5.51
N ILE A 58 -12.11 -1.62 -6.14
CA ILE A 58 -12.02 -0.21 -6.47
C ILE A 58 -12.67 0.61 -5.36
N ALA A 59 -11.85 1.35 -4.65
CA ALA A 59 -12.29 2.10 -3.48
C ALA A 59 -13.24 3.23 -3.87
N PRO A 60 -14.49 3.17 -3.38
CA PRO A 60 -15.47 4.22 -3.62
C PRO A 60 -15.16 5.47 -2.79
N PRO A 61 -15.19 6.64 -3.42
CA PRO A 61 -14.97 7.90 -2.73
C PRO A 61 -16.20 8.35 -1.97
N GLU A 62 -15.99 9.00 -0.83
CA GLU A 62 -17.09 9.56 -0.06
C GLU A 62 -17.69 10.74 -0.80
N THR A 63 -16.82 11.60 -1.31
CA THR A 63 -17.24 12.73 -2.09
C THR A 63 -17.17 12.42 -3.58
N PRO A 64 -18.26 12.70 -4.31
CA PRO A 64 -18.35 12.47 -5.76
C PRO A 64 -17.47 13.45 -6.54
N ASP A 65 -16.90 14.39 -5.82
CA ASP A 65 -16.04 15.42 -6.42
C ASP A 65 -14.63 14.89 -6.63
N SER A 66 -14.35 13.73 -6.05
CA SER A 66 -13.02 13.13 -6.11
C SER A 66 -12.56 12.92 -7.55
N LYS A 67 -11.39 13.46 -7.85
CA LYS A 67 -10.82 13.44 -9.20
C LYS A 67 -10.19 12.08 -9.49
N VAL A 68 -10.06 11.27 -8.45
CA VAL A 68 -9.34 10.02 -8.52
C VAL A 68 -10.00 8.96 -7.65
N ARG A 69 -9.83 7.70 -8.03
CA ARG A 69 -10.36 6.58 -7.27
C ARG A 69 -9.23 5.62 -6.99
N MET A 70 -9.11 5.19 -5.76
CA MET A 70 -8.00 4.35 -5.35
C MET A 70 -8.38 2.88 -5.47
N VAL A 71 -7.40 2.05 -5.80
CA VAL A 71 -7.59 0.62 -5.79
C VAL A 71 -7.10 0.05 -4.47
N VAL A 72 -7.98 -0.67 -3.80
CA VAL A 72 -7.61 -1.35 -2.58
C VAL A 72 -7.06 -2.72 -2.96
N ILE A 73 -5.74 -2.84 -2.94
CA ILE A 73 -5.09 -4.06 -3.32
C ILE A 73 -4.67 -4.86 -2.09
N THR A 74 -5.48 -5.86 -1.76
CA THR A 74 -5.19 -6.70 -0.61
C THR A 74 -4.62 -8.02 -1.08
N GLY A 75 -3.33 -8.22 -0.91
CA GLY A 75 -2.70 -9.41 -1.43
C GLY A 75 -1.39 -9.73 -0.78
N PRO A 76 -0.91 -10.96 -0.95
CA PRO A 76 0.42 -11.33 -0.56
C PRO A 76 1.44 -10.59 -1.42
N PRO A 77 2.51 -10.06 -0.81
CA PRO A 77 3.55 -9.28 -1.48
C PRO A 77 3.88 -9.77 -2.90
N GLU A 78 4.14 -11.06 -3.02
CA GLU A 78 4.48 -11.66 -4.31
C GLU A 78 3.31 -11.56 -5.29
N ALA A 79 2.14 -11.97 -4.83
CA ALA A 79 0.94 -11.99 -5.67
C ALA A 79 0.50 -10.56 -6.04
N GLN A 80 0.71 -9.64 -5.11
CA GLN A 80 0.33 -8.25 -5.31
C GLN A 80 1.09 -7.64 -6.49
N PHE A 81 2.31 -8.13 -6.71
CA PHE A 81 3.15 -7.64 -7.80
C PHE A 81 2.54 -7.98 -9.15
N LYS A 82 2.02 -9.21 -9.25
CA LYS A 82 1.42 -9.70 -10.50
C LYS A 82 0.20 -8.86 -10.85
N ALA A 83 -0.53 -8.49 -9.81
CA ALA A 83 -1.72 -7.67 -9.96
C ALA A 83 -1.39 -6.23 -10.37
N GLN A 84 -0.43 -5.63 -9.66
CA GLN A 84 -0.05 -4.25 -9.92
C GLN A 84 0.61 -4.09 -11.29
N GLY A 85 1.32 -5.14 -11.74
CA GLY A 85 1.90 -5.12 -13.05
C GLY A 85 0.87 -4.88 -14.13
N ARG A 86 -0.33 -5.42 -13.92
CA ARG A 86 -1.44 -5.24 -14.84
C ARG A 86 -2.09 -3.87 -14.65
N ILE A 87 -2.17 -3.42 -13.40
CA ILE A 87 -2.87 -2.19 -13.07
C ILE A 87 -2.12 -0.98 -13.64
N TYR A 88 -0.79 -0.96 -13.55
CA TYR A 88 0.00 0.11 -14.15
C TYR A 88 -0.08 0.03 -15.67
N GLY A 89 -0.21 -1.19 -16.19
CA GLY A 89 -0.41 -1.39 -17.60
C GLY A 89 -1.71 -0.75 -18.08
N LYS A 90 -2.68 -0.66 -17.17
CA LYS A 90 -3.94 0.03 -17.44
C LYS A 90 -3.72 1.52 -17.60
N LEU A 91 -2.82 2.10 -16.80
CA LEU A 91 -2.45 3.50 -16.97
C LEU A 91 -1.84 3.73 -18.35
N LYS A 92 -1.05 2.77 -18.81
CA LYS A 92 -0.44 2.84 -20.12
C LYS A 92 -1.46 2.52 -21.21
N GLU A 93 -2.47 1.76 -20.84
CA GLU A 93 -3.48 1.29 -21.77
C GLU A 93 -4.35 2.45 -22.24
N GLU A 94 -4.53 3.44 -21.39
CA GLU A 94 -5.29 4.62 -21.77
C GLU A 94 -4.36 5.73 -22.23
N ASN A 95 -3.10 5.37 -22.42
CA ASN A 95 -2.09 6.24 -23.01
C ASN A 95 -1.93 7.56 -22.26
N PHE A 96 -1.87 7.48 -20.94
CA PHE A 96 -1.60 8.66 -20.13
C PHE A 96 -0.10 8.83 -19.92
N PHE A 97 0.63 7.72 -20.07
CA PHE A 97 2.08 7.74 -19.88
C PHE A 97 2.75 7.05 -21.06
N GLY A 98 2.10 7.07 -22.21
CA GLY A 98 2.64 6.44 -23.41
C GLY A 98 2.90 4.95 -23.23
N PRO A 99 3.31 4.25 -24.30
CA PRO A 99 3.70 2.85 -24.22
C PRO A 99 5.14 2.66 -23.74
N LYS A 100 6.02 3.58 -24.12
CA LYS A 100 7.44 3.46 -23.80
C LYS A 100 7.86 4.45 -22.72
N GLU A 101 7.09 5.52 -22.58
CA GLU A 101 7.35 6.54 -21.57
C GLU A 101 7.26 5.94 -20.17
N GLU A 102 8.01 6.53 -19.24
CA GLU A 102 8.08 6.04 -17.88
C GLU A 102 6.71 6.12 -17.21
N VAL A 103 6.26 5.00 -16.67
CA VAL A 103 5.04 5.00 -15.89
C VAL A 103 5.32 5.60 -14.52
N LYS A 104 4.60 6.64 -14.19
CA LYS A 104 4.72 7.26 -12.88
C LYS A 104 3.36 7.30 -12.22
N LEU A 105 3.05 6.26 -11.49
CA LEU A 105 1.73 6.11 -10.91
C LEU A 105 1.83 6.08 -9.40
N GLU A 106 1.00 6.88 -8.76
CA GLU A 106 1.02 7.04 -7.32
C GLU A 106 0.43 5.83 -6.59
N THR A 107 1.19 5.29 -5.65
CA THR A 107 0.64 4.35 -4.71
C THR A 107 0.66 4.95 -3.31
N HIS A 108 -0.48 4.98 -2.67
CA HIS A 108 -0.60 5.57 -1.35
C HIS A 108 -0.77 4.48 -0.30
N ILE A 109 0.13 4.43 0.66
CA ILE A 109 0.03 3.47 1.74
C ILE A 109 -0.23 4.20 3.04
N ARG A 110 -0.98 3.58 3.94
CA ARG A 110 -1.35 4.22 5.19
C ARG A 110 -0.42 3.76 6.31
N VAL A 111 0.30 4.70 6.90
CA VAL A 111 1.20 4.39 8.00
C VAL A 111 0.76 5.10 9.27
N PRO A 112 1.04 4.50 10.43
CA PRO A 112 0.71 5.08 11.73
C PRO A 112 1.19 6.53 11.85
N ALA A 113 0.48 7.33 12.63
CA ALA A 113 0.71 8.77 12.70
C ALA A 113 2.19 9.13 12.89
N SER A 114 2.83 8.47 13.86
CA SER A 114 4.22 8.77 14.19
C SER A 114 5.17 7.96 13.30
N ALA A 115 4.66 6.89 12.70
CA ALA A 115 5.48 6.05 11.83
C ALA A 115 5.89 6.82 10.58
N ALA A 116 5.08 7.81 10.21
CA ALA A 116 5.39 8.67 9.07
C ALA A 116 6.68 9.45 9.32
N GLY A 117 6.90 9.83 10.58
CA GLY A 117 8.12 10.53 10.94
C GLY A 117 9.33 9.64 10.80
N ARG A 118 9.13 8.36 11.06
CA ARG A 118 10.18 7.37 10.90
C ARG A 118 10.28 6.90 9.45
N VAL A 119 9.33 7.35 8.63
CA VAL A 119 9.37 7.12 7.20
C VAL A 119 10.40 8.03 6.55
N ILE A 120 10.28 9.31 6.86
CA ILE A 120 11.22 10.29 6.33
C ILE A 120 12.51 10.30 7.13
N GLY A 121 12.40 10.07 8.42
CA GLY A 121 13.56 10.06 9.29
C GLY A 121 13.86 11.43 9.85
N ASP A 122 12.89 11.99 10.55
CA ASP A 122 13.01 13.32 11.17
C ASP A 122 13.28 14.40 10.13
N ASP A 123 14.54 14.62 9.84
CA ASP A 123 14.95 15.66 8.90
C ASP A 123 14.93 15.12 7.47
N GLY A 124 15.11 13.81 7.35
CA GLY A 124 15.13 13.19 6.04
C GLY A 124 16.26 12.19 5.90
N LYS A 125 16.50 11.42 6.96
CA LYS A 125 17.59 10.45 6.97
C LYS A 125 17.21 9.18 6.22
N THR A 126 16.20 8.48 6.72
CA THR A 126 15.83 7.19 6.14
C THR A 126 15.05 7.36 4.84
N VAL A 127 14.46 8.52 4.62
CA VAL A 127 13.77 8.78 3.35
C VAL A 127 14.78 8.87 2.22
N ASN A 128 15.99 9.31 2.55
CA ASN A 128 17.08 9.35 1.59
C ASN A 128 17.46 7.92 1.20
N GLU A 129 17.48 7.03 2.19
CA GLU A 129 17.67 5.62 1.94
C GLU A 129 16.57 5.10 1.02
N LEU A 130 15.33 5.43 1.36
CA LEU A 130 14.17 4.95 0.61
C LEU A 130 14.26 5.37 -0.85
N GLN A 131 14.49 6.65 -1.10
CA GLN A 131 14.51 7.19 -2.46
C GLN A 131 15.59 6.54 -3.32
N ASN A 132 16.81 6.51 -2.79
CA ASN A 132 17.96 6.04 -3.55
C ASN A 132 18.01 4.52 -3.65
N LEU A 133 17.18 3.86 -2.87
CA LEU A 133 17.10 2.40 -2.91
C LEU A 133 15.93 1.94 -3.79
N THR A 134 14.76 2.51 -3.56
CA THR A 134 13.55 2.05 -4.23
C THR A 134 13.44 2.61 -5.64
N ALA A 135 14.18 3.69 -5.90
CA ALA A 135 14.13 4.42 -7.17
C ALA A 135 12.76 5.06 -7.35
N ALA A 136 12.12 5.36 -6.22
CA ALA A 136 10.78 5.93 -6.22
C ALA A 136 10.76 7.20 -5.39
N GLU A 137 9.60 7.85 -5.37
CA GLU A 137 9.41 9.04 -4.59
C GLU A 137 8.49 8.75 -3.42
N VAL A 138 9.07 8.79 -2.22
CA VAL A 138 8.31 8.58 -1.01
C VAL A 138 8.19 9.91 -0.27
N VAL A 139 7.02 10.51 -0.30
CA VAL A 139 6.83 11.82 0.28
C VAL A 139 5.72 11.81 1.33
N VAL A 140 6.07 12.28 2.53
CA VAL A 140 5.10 12.47 3.58
C VAL A 140 4.59 13.91 3.53
N PRO A 141 3.28 14.07 3.30
CA PRO A 141 2.65 15.38 3.02
C PRO A 141 3.01 16.44 4.06
N ARG A 142 3.27 17.64 3.58
CA ARG A 142 3.60 18.76 4.45
C ARG A 142 2.31 19.36 4.98
N ASP A 143 1.25 19.24 4.20
CA ASP A 143 -0.08 19.44 4.70
C ASP A 143 -0.62 18.07 5.11
N GLN A 144 0.05 17.50 6.09
CA GLN A 144 -0.18 16.12 6.50
C GLN A 144 -1.62 15.91 6.93
N THR A 145 -2.17 14.77 6.53
CA THR A 145 -3.49 14.36 6.98
C THR A 145 -3.49 14.26 8.50
N PRO A 146 -4.48 14.86 9.16
CA PRO A 146 -4.55 14.91 10.62
C PRO A 146 -4.56 13.53 11.25
N ASP A 147 -4.03 13.42 12.45
CA ASP A 147 -3.97 12.15 13.16
C ASP A 147 -5.34 11.79 13.76
N GLU A 148 -6.38 12.16 13.04
CA GLU A 148 -7.76 11.87 13.40
C GLU A 148 -7.95 10.39 13.71
N ASN A 149 -7.43 9.56 12.81
CA ASN A 149 -7.49 8.12 12.96
C ASN A 149 -6.10 7.57 13.28
N GLU A 150 -5.26 8.44 13.86
CA GLU A 150 -3.88 8.12 14.28
C GLU A 150 -3.08 7.43 13.18
N GLN A 151 -3.37 7.77 11.94
CA GLN A 151 -2.71 7.14 10.81
C GLN A 151 -2.80 8.05 9.58
N VAL A 152 -1.69 8.17 8.86
CA VAL A 152 -1.58 9.14 7.77
C VAL A 152 -1.23 8.45 6.45
N ILE A 153 -1.32 9.21 5.36
CA ILE A 153 -1.01 8.70 4.03
C ILE A 153 0.36 9.17 3.57
N VAL A 154 1.08 8.31 2.87
CA VAL A 154 2.33 8.69 2.21
C VAL A 154 2.28 8.28 0.75
N LYS A 155 2.79 9.14 -0.12
CA LYS A 155 2.72 8.91 -1.55
C LYS A 155 4.00 8.27 -2.07
N ILE A 156 3.85 7.20 -2.83
CA ILE A 156 4.97 6.59 -3.52
C ILE A 156 4.77 6.74 -5.03
N ILE A 157 5.60 7.55 -5.66
CA ILE A 157 5.49 7.82 -7.08
C ILE A 157 6.66 7.18 -7.82
N GLY A 158 6.37 6.47 -8.90
CA GLY A 158 7.42 5.87 -9.69
C GLY A 158 6.90 4.79 -10.62
N HIS A 159 7.81 3.98 -11.14
CA HIS A 159 7.44 2.89 -12.02
C HIS A 159 6.90 1.73 -11.19
N PHE A 160 6.14 0.81 -11.78
CA PHE A 160 5.53 -0.26 -11.01
C PHE A 160 6.57 -1.08 -10.23
N TYR A 161 7.75 -1.24 -10.80
CA TYR A 161 8.85 -1.92 -10.10
C TYR A 161 9.21 -1.14 -8.83
N ALA A 162 9.47 0.14 -9.02
CA ALA A 162 9.94 1.01 -7.95
C ALA A 162 8.89 1.17 -6.86
N SER A 163 7.63 1.35 -7.28
CA SER A 163 6.56 1.61 -6.34
C SER A 163 6.28 0.40 -5.47
N GLN A 164 6.13 -0.79 -6.08
CA GLN A 164 5.84 -2.00 -5.31
C GLN A 164 6.98 -2.30 -4.34
N MET A 165 8.20 -1.93 -4.72
CA MET A 165 9.36 -2.10 -3.85
C MET A 165 9.24 -1.18 -2.65
N ALA A 166 8.88 0.07 -2.90
CA ALA A 166 8.78 1.07 -1.85
C ALA A 166 7.59 0.83 -0.94
N GLN A 167 6.50 0.33 -1.50
CA GLN A 167 5.27 0.07 -0.73
C GLN A 167 5.58 -0.78 0.49
N ARG A 168 6.18 -1.93 0.25
CA ARG A 168 6.56 -2.84 1.33
C ARG A 168 7.77 -2.33 2.07
N LYS A 169 8.62 -1.54 1.42
CA LYS A 169 9.82 -1.03 2.06
C LYS A 169 9.44 -0.08 3.20
N ILE A 170 8.55 0.86 2.90
CA ILE A 170 8.07 1.78 3.91
C ILE A 170 7.12 1.04 4.88
N ARG A 171 6.36 0.09 4.35
CA ARG A 171 5.54 -0.79 5.16
C ARG A 171 6.38 -1.54 6.20
N ASP A 172 7.62 -1.86 5.84
CA ASP A 172 8.52 -2.59 6.74
C ASP A 172 9.06 -1.69 7.85
N ILE A 173 9.48 -0.48 7.48
CA ILE A 173 10.04 0.43 8.47
C ILE A 173 8.96 0.90 9.45
N LEU A 174 7.74 0.99 8.96
CA LEU A 174 6.59 1.31 9.80
C LEU A 174 6.27 0.11 10.69
N ALA A 175 6.43 -1.07 10.10
CA ALA A 175 6.24 -2.32 10.83
C ALA A 175 7.17 -2.41 12.04
N GLN A 176 8.35 -1.81 11.92
CA GLN A 176 9.28 -1.71 13.04
C GLN A 176 8.65 -0.92 14.18
N VAL A 177 7.83 0.06 13.81
CA VAL A 177 7.14 0.91 14.78
C VAL A 177 5.99 0.13 15.44
N LYS A 178 5.43 -0.82 14.70
CA LYS A 178 4.38 -1.69 15.24
C LYS A 178 4.95 -2.54 16.39
N GLN A 179 6.20 -2.93 16.25
CA GLN A 179 6.83 -3.83 17.20
C GLN A 179 7.02 -3.19 18.58
N GLN A 180 7.02 -1.87 18.65
CA GLN A 180 7.17 -1.19 19.93
C GLN A 180 5.86 -1.29 20.73
N HIS A 181 4.76 -1.55 20.02
CA HIS A 181 3.47 -1.73 20.67
C HIS A 181 3.38 -3.13 21.24
N GLN A 182 3.81 -4.11 20.46
CA GLN A 182 3.77 -5.52 20.87
C GLN A 182 4.78 -5.78 21.98
N LYS A 183 5.94 -5.13 21.90
CA LYS A 183 7.01 -5.31 22.90
C LYS A 183 7.48 -6.76 22.90
N GLY A 184 8.39 -7.07 21.99
CA GLY A 184 8.89 -8.43 21.88
C GLY A 184 9.96 -8.71 22.91
N GLN A 185 9.62 -9.50 23.91
CA GLN A 185 10.56 -9.85 24.96
C GLN A 185 11.64 -10.78 24.42
N SER A 186 12.78 -10.19 24.06
CA SER A 186 13.90 -10.92 23.48
C SER A 186 13.49 -11.58 22.16
N GLY A 187 12.61 -10.90 21.43
CA GLY A 187 12.17 -11.41 20.15
C GLY A 187 10.70 -11.75 20.16
N GLN A 188 10.39 -13.01 20.52
CA GLN A 188 9.02 -13.52 20.54
C GLN A 188 8.42 -13.52 19.13
N LEU A 189 9.25 -13.77 18.15
CA LEU A 189 8.82 -13.84 16.76
C LEU A 189 8.45 -15.27 16.38
N GLN A 190 7.74 -15.43 15.28
CA GLN A 190 7.24 -16.74 14.86
C GLN A 190 8.14 -17.34 13.79
N ALA A 191 9.03 -16.52 13.24
CA ALA A 191 10.00 -16.96 12.23
C ALA A 191 9.31 -17.60 11.03
N GLY A 1 -21.87 -39.54 22.88
CA GLY A 1 -21.25 -40.12 21.67
C GLY A 1 -21.72 -39.44 20.40
N ALA A 2 -20.80 -39.28 19.45
CA ALA A 2 -21.12 -38.65 18.18
C ALA A 2 -20.85 -39.62 17.04
N MET A 3 -21.52 -39.40 15.91
CA MET A 3 -21.33 -40.25 14.75
C MET A 3 -20.19 -39.73 13.88
N GLY A 4 -19.22 -40.59 13.63
CA GLY A 4 -18.12 -40.23 12.76
C GLY A 4 -16.86 -39.93 13.52
N PRO A 5 -15.74 -39.72 12.82
CA PRO A 5 -14.46 -39.41 13.45
C PRO A 5 -14.38 -37.97 13.91
N SER A 6 -15.26 -37.61 14.83
CA SER A 6 -15.30 -36.27 15.39
C SER A 6 -13.99 -35.97 16.12
N SER A 7 -13.16 -35.12 15.51
CA SER A 7 -11.86 -34.79 16.06
C SER A 7 -12.00 -33.95 17.32
N VAL A 8 -11.20 -34.28 18.33
CA VAL A 8 -11.18 -33.52 19.57
C VAL A 8 -10.35 -32.25 19.36
N SER A 9 -11.00 -31.25 18.79
CA SER A 9 -10.36 -29.99 18.44
C SER A 9 -9.71 -29.34 19.66
N GLY A 10 -8.46 -28.94 19.50
CA GLY A 10 -7.76 -28.25 20.55
C GLY A 10 -7.51 -26.81 20.20
N ALA A 11 -8.05 -26.39 19.06
CA ALA A 11 -7.95 -25.02 18.61
C ALA A 11 -8.98 -24.14 19.30
N ALA A 12 -8.68 -23.76 20.53
CA ALA A 12 -9.53 -22.85 21.28
C ALA A 12 -9.40 -21.44 20.70
N PRO A 13 -10.53 -20.77 20.47
CA PRO A 13 -10.56 -19.43 19.87
C PRO A 13 -10.00 -18.35 20.80
N PHE A 14 -8.69 -18.38 21.01
CA PHE A 14 -8.02 -17.33 21.78
C PHE A 14 -7.59 -16.23 20.84
N SER A 15 -7.07 -16.62 19.68
CA SER A 15 -6.71 -15.69 18.63
C SER A 15 -7.31 -16.16 17.30
N SER A 16 -6.97 -17.38 16.90
CA SER A 16 -7.50 -17.99 15.68
C SER A 16 -7.33 -17.07 14.47
N PHE A 17 -6.09 -16.82 14.10
CA PHE A 17 -5.78 -16.00 12.95
C PHE A 17 -5.51 -16.87 11.72
N MET A 18 -6.34 -16.71 10.70
CA MET A 18 -6.20 -17.50 9.48
C MET A 18 -5.41 -16.74 8.40
N PRO A 19 -5.89 -15.54 7.95
CA PRO A 19 -5.22 -14.79 6.88
C PRO A 19 -3.80 -14.36 7.26
N PRO A 20 -2.79 -15.00 6.64
CA PRO A 20 -1.38 -14.80 6.99
C PRO A 20 -0.79 -13.52 6.40
N GLU A 21 -1.11 -12.40 7.04
CA GLU A 21 -0.50 -11.11 6.74
C GLU A 21 -0.64 -10.72 5.26
N GLN A 22 -1.86 -10.50 4.82
CA GLN A 22 -2.08 -9.97 3.49
C GLN A 22 -2.16 -8.45 3.56
N GLU A 23 -1.09 -7.81 3.12
CA GLU A 23 -0.97 -6.37 3.22
C GLU A 23 -1.88 -5.68 2.20
N THR A 24 -2.45 -4.56 2.61
CA THR A 24 -3.38 -3.84 1.77
C THR A 24 -2.82 -2.48 1.37
N VAL A 25 -2.42 -2.37 0.12
CA VAL A 25 -1.89 -1.15 -0.42
C VAL A 25 -2.92 -0.50 -1.33
N HIS A 26 -2.93 0.83 -1.41
CA HIS A 26 -3.95 1.54 -2.16
C HIS A 26 -3.33 2.24 -3.35
N VAL A 27 -4.06 2.34 -4.46
CA VAL A 27 -3.50 2.90 -5.68
C VAL A 27 -4.34 4.07 -6.20
N PHE A 28 -3.66 5.07 -6.74
CA PHE A 28 -4.26 6.31 -7.21
C PHE A 28 -4.47 6.23 -8.72
N ILE A 29 -5.69 6.06 -9.17
CA ILE A 29 -5.96 6.10 -10.60
C ILE A 29 -7.04 7.15 -10.92
N PRO A 30 -6.68 8.14 -11.73
CA PRO A 30 -7.58 9.25 -12.08
C PRO A 30 -8.87 8.76 -12.71
N ALA A 31 -9.94 9.54 -12.50
CA ALA A 31 -11.29 9.18 -12.91
C ALA A 31 -11.38 8.97 -14.42
N GLN A 32 -10.43 9.53 -15.15
CA GLN A 32 -10.38 9.38 -16.60
C GLN A 32 -10.02 7.95 -17.00
N ALA A 33 -9.37 7.23 -16.09
CA ALA A 33 -8.90 5.90 -16.40
C ALA A 33 -9.62 4.84 -15.60
N VAL A 34 -10.02 5.20 -14.38
CA VAL A 34 -10.57 4.23 -13.43
C VAL A 34 -11.77 3.48 -14.01
N GLY A 35 -12.51 4.16 -14.89
CA GLY A 35 -13.68 3.55 -15.48
C GLY A 35 -13.35 2.26 -16.18
N ALA A 36 -12.45 2.35 -17.13
CA ALA A 36 -12.12 1.20 -17.94
C ALA A 36 -11.18 0.24 -17.21
N ILE A 37 -10.61 0.72 -16.11
CA ILE A 37 -9.75 -0.13 -15.30
C ILE A 37 -10.57 -1.26 -14.68
N ILE A 38 -11.81 -0.96 -14.30
CA ILE A 38 -12.74 -1.98 -13.84
C ILE A 38 -13.05 -2.97 -14.97
N GLY A 39 -13.45 -2.46 -16.13
CA GLY A 39 -13.51 -3.28 -17.33
C GLY A 39 -14.75 -4.14 -17.46
N LYS A 40 -15.63 -3.72 -18.38
CA LYS A 40 -16.81 -4.49 -18.83
C LYS A 40 -17.56 -5.20 -17.70
N LYS A 41 -18.52 -4.50 -17.12
CA LYS A 41 -19.41 -5.04 -16.08
C LYS A 41 -18.65 -5.34 -14.78
N GLY A 42 -17.36 -5.09 -14.77
CA GLY A 42 -16.54 -5.44 -13.63
C GLY A 42 -16.09 -6.88 -13.70
N GLN A 43 -16.15 -7.45 -14.89
CA GLN A 43 -15.71 -8.83 -15.09
C GLN A 43 -14.21 -8.92 -14.91
N HIS A 44 -13.49 -8.00 -15.53
CA HIS A 44 -12.03 -8.07 -15.59
C HIS A 44 -11.40 -7.85 -14.22
N ILE A 45 -11.95 -6.92 -13.45
CA ILE A 45 -11.41 -6.59 -12.13
C ILE A 45 -11.47 -7.79 -11.19
N LYS A 46 -12.62 -8.47 -11.13
CA LYS A 46 -12.78 -9.58 -10.21
C LYS A 46 -12.18 -10.85 -10.79
N GLN A 47 -12.07 -10.90 -12.11
CA GLN A 47 -11.32 -11.95 -12.77
C GLN A 47 -9.85 -11.85 -12.38
N LEU A 48 -9.38 -10.61 -12.30
CA LEU A 48 -8.02 -10.32 -11.89
C LEU A 48 -7.80 -10.82 -10.46
N SER A 49 -8.79 -10.58 -9.61
CA SER A 49 -8.76 -11.04 -8.24
C SER A 49 -8.51 -12.55 -8.17
N ARG A 50 -9.04 -13.28 -9.16
CA ARG A 50 -8.92 -14.73 -9.19
C ARG A 50 -7.53 -15.16 -9.64
N PHE A 51 -7.05 -14.64 -10.77
CA PHE A 51 -5.77 -15.09 -11.32
C PHE A 51 -4.60 -14.50 -10.55
N ALA A 52 -4.86 -13.52 -9.71
CA ALA A 52 -3.83 -12.93 -8.86
C ALA A 52 -3.83 -13.57 -7.48
N SER A 53 -4.95 -14.21 -7.15
CA SER A 53 -5.13 -14.89 -5.86
C SER A 53 -5.11 -13.87 -4.71
N ALA A 54 -5.64 -12.69 -4.97
CA ALA A 54 -5.64 -11.61 -3.99
C ALA A 54 -6.95 -10.84 -4.05
N SER A 55 -7.18 -9.98 -3.06
CA SER A 55 -8.41 -9.21 -2.99
C SER A 55 -8.25 -7.88 -3.72
N ILE A 56 -8.83 -7.80 -4.92
CA ILE A 56 -8.75 -6.59 -5.72
C ILE A 56 -10.11 -5.89 -5.74
N LYS A 57 -10.17 -4.71 -5.14
CA LYS A 57 -11.41 -3.96 -5.03
C LYS A 57 -11.18 -2.49 -5.37
N ILE A 58 -12.25 -1.80 -5.76
CA ILE A 58 -12.20 -0.37 -6.00
C ILE A 58 -12.70 0.38 -4.77
N ALA A 59 -11.99 1.42 -4.38
CA ALA A 59 -12.34 2.20 -3.19
C ALA A 59 -13.25 3.37 -3.56
N PRO A 60 -14.25 3.65 -2.72
CA PRO A 60 -15.14 4.80 -2.90
C PRO A 60 -14.39 6.11 -2.74
N PRO A 61 -14.39 6.96 -3.79
CA PRO A 61 -13.69 8.24 -3.77
C PRO A 61 -14.41 9.26 -2.90
N GLU A 62 -13.90 10.48 -2.87
CA GLU A 62 -14.50 11.54 -2.09
C GLU A 62 -15.93 11.79 -2.57
N THR A 63 -16.04 12.17 -3.83
CA THR A 63 -17.31 12.41 -4.48
C THR A 63 -17.23 11.94 -5.92
N PRO A 64 -18.34 11.95 -6.69
CA PRO A 64 -18.30 11.66 -8.12
C PRO A 64 -17.45 12.68 -8.87
N ASP A 65 -17.28 13.84 -8.26
CA ASP A 65 -16.55 14.94 -8.88
C ASP A 65 -15.07 14.92 -8.48
N SER A 66 -14.62 13.79 -7.97
CA SER A 66 -13.22 13.65 -7.57
C SER A 66 -12.37 13.27 -8.77
N LYS A 67 -11.16 13.79 -8.81
CA LYS A 67 -10.25 13.63 -9.94
C LYS A 67 -9.69 12.22 -10.02
N VAL A 68 -9.64 11.54 -8.89
CA VAL A 68 -9.03 10.23 -8.83
C VAL A 68 -9.88 9.28 -8.01
N ARG A 69 -9.80 8.00 -8.33
CA ARG A 69 -10.47 6.99 -7.55
C ARG A 69 -9.42 6.00 -7.08
N MET A 70 -9.33 5.84 -5.77
CA MET A 70 -8.36 4.96 -5.18
C MET A 70 -8.85 3.52 -5.25
N VAL A 71 -7.93 2.57 -5.37
CA VAL A 71 -8.29 1.17 -5.37
C VAL A 71 -7.69 0.47 -4.16
N VAL A 72 -8.41 -0.51 -3.63
CA VAL A 72 -7.97 -1.24 -2.46
C VAL A 72 -7.56 -2.65 -2.85
N ILE A 73 -6.27 -2.95 -2.77
CA ILE A 73 -5.80 -4.28 -3.07
C ILE A 73 -5.13 -4.91 -1.85
N THR A 74 -5.61 -6.07 -1.49
CA THR A 74 -5.05 -6.85 -0.39
C THR A 74 -4.30 -8.04 -0.97
N GLY A 75 -2.98 -7.97 -0.94
CA GLY A 75 -2.18 -8.96 -1.62
C GLY A 75 -1.04 -9.47 -0.80
N PRO A 76 -0.85 -10.79 -0.77
CA PRO A 76 0.37 -11.38 -0.25
C PRO A 76 1.55 -11.08 -1.17
N PRO A 77 2.77 -11.01 -0.61
CA PRO A 77 4.00 -10.58 -1.30
C PRO A 77 4.14 -11.08 -2.75
N GLU A 78 3.91 -12.36 -3.00
CA GLU A 78 4.07 -12.91 -4.34
C GLU A 78 2.92 -12.42 -5.23
N ALA A 79 1.70 -12.57 -4.75
CA ALA A 79 0.50 -12.20 -5.50
C ALA A 79 0.44 -10.70 -5.77
N GLN A 80 1.06 -9.93 -4.90
CA GLN A 80 1.09 -8.47 -5.01
C GLN A 80 1.61 -8.03 -6.39
N PHE A 81 2.65 -8.69 -6.86
CA PHE A 81 3.26 -8.33 -8.14
C PHE A 81 2.36 -8.75 -9.31
N LYS A 82 1.67 -9.86 -9.15
CA LYS A 82 0.80 -10.39 -10.19
C LYS A 82 -0.36 -9.45 -10.46
N ALA A 83 -1.00 -9.01 -9.39
CA ALA A 83 -2.17 -8.15 -9.48
C ALA A 83 -1.81 -6.75 -9.96
N GLN A 84 -0.86 -6.13 -9.29
CA GLN A 84 -0.52 -4.74 -9.56
C GLN A 84 0.23 -4.60 -10.89
N GLY A 85 0.97 -5.63 -11.28
CA GLY A 85 1.67 -5.61 -12.55
C GLY A 85 0.73 -5.37 -13.72
N ARG A 86 -0.49 -5.90 -13.62
CA ARG A 86 -1.48 -5.73 -14.67
C ARG A 86 -2.11 -4.33 -14.63
N ILE A 87 -2.31 -3.79 -13.44
CA ILE A 87 -3.01 -2.52 -13.30
C ILE A 87 -2.14 -1.36 -13.82
N TYR A 88 -0.82 -1.49 -13.71
CA TYR A 88 0.07 -0.52 -14.35
C TYR A 88 -0.05 -0.63 -15.86
N GLY A 89 -0.33 -1.84 -16.32
CA GLY A 89 -0.57 -2.08 -17.74
C GLY A 89 -1.77 -1.31 -18.24
N LYS A 90 -2.73 -1.05 -17.36
CA LYS A 90 -3.87 -0.20 -17.68
C LYS A 90 -3.39 1.20 -18.07
N LEU A 91 -2.46 1.73 -17.26
CA LEU A 91 -1.85 3.01 -17.52
C LEU A 91 -1.18 3.02 -18.90
N LYS A 92 -0.57 1.89 -19.25
CA LYS A 92 0.16 1.78 -20.52
C LYS A 92 -0.76 1.66 -21.72
N GLU A 93 -1.98 1.18 -21.49
CA GLU A 93 -2.92 0.95 -22.57
C GLU A 93 -3.40 2.26 -23.19
N GLU A 94 -3.73 3.23 -22.35
CA GLU A 94 -4.25 4.51 -22.83
C GLU A 94 -3.23 5.63 -22.66
N ASN A 95 -2.05 5.26 -22.13
CA ASN A 95 -0.92 6.18 -21.95
C ASN A 95 -1.33 7.43 -21.18
N PHE A 96 -2.03 7.24 -20.07
CA PHE A 96 -2.54 8.34 -19.25
C PHE A 96 -1.43 9.19 -18.65
N PHE A 97 -0.27 8.58 -18.45
CA PHE A 97 0.87 9.25 -17.84
C PHE A 97 1.50 10.25 -18.80
N GLY A 98 1.36 9.98 -20.09
CA GLY A 98 1.95 10.85 -21.09
C GLY A 98 2.72 10.06 -22.14
N PRO A 99 2.93 10.65 -23.33
CA PRO A 99 3.63 9.96 -24.42
C PRO A 99 5.14 9.86 -24.20
N LYS A 100 5.70 10.84 -23.49
CA LYS A 100 7.15 10.93 -23.32
C LYS A 100 7.56 10.53 -21.91
N GLU A 101 6.72 9.75 -21.26
CA GLU A 101 6.96 9.36 -19.88
C GLU A 101 6.97 7.83 -19.77
N GLU A 102 7.62 7.32 -18.72
CA GLU A 102 7.54 5.91 -18.37
C GLU A 102 6.27 5.69 -17.56
N VAL A 103 6.06 4.48 -17.05
CA VAL A 103 4.92 4.30 -16.19
C VAL A 103 5.15 5.06 -14.90
N LYS A 104 4.22 5.92 -14.60
CA LYS A 104 4.26 6.68 -13.39
C LYS A 104 2.91 6.60 -12.72
N LEU A 105 2.76 5.59 -11.88
CA LEU A 105 1.50 5.35 -11.22
C LEU A 105 1.64 5.70 -9.75
N GLU A 106 0.90 6.71 -9.34
CA GLU A 106 0.99 7.19 -7.98
C GLU A 106 0.38 6.18 -7.02
N THR A 107 1.19 5.65 -6.13
CA THR A 107 0.72 4.67 -5.18
C THR A 107 0.52 5.33 -3.82
N HIS A 108 -0.49 4.91 -3.08
CA HIS A 108 -0.81 5.50 -1.78
C HIS A 108 -0.84 4.44 -0.69
N ILE A 109 0.00 4.60 0.31
CA ILE A 109 0.06 3.66 1.40
C ILE A 109 -0.23 4.34 2.74
N ARG A 110 -1.02 3.67 3.57
CA ARG A 110 -1.33 4.19 4.89
C ARG A 110 -0.22 3.85 5.87
N VAL A 111 0.37 4.89 6.42
CA VAL A 111 1.44 4.74 7.38
C VAL A 111 1.02 5.44 8.68
N PRO A 112 1.38 4.88 9.83
CA PRO A 112 1.08 5.50 11.13
C PRO A 112 1.59 6.93 11.16
N ALA A 113 0.80 7.83 11.74
CA ALA A 113 1.12 9.25 11.72
C ALA A 113 2.45 9.50 12.41
N SER A 114 2.78 8.64 13.36
CA SER A 114 4.06 8.70 14.05
C SER A 114 5.19 8.17 13.16
N ALA A 115 4.85 7.18 12.35
CA ALA A 115 5.81 6.57 11.43
C ALA A 115 6.13 7.51 10.28
N ALA A 116 5.25 8.49 10.03
CA ALA A 116 5.49 9.49 9.00
C ALA A 116 6.77 10.26 9.29
N GLY A 117 7.07 10.43 10.57
CA GLY A 117 8.31 11.07 10.96
C GLY A 117 9.49 10.15 10.74
N ARG A 118 9.31 8.88 11.04
CA ARG A 118 10.39 7.90 10.94
C ARG A 118 10.69 7.56 9.49
N VAL A 119 9.67 7.54 8.65
CA VAL A 119 9.84 7.22 7.24
C VAL A 119 10.59 8.35 6.53
N ILE A 120 10.32 9.58 6.92
CA ILE A 120 11.05 10.73 6.40
C ILE A 120 12.43 10.77 7.05
N GLY A 121 12.50 10.30 8.27
CA GLY A 121 13.76 10.28 8.98
C GLY A 121 13.68 11.14 10.22
N ASP A 122 12.92 12.22 10.13
CA ASP A 122 12.71 13.16 11.24
C ASP A 122 14.00 13.87 11.61
N ASP A 123 14.92 13.15 12.24
CA ASP A 123 16.24 13.68 12.58
C ASP A 123 17.30 13.08 11.67
N GLY A 124 16.93 12.04 10.93
CA GLY A 124 17.87 11.34 10.09
C GLY A 124 17.58 11.50 8.61
N LYS A 125 18.27 10.71 7.79
CA LYS A 125 18.13 10.79 6.34
C LYS A 125 17.39 9.57 5.80
N THR A 126 16.42 9.09 6.56
CA THR A 126 15.69 7.88 6.23
C THR A 126 14.97 7.97 4.89
N VAL A 127 14.28 9.09 4.65
CA VAL A 127 13.55 9.25 3.39
C VAL A 127 14.53 9.42 2.23
N ASN A 128 15.66 10.05 2.50
CA ASN A 128 16.72 10.20 1.50
C ASN A 128 17.21 8.82 1.06
N GLU A 129 17.36 7.95 2.04
CA GLU A 129 17.74 6.56 1.79
C GLU A 129 16.67 5.88 0.94
N LEU A 130 15.41 6.04 1.36
CA LEU A 130 14.28 5.43 0.68
C LEU A 130 14.18 5.85 -0.78
N GLN A 131 14.25 7.16 -1.03
CA GLN A 131 14.06 7.69 -2.38
C GLN A 131 15.06 7.11 -3.37
N ASN A 132 16.32 7.02 -2.96
CA ASN A 132 17.37 6.51 -3.85
C ASN A 132 17.37 4.99 -3.87
N LEU A 133 17.04 4.37 -2.74
CA LEU A 133 16.97 2.91 -2.65
C LEU A 133 15.87 2.38 -3.56
N THR A 134 14.70 2.99 -3.46
CA THR A 134 13.53 2.52 -4.19
C THR A 134 13.47 3.09 -5.60
N ALA A 135 14.24 4.16 -5.82
CA ALA A 135 14.22 4.91 -7.08
C ALA A 135 12.85 5.52 -7.34
N ALA A 136 12.16 5.82 -6.26
CA ALA A 136 10.82 6.36 -6.31
C ALA A 136 10.72 7.63 -5.50
N GLU A 137 9.60 8.33 -5.63
CA GLU A 137 9.35 9.54 -4.88
C GLU A 137 8.54 9.21 -3.65
N VAL A 138 9.15 9.38 -2.48
CA VAL A 138 8.51 9.07 -1.22
C VAL A 138 8.24 10.37 -0.46
N VAL A 139 6.97 10.76 -0.42
CA VAL A 139 6.58 11.95 0.32
C VAL A 139 5.48 11.62 1.31
N VAL A 140 5.67 12.00 2.57
CA VAL A 140 4.69 11.73 3.60
C VAL A 140 4.39 13.00 4.40
N PRO A 141 3.50 13.85 3.86
CA PRO A 141 3.05 15.07 4.56
C PRO A 141 2.42 14.76 5.92
N ARG A 142 2.69 15.62 6.88
CA ARG A 142 2.22 15.41 8.25
C ARG A 142 0.74 15.78 8.37
N ASP A 143 0.25 16.55 7.41
CA ASP A 143 -1.10 17.11 7.49
C ASP A 143 -2.10 16.27 6.70
N GLN A 144 -1.72 15.04 6.37
CA GLN A 144 -2.57 14.15 5.57
C GLN A 144 -3.98 14.04 6.13
N THR A 145 -4.08 13.39 7.26
CA THR A 145 -5.37 13.09 7.86
C THR A 145 -5.33 13.33 9.37
N PRO A 146 -6.50 13.50 10.01
CA PRO A 146 -6.59 13.81 11.44
C PRO A 146 -5.89 12.77 12.31
N ASP A 147 -5.28 13.25 13.41
CA ASP A 147 -4.57 12.39 14.34
C ASP A 147 -5.54 11.46 15.06
N GLU A 148 -6.83 11.69 14.84
CA GLU A 148 -7.89 10.79 15.27
C GLU A 148 -7.57 9.36 14.82
N ASN A 149 -7.20 9.24 13.55
CA ASN A 149 -6.90 7.93 12.97
C ASN A 149 -5.44 7.59 13.21
N GLU A 150 -4.71 8.59 13.74
CA GLU A 150 -3.27 8.50 14.06
C GLU A 150 -2.48 7.91 12.90
N GLN A 151 -2.92 8.20 11.69
CA GLN A 151 -2.35 7.61 10.51
C GLN A 151 -2.45 8.56 9.33
N VAL A 152 -1.43 8.55 8.49
CA VAL A 152 -1.36 9.42 7.32
C VAL A 152 -1.05 8.59 6.07
N ILE A 153 -0.89 9.25 4.94
CA ILE A 153 -0.66 8.56 3.68
C ILE A 153 0.64 8.99 3.03
N VAL A 154 1.44 8.02 2.62
CA VAL A 154 2.64 8.27 1.82
C VAL A 154 2.29 8.17 0.34
N LYS A 155 2.85 9.05 -0.47
CA LYS A 155 2.63 9.00 -1.91
C LYS A 155 3.89 8.51 -2.59
N ILE A 156 3.74 7.47 -3.40
CA ILE A 156 4.85 6.93 -4.15
C ILE A 156 4.68 7.22 -5.62
N ILE A 157 5.53 8.08 -6.15
CA ILE A 157 5.53 8.38 -7.57
C ILE A 157 6.77 7.78 -8.21
N GLY A 158 6.59 6.89 -9.16
CA GLY A 158 7.71 6.19 -9.72
C GLY A 158 7.33 5.17 -10.76
N HIS A 159 8.21 4.20 -10.95
CA HIS A 159 8.06 3.21 -12.02
C HIS A 159 7.57 1.89 -11.44
N PHE A 160 7.25 0.93 -12.30
CA PHE A 160 6.72 -0.34 -11.84
C PHE A 160 7.71 -1.05 -10.91
N TYR A 161 8.97 -1.10 -11.30
CA TYR A 161 10.02 -1.66 -10.44
C TYR A 161 10.12 -0.88 -9.14
N ALA A 162 10.25 0.44 -9.29
CA ALA A 162 10.48 1.34 -8.17
C ALA A 162 9.37 1.27 -7.12
N SER A 163 8.13 1.36 -7.58
CA SER A 163 6.99 1.38 -6.66
C SER A 163 6.90 0.09 -5.85
N GLN A 164 7.03 -1.05 -6.52
CA GLN A 164 6.99 -2.34 -5.83
C GLN A 164 8.05 -2.41 -4.74
N MET A 165 9.22 -1.85 -5.03
CA MET A 165 10.31 -1.84 -4.05
C MET A 165 10.00 -0.88 -2.91
N ALA A 166 9.40 0.26 -3.25
CA ALA A 166 9.06 1.28 -2.25
C ALA A 166 8.00 0.78 -1.29
N GLN A 167 6.92 0.24 -1.84
CA GLN A 167 5.79 -0.24 -1.06
C GLN A 167 6.24 -1.18 0.05
N ARG A 168 7.01 -2.20 -0.32
CA ARG A 168 7.45 -3.20 0.65
C ARG A 168 8.43 -2.59 1.66
N LYS A 169 9.29 -1.69 1.20
CA LYS A 169 10.36 -1.15 2.03
C LYS A 169 9.81 -0.28 3.15
N ILE A 170 8.79 0.50 2.84
CA ILE A 170 8.15 1.34 3.85
C ILE A 170 7.28 0.48 4.77
N ARG A 171 6.51 -0.43 4.17
CA ARG A 171 5.64 -1.32 4.95
C ARG A 171 6.44 -2.11 5.99
N ASP A 172 7.73 -2.29 5.73
CA ASP A 172 8.62 -2.95 6.69
C ASP A 172 8.70 -2.17 8.01
N ILE A 173 9.05 -0.89 7.91
CA ILE A 173 9.32 -0.09 9.10
C ILE A 173 8.06 0.14 9.91
N LEU A 174 6.89 0.06 9.26
CA LEU A 174 5.62 0.19 9.98
C LEU A 174 5.50 -0.87 11.07
N ALA A 175 5.99 -2.07 10.79
CA ALA A 175 5.95 -3.17 11.74
C ALA A 175 6.85 -2.84 12.94
N GLN A 176 7.94 -2.15 12.68
CA GLN A 176 8.89 -1.77 13.72
C GLN A 176 8.29 -0.67 14.60
N VAL A 177 7.57 0.25 13.98
CA VAL A 177 6.90 1.32 14.69
C VAL A 177 5.79 0.76 15.58
N LYS A 178 5.09 -0.26 15.09
CA LYS A 178 4.07 -0.93 15.87
C LYS A 178 4.71 -1.65 17.06
N GLN A 179 5.84 -2.29 16.81
CA GLN A 179 6.58 -2.98 17.87
C GLN A 179 7.06 -1.98 18.93
N GLN A 180 7.45 -0.80 18.47
CA GLN A 180 7.89 0.28 19.37
C GLN A 180 6.75 0.67 20.32
N HIS A 181 5.52 0.56 19.84
CA HIS A 181 4.35 0.88 20.65
C HIS A 181 3.93 -0.32 21.49
N GLN A 182 4.27 -1.51 21.02
CA GLN A 182 3.94 -2.74 21.70
C GLN A 182 4.84 -2.95 22.92
N LYS A 183 6.12 -2.66 22.75
CA LYS A 183 7.08 -2.80 23.83
C LYS A 183 7.14 -1.54 24.68
N GLY A 184 6.10 -1.32 25.48
CA GLY A 184 6.04 -0.15 26.33
C GLY A 184 5.90 -0.52 27.80
N GLN A 185 6.63 0.17 28.65
CA GLN A 185 6.59 -0.09 30.09
C GLN A 185 6.70 1.22 30.86
N SER A 186 5.99 1.29 31.98
CA SER A 186 5.94 2.51 32.78
C SER A 186 7.03 2.50 33.86
N GLY A 187 7.68 1.35 34.04
CA GLY A 187 8.76 1.26 35.00
C GLY A 187 8.26 1.02 36.41
N GLN A 188 9.04 1.46 37.40
CA GLN A 188 8.69 1.29 38.80
C GLN A 188 9.07 2.51 39.62
N LEU A 189 8.22 2.87 40.56
CA LEU A 189 8.47 4.01 41.42
C LEU A 189 8.89 3.53 42.80
N GLN A 190 10.18 3.31 42.98
CA GLN A 190 10.71 2.83 44.24
C GLN A 190 11.76 3.78 44.78
N ALA A 191 11.93 3.79 46.09
CA ALA A 191 12.94 4.63 46.72
C ALA A 191 13.83 3.81 47.64
N GLY A 1 17.45 -42.05 24.81
CA GLY A 1 18.31 -40.93 25.26
C GLY A 1 17.75 -40.27 26.51
N ALA A 2 18.60 -39.53 27.22
CA ALA A 2 18.18 -38.85 28.43
C ALA A 2 17.57 -37.50 28.10
N MET A 3 16.43 -37.53 27.44
CA MET A 3 15.69 -36.32 27.04
C MET A 3 16.50 -35.46 26.08
N GLY A 4 17.31 -34.55 26.61
CA GLY A 4 18.07 -33.65 25.78
C GLY A 4 17.25 -32.47 25.31
N PRO A 5 17.60 -31.24 25.74
CA PRO A 5 16.89 -30.01 25.37
C PRO A 5 17.16 -29.58 23.94
N SER A 6 17.02 -30.49 23.01
CA SER A 6 17.19 -30.19 21.60
C SER A 6 15.98 -30.68 20.81
N SER A 7 15.56 -29.89 19.83
CA SER A 7 14.37 -30.20 19.04
C SER A 7 13.15 -30.26 19.97
N VAL A 8 13.09 -29.31 20.89
CA VAL A 8 12.02 -29.27 21.88
C VAL A 8 10.69 -28.92 21.22
N SER A 9 9.63 -29.57 21.69
CA SER A 9 8.30 -29.35 21.16
C SER A 9 7.73 -28.01 21.63
N GLY A 10 8.22 -26.93 21.05
CA GLY A 10 7.75 -25.61 21.39
C GLY A 10 7.12 -24.92 20.22
N ALA A 11 7.28 -23.59 20.15
CA ALA A 11 6.69 -22.78 19.09
C ALA A 11 5.18 -22.98 19.03
N ALA A 12 4.57 -23.12 20.22
CA ALA A 12 3.15 -23.43 20.32
C ALA A 12 2.26 -22.24 19.91
N PRO A 13 2.43 -21.04 20.52
CA PRO A 13 1.62 -19.87 20.17
C PRO A 13 1.91 -19.37 18.76
N PHE A 14 3.16 -19.53 18.34
CA PHE A 14 3.59 -19.11 17.01
C PHE A 14 4.81 -19.91 16.57
N SER A 15 4.69 -20.59 15.44
CA SER A 15 5.80 -21.31 14.87
C SER A 15 6.49 -20.45 13.81
N SER A 16 5.73 -19.51 13.27
CA SER A 16 6.25 -18.57 12.30
C SER A 16 6.27 -17.17 12.89
N PHE A 17 7.37 -16.46 12.68
CA PHE A 17 7.55 -15.14 13.27
C PHE A 17 7.20 -14.06 12.26
N MET A 18 6.13 -13.30 12.55
CA MET A 18 5.67 -12.22 11.69
C MET A 18 5.28 -12.75 10.31
N PRO A 19 4.03 -13.22 10.17
CA PRO A 19 3.55 -13.79 8.92
C PRO A 19 3.16 -12.71 7.90
N PRO A 20 3.50 -12.92 6.62
CA PRO A 20 3.09 -12.04 5.54
C PRO A 20 1.62 -12.24 5.19
N GLU A 21 0.76 -12.01 6.18
CA GLU A 21 -0.67 -12.26 6.07
C GLU A 21 -1.31 -11.41 4.97
N GLN A 22 -1.51 -10.14 5.24
CA GLN A 22 -2.19 -9.26 4.30
C GLN A 22 -1.45 -7.95 4.14
N GLU A 23 -0.85 -7.78 2.97
CA GLU A 23 -0.21 -6.53 2.62
C GLU A 23 -1.18 -5.66 1.84
N THR A 24 -1.76 -4.67 2.51
CA THR A 24 -2.76 -3.82 1.91
C THR A 24 -2.17 -2.44 1.57
N VAL A 25 -2.10 -2.15 0.30
CA VAL A 25 -1.66 -0.86 -0.17
C VAL A 25 -2.73 -0.29 -1.12
N HIS A 26 -2.84 1.03 -1.18
CA HIS A 26 -3.92 1.67 -1.95
C HIS A 26 -3.34 2.33 -3.20
N VAL A 27 -4.10 2.33 -4.28
CA VAL A 27 -3.60 2.84 -5.55
C VAL A 27 -4.43 4.02 -6.06
N PHE A 28 -3.76 5.08 -6.48
CA PHE A 28 -4.40 6.32 -6.91
C PHE A 28 -4.59 6.28 -8.43
N ILE A 29 -5.80 6.06 -8.90
CA ILE A 29 -6.07 6.06 -10.34
C ILE A 29 -7.22 7.00 -10.69
N PRO A 30 -6.95 7.93 -11.61
CA PRO A 30 -7.87 9.01 -12.01
C PRO A 30 -9.29 8.54 -12.26
N ALA A 31 -10.25 9.35 -11.82
CA ALA A 31 -11.67 9.04 -11.91
C ALA A 31 -12.14 8.76 -13.34
N GLN A 32 -11.37 9.20 -14.33
CA GLN A 32 -11.72 8.95 -15.72
C GLN A 32 -11.14 7.63 -16.21
N ALA A 33 -10.00 7.23 -15.65
CA ALA A 33 -9.32 6.04 -16.12
C ALA A 33 -9.70 4.88 -15.26
N VAL A 34 -9.99 5.16 -13.98
CA VAL A 34 -10.38 4.14 -13.02
C VAL A 34 -11.56 3.36 -13.57
N GLY A 35 -12.36 4.04 -14.37
CA GLY A 35 -13.48 3.40 -15.02
C GLY A 35 -13.02 2.25 -15.87
N ALA A 36 -12.14 2.55 -16.80
CA ALA A 36 -11.68 1.57 -17.77
C ALA A 36 -10.66 0.62 -17.14
N ILE A 37 -10.14 0.99 -15.97
CA ILE A 37 -9.28 0.08 -15.21
C ILE A 37 -10.09 -1.15 -14.80
N ILE A 38 -11.35 -0.93 -14.43
CA ILE A 38 -12.26 -2.01 -14.06
C ILE A 38 -12.50 -2.98 -15.24
N GLY A 39 -12.87 -2.44 -16.39
CA GLY A 39 -12.92 -3.26 -17.60
C GLY A 39 -14.29 -3.83 -17.94
N LYS A 40 -14.85 -3.32 -19.03
CA LYS A 40 -16.11 -3.83 -19.63
C LYS A 40 -17.30 -3.74 -18.68
N LYS A 41 -17.52 -4.79 -17.90
CA LYS A 41 -18.66 -4.85 -17.01
C LYS A 41 -18.23 -5.23 -15.60
N GLY A 42 -16.97 -4.97 -15.28
CA GLY A 42 -16.44 -5.37 -14.00
C GLY A 42 -16.00 -6.82 -14.01
N GLN A 43 -15.62 -7.28 -15.20
CA GLN A 43 -15.20 -8.66 -15.39
C GLN A 43 -13.70 -8.78 -15.17
N HIS A 44 -12.96 -7.87 -15.81
CA HIS A 44 -11.50 -7.94 -15.81
C HIS A 44 -10.93 -7.61 -14.44
N ILE A 45 -11.60 -6.73 -13.72
CA ILE A 45 -11.19 -6.35 -12.36
C ILE A 45 -11.20 -7.56 -11.43
N LYS A 46 -12.26 -8.36 -11.52
CA LYS A 46 -12.40 -9.51 -10.64
C LYS A 46 -11.59 -10.69 -11.17
N GLN A 47 -11.46 -10.75 -12.49
CA GLN A 47 -10.59 -11.72 -13.12
C GLN A 47 -9.15 -11.46 -12.68
N LEU A 48 -8.84 -10.18 -12.48
CA LEU A 48 -7.55 -9.78 -11.96
C LEU A 48 -7.38 -10.34 -10.55
N SER A 49 -8.40 -10.14 -9.72
CA SER A 49 -8.37 -10.61 -8.34
C SER A 49 -8.11 -12.12 -8.30
N ARG A 50 -8.73 -12.87 -9.20
CA ARG A 50 -8.59 -14.32 -9.22
C ARG A 50 -7.27 -14.77 -9.86
N PHE A 51 -6.84 -14.12 -10.93
CA PHE A 51 -5.61 -14.54 -11.61
C PHE A 51 -4.39 -14.11 -10.79
N ALA A 52 -4.52 -13.00 -10.07
CA ALA A 52 -3.40 -12.48 -9.30
C ALA A 52 -3.31 -13.15 -7.93
N SER A 53 -4.36 -13.87 -7.56
CA SER A 53 -4.44 -14.56 -6.27
C SER A 53 -4.48 -13.55 -5.11
N ALA A 54 -5.06 -12.38 -5.37
CA ALA A 54 -5.09 -11.31 -4.38
C ALA A 54 -6.48 -10.70 -4.31
N SER A 55 -6.72 -9.90 -3.28
CA SER A 55 -8.00 -9.25 -3.11
C SER A 55 -7.98 -7.86 -3.74
N ILE A 56 -8.69 -7.73 -4.86
CA ILE A 56 -8.75 -6.46 -5.58
C ILE A 56 -10.15 -5.87 -5.46
N LYS A 57 -10.25 -4.72 -4.80
CA LYS A 57 -11.52 -4.02 -4.64
C LYS A 57 -11.34 -2.53 -4.85
N ILE A 58 -12.24 -1.91 -5.61
CA ILE A 58 -12.18 -0.47 -5.82
C ILE A 58 -12.78 0.26 -4.62
N ALA A 59 -11.99 1.16 -4.04
CA ALA A 59 -12.39 1.89 -2.87
C ALA A 59 -13.11 3.18 -3.26
N PRO A 60 -14.29 3.43 -2.69
CA PRO A 60 -15.05 4.67 -2.91
C PRO A 60 -14.26 5.91 -2.50
N PRO A 61 -14.36 6.99 -3.28
CA PRO A 61 -13.65 8.24 -3.01
C PRO A 61 -14.17 8.93 -1.75
N GLU A 62 -13.36 9.81 -1.19
CA GLU A 62 -13.72 10.54 0.02
C GLU A 62 -14.53 11.77 -0.35
N THR A 63 -14.05 12.50 -1.33
CA THR A 63 -14.69 13.72 -1.77
C THR A 63 -14.88 13.72 -3.30
N PRO A 64 -16.04 14.19 -3.77
CA PRO A 64 -16.37 14.23 -5.21
C PRO A 64 -15.51 15.21 -5.99
N ASP A 65 -14.74 16.01 -5.27
CA ASP A 65 -13.83 16.97 -5.89
C ASP A 65 -12.49 16.32 -6.19
N SER A 66 -12.35 15.07 -5.78
CA SER A 66 -11.14 14.32 -6.02
C SER A 66 -11.26 13.62 -7.37
N LYS A 67 -10.39 14.01 -8.30
CA LYS A 67 -10.42 13.50 -9.67
C LYS A 67 -9.78 12.10 -9.74
N VAL A 68 -9.94 11.34 -8.68
CA VAL A 68 -9.33 10.03 -8.56
C VAL A 68 -10.22 9.07 -7.79
N ARG A 69 -10.05 7.79 -8.04
CA ARG A 69 -10.68 6.76 -7.24
C ARG A 69 -9.58 5.78 -6.87
N MET A 70 -9.47 5.47 -5.60
CA MET A 70 -8.37 4.64 -5.13
C MET A 70 -8.78 3.19 -5.05
N VAL A 71 -7.95 2.30 -5.54
CA VAL A 71 -8.22 0.88 -5.46
C VAL A 71 -7.43 0.26 -4.31
N VAL A 72 -8.07 -0.66 -3.59
CA VAL A 72 -7.42 -1.34 -2.48
C VAL A 72 -6.98 -2.72 -2.90
N ILE A 73 -5.69 -2.98 -2.81
CA ILE A 73 -5.16 -4.29 -3.12
C ILE A 73 -4.58 -4.94 -1.87
N THR A 74 -5.03 -6.14 -1.59
CA THR A 74 -4.57 -6.91 -0.45
C THR A 74 -4.06 -8.26 -0.92
N GLY A 75 -2.77 -8.50 -0.79
CA GLY A 75 -2.22 -9.75 -1.24
C GLY A 75 -0.83 -10.01 -0.73
N PRO A 76 -0.40 -11.26 -0.76
CA PRO A 76 0.99 -11.62 -0.51
C PRO A 76 1.88 -11.15 -1.67
N PRO A 77 3.16 -10.90 -1.37
CA PRO A 77 4.14 -10.36 -2.32
C PRO A 77 4.03 -10.90 -3.75
N GLU A 78 3.99 -12.22 -3.90
CA GLU A 78 3.94 -12.83 -5.24
C GLU A 78 2.62 -12.52 -5.94
N ALA A 79 1.55 -12.46 -5.15
CA ALA A 79 0.22 -12.20 -5.68
C ALA A 79 0.07 -10.73 -6.09
N GLN A 80 0.46 -9.86 -5.18
CA GLN A 80 0.36 -8.42 -5.39
C GLN A 80 1.25 -7.98 -6.55
N PHE A 81 2.37 -8.68 -6.72
CA PHE A 81 3.35 -8.34 -7.75
C PHE A 81 2.70 -8.28 -9.14
N LYS A 82 2.02 -9.34 -9.53
CA LYS A 82 1.39 -9.40 -10.84
C LYS A 82 0.15 -8.49 -10.90
N ALA A 83 -0.54 -8.38 -9.77
CA ALA A 83 -1.72 -7.51 -9.68
C ALA A 83 -1.36 -6.07 -10.03
N GLN A 84 -0.34 -5.52 -9.36
CA GLN A 84 0.06 -4.15 -9.59
C GLN A 84 0.77 -4.00 -10.93
N GLY A 85 1.47 -5.05 -11.36
CA GLY A 85 2.13 -5.03 -12.65
C GLY A 85 1.16 -4.69 -13.76
N ARG A 86 -0.03 -5.26 -13.71
CA ARG A 86 -1.07 -4.98 -14.70
C ARG A 86 -1.81 -3.68 -14.39
N ILE A 87 -1.90 -3.31 -13.12
CA ILE A 87 -2.66 -2.13 -12.73
C ILE A 87 -2.01 -0.85 -13.31
N TYR A 88 -0.68 -0.77 -13.27
CA TYR A 88 0.04 0.35 -13.87
C TYR A 88 -0.11 0.33 -15.38
N GLY A 89 -0.22 -0.87 -15.92
CA GLY A 89 -0.44 -1.04 -17.34
C GLY A 89 -1.76 -0.46 -17.78
N LYS A 90 -2.74 -0.44 -16.88
CA LYS A 90 -4.02 0.12 -17.19
C LYS A 90 -3.97 1.65 -17.14
N LEU A 91 -2.98 2.19 -16.44
CA LEU A 91 -2.68 3.61 -16.55
C LEU A 91 -2.16 3.93 -17.95
N LYS A 92 -1.46 2.97 -18.54
CA LYS A 92 -0.97 3.11 -19.90
C LYS A 92 -2.12 2.91 -20.90
N GLU A 93 -3.16 2.22 -20.44
CA GLU A 93 -4.33 1.93 -21.26
C GLU A 93 -5.03 3.22 -21.69
N GLU A 94 -5.00 4.23 -20.83
CA GLU A 94 -5.60 5.51 -21.13
C GLU A 94 -4.57 6.42 -21.84
N ASN A 95 -3.37 5.86 -22.00
CA ASN A 95 -2.26 6.53 -22.69
C ASN A 95 -1.80 7.77 -21.93
N PHE A 96 -1.95 7.75 -20.61
CA PHE A 96 -1.51 8.87 -19.77
C PHE A 96 0.00 9.02 -19.82
N PHE A 97 0.71 7.93 -19.58
CA PHE A 97 2.17 7.96 -19.44
C PHE A 97 2.84 7.38 -20.67
N GLY A 98 2.22 7.61 -21.83
CA GLY A 98 2.78 7.14 -23.09
C GLY A 98 3.02 5.63 -23.13
N PRO A 99 3.66 5.13 -24.19
CA PRO A 99 4.04 3.73 -24.30
C PRO A 99 5.39 3.45 -23.64
N LYS A 100 6.44 4.02 -24.21
CA LYS A 100 7.81 3.79 -23.72
C LYS A 100 8.07 4.59 -22.45
N GLU A 101 7.35 5.71 -22.31
CA GLU A 101 7.51 6.59 -21.17
C GLU A 101 7.25 5.83 -19.87
N GLU A 102 8.12 6.01 -18.89
CA GLU A 102 8.01 5.31 -17.62
C GLU A 102 6.70 5.66 -16.93
N VAL A 103 5.95 4.64 -16.51
CA VAL A 103 4.74 4.88 -15.75
C VAL A 103 5.10 5.50 -14.41
N LYS A 104 4.55 6.66 -14.15
CA LYS A 104 4.71 7.31 -12.88
C LYS A 104 3.35 7.43 -12.21
N LEU A 105 2.98 6.40 -11.48
CA LEU A 105 1.66 6.35 -10.92
C LEU A 105 1.73 6.48 -9.41
N GLU A 106 0.99 7.45 -8.90
CA GLU A 106 0.97 7.74 -7.49
C GLU A 106 0.35 6.59 -6.72
N THR A 107 1.13 6.00 -5.83
CA THR A 107 0.65 4.92 -5.02
C THR A 107 0.52 5.38 -3.57
N HIS A 108 -0.58 5.02 -2.92
CA HIS A 108 -0.85 5.52 -1.58
C HIS A 108 -0.66 4.42 -0.55
N ILE A 109 0.26 4.64 0.36
CA ILE A 109 0.47 3.72 1.45
C ILE A 109 0.03 4.37 2.76
N ARG A 110 -1.04 3.83 3.33
CA ARG A 110 -1.57 4.36 4.56
C ARG A 110 -0.70 3.88 5.72
N VAL A 111 -0.08 4.81 6.42
CA VAL A 111 0.83 4.47 7.51
C VAL A 111 0.28 5.01 8.83
N PRO A 112 0.59 4.34 9.95
CA PRO A 112 0.21 4.80 11.28
C PRO A 112 0.58 6.27 11.49
N ALA A 113 -0.10 6.94 12.40
CA ALA A 113 0.06 8.39 12.55
C ALA A 113 1.53 8.77 12.72
N SER A 114 2.19 8.10 13.64
CA SER A 114 3.59 8.39 13.96
C SER A 114 4.54 7.78 12.92
N ALA A 115 4.01 6.97 12.01
CA ALA A 115 4.85 6.27 11.04
C ALA A 115 5.35 7.21 9.95
N ALA A 116 4.58 8.24 9.64
CA ALA A 116 4.98 9.20 8.62
C ALA A 116 6.22 9.97 9.05
N GLY A 117 6.30 10.28 10.34
CA GLY A 117 7.46 10.99 10.85
C GLY A 117 8.69 10.12 10.86
N ARG A 118 8.49 8.81 10.97
CA ARG A 118 9.59 7.87 11.03
C ARG A 118 9.95 7.35 9.64
N VAL A 119 9.04 7.49 8.69
CA VAL A 119 9.33 7.11 7.31
C VAL A 119 10.22 8.18 6.67
N ILE A 120 10.07 9.42 7.13
CA ILE A 120 10.99 10.48 6.76
C ILE A 120 12.36 10.16 7.34
N GLY A 121 12.35 9.66 8.57
CA GLY A 121 13.57 9.19 9.18
C GLY A 121 13.94 9.96 10.42
N ASP A 122 15.06 9.58 11.02
CA ASP A 122 15.60 10.24 12.22
C ASP A 122 15.50 11.77 12.12
N ASP A 123 16.36 12.36 11.30
CA ASP A 123 16.25 13.77 10.98
C ASP A 123 15.86 13.91 9.52
N GLY A 124 15.18 12.89 9.01
CA GLY A 124 14.80 12.88 7.62
C GLY A 124 15.86 12.26 6.73
N LYS A 125 16.73 11.46 7.33
CA LYS A 125 17.80 10.80 6.59
C LYS A 125 17.29 9.51 5.94
N THR A 126 16.36 8.86 6.60
CA THR A 126 15.85 7.56 6.15
C THR A 126 15.13 7.67 4.81
N VAL A 127 14.39 8.76 4.61
CA VAL A 127 13.65 8.96 3.36
C VAL A 127 14.59 9.05 2.17
N ASN A 128 15.77 9.62 2.39
CA ASN A 128 16.79 9.71 1.35
C ASN A 128 17.26 8.31 0.98
N GLU A 129 17.48 7.49 2.00
CA GLU A 129 17.88 6.11 1.79
C GLU A 129 16.78 5.34 1.06
N LEU A 130 15.53 5.59 1.44
CA LEU A 130 14.39 4.93 0.83
C LEU A 130 14.35 5.18 -0.68
N GLN A 131 14.45 6.45 -1.07
CA GLN A 131 14.38 6.81 -2.47
C GLN A 131 15.59 6.30 -3.23
N ASN A 132 16.74 6.32 -2.55
CA ASN A 132 17.99 5.84 -3.14
C ASN A 132 17.96 4.33 -3.37
N LEU A 133 17.33 3.61 -2.46
CA LEU A 133 17.31 2.15 -2.52
C LEU A 133 16.18 1.65 -3.43
N THR A 134 14.98 2.19 -3.24
CA THR A 134 13.81 1.70 -3.94
C THR A 134 13.72 2.22 -5.37
N ALA A 135 14.42 3.34 -5.63
CA ALA A 135 14.35 4.03 -6.91
C ALA A 135 12.97 4.62 -7.14
N ALA A 136 12.23 4.80 -6.04
CA ALA A 136 10.91 5.40 -6.08
C ALA A 136 10.89 6.66 -5.22
N GLU A 137 9.87 7.49 -5.41
CA GLU A 137 9.75 8.73 -4.67
C GLU A 137 8.76 8.59 -3.53
N VAL A 138 9.28 8.66 -2.32
CA VAL A 138 8.50 8.51 -1.12
C VAL A 138 8.29 9.88 -0.46
N VAL A 139 7.08 10.41 -0.57
CA VAL A 139 6.77 11.71 0.02
C VAL A 139 5.53 11.65 0.90
N VAL A 140 5.63 12.17 2.10
CA VAL A 140 4.51 12.21 3.03
C VAL A 140 4.28 13.65 3.50
N PRO A 141 3.01 14.11 3.45
CA PRO A 141 2.67 15.47 3.88
C PRO A 141 2.97 15.70 5.35
N ARG A 142 3.82 16.68 5.62
CA ARG A 142 4.29 16.94 6.98
C ARG A 142 3.27 17.78 7.74
N ASP A 143 2.07 17.84 7.18
CA ASP A 143 0.96 18.55 7.80
C ASP A 143 -0.16 17.57 8.08
N GLN A 144 0.06 16.31 7.70
CA GLN A 144 -0.97 15.29 7.77
C GLN A 144 -0.83 14.44 9.03
N THR A 145 -1.81 14.54 9.91
CA THR A 145 -1.86 13.74 11.12
C THR A 145 -3.17 13.98 11.88
N PRO A 146 -4.30 13.48 11.33
CA PRO A 146 -5.60 13.68 11.95
C PRO A 146 -5.99 12.53 12.89
N ASP A 147 -6.67 12.88 13.97
CA ASP A 147 -7.12 11.91 14.96
C ASP A 147 -8.23 11.05 14.37
N GLU A 148 -8.80 11.55 13.28
CA GLU A 148 -9.91 10.90 12.59
C GLU A 148 -9.62 9.44 12.26
N ASN A 149 -8.45 9.18 11.69
CA ASN A 149 -8.11 7.84 11.25
C ASN A 149 -6.86 7.33 11.95
N GLU A 150 -6.20 8.25 12.67
CA GLU A 150 -4.90 8.00 13.33
C GLU A 150 -3.91 7.31 12.38
N GLN A 151 -4.09 7.60 11.10
CA GLN A 151 -3.32 6.96 10.06
C GLN A 151 -3.29 7.86 8.82
N VAL A 152 -2.09 8.12 8.31
CA VAL A 152 -1.89 9.10 7.25
C VAL A 152 -1.42 8.43 5.96
N ILE A 153 -1.16 9.25 4.94
CA ILE A 153 -0.83 8.72 3.62
C ILE A 153 0.54 9.19 3.13
N VAL A 154 1.33 8.24 2.64
CA VAL A 154 2.56 8.54 1.92
C VAL A 154 2.34 8.22 0.44
N LYS A 155 2.87 9.06 -0.44
CA LYS A 155 2.73 8.81 -1.86
C LYS A 155 4.04 8.30 -2.43
N ILE A 156 3.97 7.12 -3.04
CA ILE A 156 5.12 6.56 -3.74
C ILE A 156 4.93 6.75 -5.24
N ILE A 157 5.76 7.58 -5.83
CA ILE A 157 5.70 7.85 -7.26
C ILE A 157 6.81 7.11 -7.98
N GLY A 158 6.45 6.39 -9.03
CA GLY A 158 7.44 5.65 -9.79
C GLY A 158 6.83 4.56 -10.63
N HIS A 159 7.70 3.74 -11.23
CA HIS A 159 7.25 2.64 -12.07
C HIS A 159 7.02 1.39 -11.22
N PHE A 160 6.14 0.52 -11.70
CA PHE A 160 5.58 -0.57 -10.90
C PHE A 160 6.62 -1.42 -10.16
N TYR A 161 7.68 -1.85 -10.84
CA TYR A 161 8.69 -2.69 -10.19
C TYR A 161 9.32 -1.98 -8.99
N ALA A 162 9.74 -0.75 -9.20
CA ALA A 162 10.34 0.04 -8.14
C ALA A 162 9.32 0.36 -7.05
N SER A 163 8.12 0.72 -7.49
CA SER A 163 7.06 1.10 -6.58
C SER A 163 6.65 -0.04 -5.67
N GLN A 164 6.38 -1.22 -6.26
CA GLN A 164 5.93 -2.38 -5.48
C GLN A 164 6.97 -2.77 -4.43
N MET A 165 8.25 -2.61 -4.76
CA MET A 165 9.30 -2.90 -3.80
C MET A 165 9.38 -1.81 -2.73
N ALA A 166 9.09 -0.57 -3.13
CA ALA A 166 9.11 0.56 -2.21
C ALA A 166 7.98 0.49 -1.21
N GLN A 167 6.79 0.14 -1.70
CA GLN A 167 5.59 0.06 -0.87
C GLN A 167 5.84 -0.81 0.35
N ARG A 168 6.32 -2.02 0.11
CA ARG A 168 6.64 -2.95 1.19
C ARG A 168 7.88 -2.50 1.96
N LYS A 169 8.77 -1.76 1.31
CA LYS A 169 9.99 -1.32 1.99
C LYS A 169 9.64 -0.32 3.08
N ILE A 170 8.66 0.53 2.80
CA ILE A 170 8.14 1.45 3.79
C ILE A 170 7.24 0.69 4.78
N ARG A 171 6.45 -0.25 4.24
CA ARG A 171 5.68 -1.17 5.05
C ARG A 171 6.58 -1.88 6.09
N ASP A 172 7.87 -2.02 5.76
CA ASP A 172 8.85 -2.64 6.66
C ASP A 172 9.11 -1.77 7.88
N ILE A 173 9.52 -0.51 7.64
CA ILE A 173 9.92 0.39 8.72
C ILE A 173 8.72 0.74 9.61
N LEU A 174 7.52 0.53 9.09
CA LEU A 174 6.31 0.73 9.87
C LEU A 174 6.21 -0.30 10.99
N ALA A 175 6.71 -1.50 10.74
CA ALA A 175 6.70 -2.55 11.75
C ALA A 175 7.60 -2.17 12.92
N GLN A 176 8.65 -1.42 12.62
CA GLN A 176 9.55 -0.91 13.65
C GLN A 176 8.84 0.15 14.48
N VAL A 177 7.96 0.91 13.84
CA VAL A 177 7.14 1.90 14.52
C VAL A 177 6.18 1.21 15.48
N LYS A 178 5.53 0.16 14.99
CA LYS A 178 4.60 -0.62 15.79
C LYS A 178 5.29 -1.25 16.98
N GLN A 179 6.51 -1.75 16.75
CA GLN A 179 7.29 -2.40 17.80
C GLN A 179 7.55 -1.43 18.95
N GLN A 180 7.96 -0.22 18.62
CA GLN A 180 8.28 0.78 19.64
C GLN A 180 7.00 1.30 20.28
N HIS A 181 5.94 1.41 19.49
CA HIS A 181 4.69 1.98 19.94
C HIS A 181 3.94 1.00 20.86
N GLN A 182 3.72 -0.22 20.40
CA GLN A 182 2.94 -1.19 21.17
C GLN A 182 3.72 -1.71 22.37
N LYS A 183 4.95 -2.17 22.12
CA LYS A 183 5.82 -2.75 23.14
C LYS A 183 5.29 -4.11 23.62
N GLY A 184 4.11 -4.11 24.20
CA GLY A 184 3.53 -5.34 24.69
C GLY A 184 2.49 -5.09 25.77
N GLN A 185 2.90 -5.28 27.01
CA GLN A 185 2.01 -5.09 28.14
C GLN A 185 2.69 -4.26 29.21
N SER A 186 2.70 -2.95 29.01
CA SER A 186 3.35 -2.04 29.93
C SER A 186 2.32 -1.34 30.82
N GLY A 187 2.36 -1.64 32.11
CA GLY A 187 1.50 -0.96 33.06
C GLY A 187 0.57 -1.89 33.81
N GLN A 188 0.64 -1.83 35.14
CA GLN A 188 -0.26 -2.58 36.03
C GLN A 188 -0.34 -4.05 35.66
N LEU A 189 0.74 -4.78 35.95
CA LEU A 189 0.78 -6.21 35.70
C LEU A 189 0.14 -6.95 36.87
N GLN A 190 -1.12 -7.34 36.70
CA GLN A 190 -1.87 -7.96 37.77
C GLN A 190 -2.37 -9.34 37.34
N ALA A 191 -3.05 -9.38 36.20
CA ALA A 191 -3.62 -10.62 35.68
C ALA A 191 -4.02 -10.45 34.22
N GLY A 1 33.15 -12.08 20.27
CA GLY A 1 33.69 -13.36 19.76
C GLY A 1 32.60 -14.23 19.17
N ALA A 2 32.35 -14.08 17.89
CA ALA A 2 31.28 -14.80 17.23
C ALA A 2 31.75 -16.17 16.76
N MET A 3 31.70 -17.14 17.66
CA MET A 3 32.04 -18.51 17.33
C MET A 3 30.79 -19.28 16.92
N GLY A 4 29.64 -18.72 17.24
CA GLY A 4 28.38 -19.32 16.87
C GLY A 4 27.89 -18.83 15.52
N PRO A 5 26.75 -19.35 15.05
CA PRO A 5 26.21 -18.98 13.74
C PRO A 5 25.60 -17.58 13.70
N SER A 6 25.48 -17.03 12.50
CA SER A 6 24.88 -15.73 12.32
C SER A 6 23.93 -15.75 11.12
N SER A 7 22.69 -16.14 11.37
CA SER A 7 21.71 -16.34 10.32
C SER A 7 21.16 -14.99 9.81
N VAL A 8 21.33 -13.94 10.60
CA VAL A 8 20.80 -12.62 10.25
C VAL A 8 21.67 -11.95 9.17
N SER A 9 22.46 -12.75 8.47
CA SER A 9 23.27 -12.27 7.37
C SER A 9 23.10 -13.18 6.15
N GLY A 10 21.91 -13.76 6.03
CA GLY A 10 21.63 -14.62 4.90
C GLY A 10 20.25 -15.26 4.98
N ALA A 11 19.95 -15.86 6.13
CA ALA A 11 18.67 -16.54 6.31
C ALA A 11 17.58 -15.55 6.68
N ALA A 12 17.00 -14.93 5.66
CA ALA A 12 15.91 -13.99 5.86
C ALA A 12 14.57 -14.65 5.53
N PRO A 13 13.77 -14.96 6.56
CA PRO A 13 12.47 -15.64 6.39
C PRO A 13 11.51 -14.89 5.49
N PHE A 14 10.80 -15.63 4.66
CA PHE A 14 9.84 -15.07 3.73
C PHE A 14 8.54 -15.88 3.75
N SER A 15 8.08 -16.17 4.96
CA SER A 15 6.95 -17.07 5.17
C SER A 15 5.61 -16.38 4.90
N SER A 16 5.54 -15.66 3.79
CA SER A 16 4.30 -15.01 3.37
C SER A 16 3.38 -16.01 2.69
N PHE A 17 2.98 -17.04 3.43
CA PHE A 17 2.17 -18.11 2.89
C PHE A 17 0.88 -18.25 3.69
N MET A 18 1.02 -18.75 4.92
CA MET A 18 -0.13 -18.91 5.81
C MET A 18 -0.37 -17.64 6.65
N PRO A 19 0.67 -17.08 7.31
CA PRO A 19 0.53 -15.82 8.07
C PRO A 19 -0.14 -14.72 7.26
N PRO A 20 -0.97 -13.90 7.91
CA PRO A 20 -1.75 -12.85 7.26
C PRO A 20 -0.90 -11.64 6.85
N GLU A 21 0.11 -11.89 6.01
CA GLU A 21 0.93 -10.81 5.48
C GLU A 21 0.30 -10.27 4.19
N GLN A 22 -1.02 -10.21 4.18
CA GLN A 22 -1.77 -9.66 3.06
C GLN A 22 -1.91 -8.16 3.22
N GLU A 23 -1.04 -7.44 2.54
CA GLU A 23 -0.97 -6.01 2.69
C GLU A 23 -2.06 -5.32 1.87
N THR A 24 -2.54 -4.19 2.39
CA THR A 24 -3.59 -3.43 1.72
C THR A 24 -3.07 -2.06 1.31
N VAL A 25 -2.85 -1.89 0.01
CA VAL A 25 -2.32 -0.66 -0.53
C VAL A 25 -3.34 -0.04 -1.51
N HIS A 26 -3.34 1.28 -1.62
CA HIS A 26 -4.33 1.98 -2.44
C HIS A 26 -3.67 2.61 -3.67
N VAL A 27 -4.18 2.29 -4.85
CA VAL A 27 -3.64 2.81 -6.08
C VAL A 27 -4.40 4.07 -6.51
N PHE A 28 -3.68 5.06 -7.00
CA PHE A 28 -4.25 6.34 -7.36
C PHE A 28 -4.41 6.45 -8.87
N ILE A 29 -5.63 6.33 -9.36
CA ILE A 29 -5.89 6.43 -10.79
C ILE A 29 -7.04 7.41 -11.08
N PRO A 30 -6.75 8.44 -11.90
CA PRO A 30 -7.73 9.46 -12.28
C PRO A 30 -9.02 8.86 -12.86
N ALA A 31 -10.12 9.58 -12.61
CA ALA A 31 -11.47 9.12 -12.94
C ALA A 31 -11.62 8.78 -14.42
N GLN A 32 -10.78 9.38 -15.26
CA GLN A 32 -10.84 9.14 -16.69
C GLN A 32 -10.46 7.70 -17.03
N ALA A 33 -9.61 7.09 -16.20
CA ALA A 33 -9.13 5.76 -16.49
C ALA A 33 -9.73 4.73 -15.55
N VAL A 34 -10.02 5.14 -14.31
CA VAL A 34 -10.52 4.20 -13.30
C VAL A 34 -11.73 3.42 -13.81
N GLY A 35 -12.51 4.08 -14.65
CA GLY A 35 -13.67 3.44 -15.22
C GLY A 35 -13.30 2.22 -16.01
N ALA A 36 -12.43 2.39 -16.98
CA ALA A 36 -12.07 1.31 -17.86
C ALA A 36 -11.10 0.35 -17.20
N ILE A 37 -10.51 0.77 -16.08
CA ILE A 37 -9.60 -0.08 -15.31
C ILE A 37 -10.37 -1.23 -14.70
N ILE A 38 -11.60 -0.96 -14.26
CA ILE A 38 -12.49 -2.02 -13.76
C ILE A 38 -12.78 -3.03 -14.86
N GLY A 39 -12.81 -2.55 -16.10
CA GLY A 39 -13.07 -3.43 -17.23
C GLY A 39 -14.54 -3.50 -17.55
N LYS A 40 -14.86 -3.79 -18.81
CA LYS A 40 -16.23 -3.78 -19.26
C LYS A 40 -17.00 -4.89 -18.57
N LYS A 41 -18.16 -4.51 -18.05
CA LYS A 41 -19.09 -5.38 -17.34
C LYS A 41 -18.59 -5.74 -15.93
N GLY A 42 -17.46 -5.15 -15.54
CA GLY A 42 -16.91 -5.36 -14.21
C GLY A 42 -16.55 -6.81 -13.92
N GLN A 43 -16.01 -7.52 -14.90
CA GLN A 43 -15.56 -8.90 -14.67
C GLN A 43 -14.04 -8.98 -14.70
N HIS A 44 -13.41 -8.20 -15.59
CA HIS A 44 -11.96 -8.21 -15.70
C HIS A 44 -11.32 -7.90 -14.35
N ILE A 45 -11.93 -6.95 -13.67
CA ILE A 45 -11.52 -6.55 -12.33
C ILE A 45 -11.54 -7.72 -11.34
N LYS A 46 -12.58 -8.54 -11.40
CA LYS A 46 -12.76 -9.59 -10.41
C LYS A 46 -11.92 -10.80 -10.77
N GLN A 47 -11.69 -10.99 -12.06
CA GLN A 47 -10.77 -12.02 -12.54
C GLN A 47 -9.39 -11.76 -11.98
N LEU A 48 -9.01 -10.47 -11.97
CA LEU A 48 -7.76 -10.01 -11.39
C LEU A 48 -7.58 -10.58 -9.99
N SER A 49 -8.63 -10.47 -9.20
CA SER A 49 -8.62 -10.90 -7.80
C SER A 49 -8.35 -12.40 -7.68
N ARG A 50 -8.88 -13.18 -8.61
CA ARG A 50 -8.89 -14.62 -8.48
C ARG A 50 -7.54 -15.26 -8.81
N PHE A 51 -6.88 -14.79 -9.86
CA PHE A 51 -5.60 -15.41 -10.24
C PHE A 51 -4.45 -14.92 -9.36
N ALA A 52 -4.66 -13.82 -8.66
CA ALA A 52 -3.64 -13.26 -7.79
C ALA A 52 -3.79 -13.76 -6.35
N SER A 53 -4.97 -14.29 -6.05
CA SER A 53 -5.31 -14.77 -4.71
C SER A 53 -5.40 -13.59 -3.73
N ALA A 54 -5.45 -12.39 -4.28
CA ALA A 54 -5.51 -11.18 -3.49
C ALA A 54 -6.90 -10.56 -3.60
N SER A 55 -7.30 -9.82 -2.59
CA SER A 55 -8.60 -9.19 -2.58
C SER A 55 -8.58 -7.91 -3.42
N ILE A 56 -9.13 -8.01 -4.63
CA ILE A 56 -9.18 -6.88 -5.54
C ILE A 56 -10.51 -6.14 -5.38
N LYS A 57 -10.42 -4.88 -4.98
CA LYS A 57 -11.60 -4.08 -4.69
C LYS A 57 -11.36 -2.63 -5.10
N ILE A 58 -12.41 -1.91 -5.46
CA ILE A 58 -12.28 -0.51 -5.85
C ILE A 58 -12.72 0.39 -4.71
N ALA A 59 -11.88 1.35 -4.36
CA ALA A 59 -12.15 2.27 -3.26
C ALA A 59 -12.75 3.57 -3.79
N PRO A 60 -14.06 3.78 -3.54
CA PRO A 60 -14.78 4.98 -3.97
C PRO A 60 -14.32 6.24 -3.23
N PRO A 61 -14.32 7.39 -3.92
CA PRO A 61 -13.92 8.66 -3.32
C PRO A 61 -15.08 9.34 -2.57
N GLU A 62 -14.75 9.95 -1.45
CA GLU A 62 -15.73 10.61 -0.59
C GLU A 62 -16.31 11.85 -1.27
N THR A 63 -15.55 12.43 -2.17
CA THR A 63 -15.97 13.63 -2.88
C THR A 63 -16.43 13.28 -4.29
N PRO A 64 -17.61 13.82 -4.69
CA PRO A 64 -18.20 13.58 -6.01
C PRO A 64 -17.40 14.24 -7.13
N ASP A 65 -16.61 15.25 -6.76
CA ASP A 65 -15.82 16.00 -7.72
C ASP A 65 -14.37 15.52 -7.73
N SER A 66 -14.13 14.34 -7.18
CA SER A 66 -12.79 13.79 -7.11
C SER A 66 -12.27 13.49 -8.52
N LYS A 67 -11.03 13.88 -8.77
CA LYS A 67 -10.39 13.69 -10.07
C LYS A 67 -9.86 12.26 -10.20
N VAL A 68 -9.86 11.54 -9.08
CA VAL A 68 -9.22 10.24 -9.01
C VAL A 68 -9.98 9.29 -8.09
N ARG A 69 -9.91 8.00 -8.39
CA ARG A 69 -10.53 6.98 -7.56
C ARG A 69 -9.47 5.95 -7.22
N MET A 70 -9.59 5.29 -6.09
CA MET A 70 -8.53 4.40 -5.64
C MET A 70 -8.84 2.94 -5.93
N VAL A 71 -7.81 2.17 -6.16
CA VAL A 71 -7.91 0.72 -6.20
C VAL A 71 -7.32 0.16 -4.92
N VAL A 72 -8.12 -0.56 -4.16
CA VAL A 72 -7.66 -1.07 -2.89
C VAL A 72 -7.48 -2.58 -2.97
N ILE A 73 -6.24 -3.01 -2.81
CA ILE A 73 -5.91 -4.42 -2.93
C ILE A 73 -5.30 -4.97 -1.64
N THR A 74 -5.67 -6.19 -1.30
CA THR A 74 -5.15 -6.86 -0.14
C THR A 74 -4.53 -8.20 -0.54
N GLY A 75 -3.21 -8.29 -0.50
CA GLY A 75 -2.55 -9.50 -0.95
C GLY A 75 -1.11 -9.60 -0.49
N PRO A 76 -0.54 -10.81 -0.54
CA PRO A 76 0.87 -11.05 -0.20
C PRO A 76 1.81 -10.35 -1.18
N PRO A 77 2.92 -9.82 -0.65
CA PRO A 77 3.91 -9.00 -1.38
C PRO A 77 4.33 -9.56 -2.76
N GLU A 78 4.42 -10.86 -2.89
CA GLU A 78 4.77 -11.48 -4.17
C GLU A 78 3.62 -11.26 -5.17
N ALA A 79 2.40 -11.53 -4.72
CA ALA A 79 1.21 -11.37 -5.55
C ALA A 79 0.94 -9.89 -5.81
N GLN A 80 1.47 -9.02 -4.93
CA GLN A 80 1.34 -7.58 -5.09
C GLN A 80 1.82 -7.15 -6.47
N PHE A 81 3.03 -7.57 -6.83
CA PHE A 81 3.60 -7.21 -8.12
C PHE A 81 2.82 -7.84 -9.27
N LYS A 82 2.29 -9.03 -9.03
CA LYS A 82 1.51 -9.74 -10.03
C LYS A 82 0.28 -8.92 -10.41
N ALA A 83 -0.49 -8.54 -9.41
CA ALA A 83 -1.71 -7.76 -9.62
C ALA A 83 -1.41 -6.33 -10.05
N GLN A 84 -0.59 -5.64 -9.25
CA GLN A 84 -0.31 -4.23 -9.47
C GLN A 84 0.51 -4.00 -10.73
N GLY A 85 1.35 -4.95 -11.09
CA GLY A 85 2.14 -4.83 -12.31
C GLY A 85 1.25 -4.66 -13.53
N ARG A 86 0.08 -5.28 -13.50
CA ARG A 86 -0.88 -5.19 -14.58
C ARG A 86 -1.66 -3.87 -14.52
N ILE A 87 -1.79 -3.32 -13.32
CA ILE A 87 -2.56 -2.09 -13.13
C ILE A 87 -1.88 -0.92 -13.83
N TYR A 88 -0.55 -0.89 -13.84
CA TYR A 88 0.17 0.15 -14.56
C TYR A 88 -0.02 0.01 -16.05
N GLY A 89 -0.12 -1.24 -16.51
CA GLY A 89 -0.38 -1.52 -17.90
C GLY A 89 -1.73 -0.97 -18.33
N LYS A 90 -2.66 -0.93 -17.39
CA LYS A 90 -3.98 -0.34 -17.62
C LYS A 90 -3.84 1.12 -18.00
N LEU A 91 -3.14 1.89 -17.17
CA LEU A 91 -2.91 3.30 -17.43
C LEU A 91 -2.15 3.53 -18.74
N LYS A 92 -1.17 2.67 -19.01
CA LYS A 92 -0.46 2.72 -20.28
C LYS A 92 -1.40 2.47 -21.45
N GLU A 93 -2.30 1.51 -21.26
CA GLU A 93 -3.22 1.11 -22.32
C GLU A 93 -4.27 2.19 -22.56
N GLU A 94 -4.53 3.03 -21.57
CA GLU A 94 -5.52 4.08 -21.72
C GLU A 94 -4.90 5.34 -22.31
N ASN A 95 -3.62 5.24 -22.66
CA ASN A 95 -2.90 6.29 -23.37
C ASN A 95 -2.78 7.58 -22.58
N PHE A 96 -2.93 7.50 -21.27
CA PHE A 96 -2.59 8.61 -20.39
C PHE A 96 -1.11 8.52 -20.08
N PHE A 97 -0.57 7.34 -20.34
CA PHE A 97 0.82 7.02 -20.07
C PHE A 97 1.40 6.28 -21.25
N GLY A 98 1.19 6.85 -22.45
CA GLY A 98 1.57 6.21 -23.70
C GLY A 98 2.94 5.54 -23.66
N PRO A 99 3.17 4.57 -24.57
CA PRO A 99 4.36 3.70 -24.57
C PRO A 99 5.69 4.45 -24.69
N LYS A 100 5.62 5.77 -24.86
CA LYS A 100 6.80 6.59 -25.00
C LYS A 100 7.14 7.24 -23.66
N GLU A 101 6.19 7.20 -22.73
CA GLU A 101 6.29 7.91 -21.48
C GLU A 101 6.70 6.97 -20.35
N GLU A 102 7.64 7.44 -19.53
CA GLU A 102 8.07 6.72 -18.35
C GLU A 102 6.96 6.75 -17.32
N VAL A 103 6.41 5.58 -17.00
CA VAL A 103 5.24 5.49 -16.15
C VAL A 103 5.44 6.19 -14.82
N LYS A 104 4.55 7.12 -14.55
CA LYS A 104 4.48 7.75 -13.26
C LYS A 104 3.08 7.55 -12.72
N LEU A 105 2.90 6.47 -11.99
CA LEU A 105 1.59 6.14 -11.49
C LEU A 105 1.65 6.16 -9.96
N GLU A 106 0.93 7.11 -9.37
CA GLU A 106 0.97 7.31 -7.93
C GLU A 106 0.28 6.18 -7.17
N THR A 107 0.98 5.63 -6.21
CA THR A 107 0.38 4.69 -5.30
C THR A 107 0.37 5.30 -3.89
N HIS A 108 -0.78 5.31 -3.25
CA HIS A 108 -0.89 5.89 -1.92
C HIS A 108 -0.93 4.79 -0.87
N ILE A 109 0.05 4.81 0.02
CA ILE A 109 0.16 3.81 1.06
C ILE A 109 -0.10 4.43 2.42
N ARG A 110 -0.49 3.60 3.37
CA ARG A 110 -0.78 4.05 4.71
C ARG A 110 0.39 3.73 5.64
N VAL A 111 0.80 4.68 6.44
CA VAL A 111 1.81 4.44 7.46
C VAL A 111 1.35 5.06 8.77
N PRO A 112 1.72 4.47 9.91
CA PRO A 112 1.40 5.04 11.22
C PRO A 112 1.89 6.48 11.30
N ALA A 113 1.14 7.30 12.02
CA ALA A 113 1.44 8.73 12.11
C ALA A 113 2.83 8.99 12.67
N SER A 114 3.32 8.05 13.48
CA SER A 114 4.68 8.14 14.01
C SER A 114 5.69 7.63 12.98
N ALA A 115 5.27 6.65 12.19
CA ALA A 115 6.12 6.04 11.19
C ALA A 115 6.36 6.98 10.02
N ALA A 116 5.48 7.95 9.87
CA ALA A 116 5.64 8.97 8.83
C ALA A 116 6.92 9.76 9.05
N GLY A 117 7.11 10.26 10.26
CA GLY A 117 8.31 10.97 10.58
C GLY A 117 9.50 10.05 10.68
N ARG A 118 9.23 8.81 11.06
CA ARG A 118 10.29 7.82 11.23
C ARG A 118 10.83 7.35 9.87
N VAL A 119 9.95 7.24 8.88
CA VAL A 119 10.36 6.84 7.54
C VAL A 119 11.17 7.97 6.89
N ILE A 120 10.92 9.19 7.33
CA ILE A 120 11.74 10.34 6.93
C ILE A 120 13.14 10.20 7.53
N GLY A 121 13.18 9.62 8.72
CA GLY A 121 14.45 9.36 9.37
C GLY A 121 14.49 9.91 10.78
N ASP A 122 13.38 9.71 11.51
CA ASP A 122 13.22 10.24 12.88
C ASP A 122 13.18 11.78 12.82
N ASP A 123 14.35 12.38 12.63
CA ASP A 123 14.43 13.81 12.36
C ASP A 123 14.30 14.05 10.87
N GLY A 124 15.10 13.32 10.10
CA GLY A 124 15.09 13.46 8.66
C GLY A 124 16.41 13.06 8.05
N LYS A 125 16.47 11.86 7.50
CA LYS A 125 17.72 11.32 6.96
C LYS A 125 17.47 10.00 6.23
N THR A 126 16.75 9.11 6.91
CA THR A 126 16.47 7.77 6.40
C THR A 126 15.71 7.82 5.07
N VAL A 127 14.84 8.81 4.90
CA VAL A 127 14.04 8.94 3.68
C VAL A 127 14.94 9.17 2.46
N ASN A 128 16.08 9.80 2.69
CA ASN A 128 17.05 10.05 1.63
C ASN A 128 17.58 8.73 1.08
N GLU A 129 17.93 7.83 2.00
CA GLU A 129 18.42 6.51 1.62
C GLU A 129 17.28 5.67 1.07
N LEU A 130 16.11 5.83 1.67
CA LEU A 130 14.91 5.12 1.25
C LEU A 130 14.58 5.43 -0.22
N GLN A 131 14.56 6.72 -0.53
CA GLN A 131 14.23 7.19 -1.87
C GLN A 131 15.26 6.69 -2.87
N ASN A 132 16.50 6.63 -2.43
CA ASN A 132 17.63 6.21 -3.27
C ASN A 132 17.63 4.69 -3.49
N LEU A 133 17.26 3.94 -2.46
CA LEU A 133 17.26 2.48 -2.54
C LEU A 133 16.04 1.93 -3.25
N THR A 134 14.96 2.72 -3.30
CA THR A 134 13.74 2.26 -3.94
C THR A 134 13.62 2.74 -5.37
N ALA A 135 14.36 3.82 -5.68
CA ALA A 135 14.33 4.46 -7.00
C ALA A 135 12.96 5.03 -7.30
N ALA A 136 12.19 5.23 -6.25
CA ALA A 136 10.85 5.77 -6.34
C ALA A 136 10.77 7.08 -5.57
N GLU A 137 9.69 7.80 -5.75
CA GLU A 137 9.51 9.08 -5.09
C GLU A 137 8.51 8.94 -3.95
N VAL A 138 8.97 9.29 -2.76
CA VAL A 138 8.22 9.07 -1.53
C VAL A 138 7.97 10.38 -0.80
N VAL A 139 6.70 10.70 -0.58
CA VAL A 139 6.33 11.89 0.19
C VAL A 139 5.31 11.54 1.26
N VAL A 140 5.55 12.03 2.46
CA VAL A 140 4.63 11.82 3.58
C VAL A 140 4.43 13.09 4.39
N PRO A 141 3.36 13.82 4.10
CA PRO A 141 2.97 15.03 4.85
C PRO A 141 2.70 14.75 6.33
N ARG A 142 2.62 15.81 7.11
CA ARG A 142 2.36 15.68 8.53
C ARG A 142 0.88 15.45 8.78
N ASP A 143 0.04 16.30 8.18
CA ASP A 143 -1.40 16.15 8.31
C ASP A 143 -1.96 15.34 7.15
N GLN A 144 -2.25 14.07 7.40
CA GLN A 144 -2.86 13.21 6.41
C GLN A 144 -4.09 12.56 7.00
N THR A 145 -5.25 13.18 6.79
CA THR A 145 -6.53 12.73 7.36
C THR A 145 -6.49 12.68 8.89
N PRO A 146 -7.62 12.43 9.56
CA PRO A 146 -7.66 12.32 11.02
C PRO A 146 -6.87 11.11 11.53
N ASP A 147 -6.40 11.18 12.77
CA ASP A 147 -5.66 10.09 13.38
C ASP A 147 -6.61 9.00 13.86
N GLU A 148 -7.66 8.78 13.09
CA GLU A 148 -8.70 7.82 13.42
C GLU A 148 -8.13 6.40 13.46
N ASN A 149 -7.15 6.15 12.60
CA ASN A 149 -6.45 4.87 12.59
C ASN A 149 -4.97 5.12 12.90
N GLU A 150 -4.74 6.26 13.56
CA GLU A 150 -3.40 6.75 13.96
C GLU A 150 -2.38 6.67 12.83
N GLN A 151 -2.82 6.84 11.60
CA GLN A 151 -1.94 6.73 10.46
C GLN A 151 -2.16 7.84 9.43
N VAL A 152 -1.14 8.07 8.64
CA VAL A 152 -1.15 9.07 7.60
C VAL A 152 -0.83 8.43 6.24
N ILE A 153 -0.71 9.25 5.21
CA ILE A 153 -0.58 8.75 3.84
C ILE A 153 0.76 9.10 3.22
N VAL A 154 1.35 8.12 2.55
CA VAL A 154 2.55 8.32 1.76
C VAL A 154 2.23 8.11 0.29
N LYS A 155 2.81 8.94 -0.57
CA LYS A 155 2.57 8.84 -1.99
C LYS A 155 3.83 8.40 -2.71
N ILE A 156 3.75 7.28 -3.41
CA ILE A 156 4.88 6.75 -4.14
C ILE A 156 4.71 7.00 -5.63
N ILE A 157 5.60 7.80 -6.20
CA ILE A 157 5.56 8.12 -7.62
C ILE A 157 6.74 7.46 -8.32
N GLY A 158 6.49 6.81 -9.44
CA GLY A 158 7.57 6.21 -10.20
C GLY A 158 7.12 5.04 -11.03
N HIS A 159 8.06 4.17 -11.35
CA HIS A 159 7.80 3.01 -12.18
C HIS A 159 7.31 1.84 -11.32
N PHE A 160 6.64 0.88 -11.96
CA PHE A 160 5.93 -0.19 -11.23
C PHE A 160 6.88 -1.15 -10.50
N TYR A 161 8.11 -1.27 -10.96
CA TYR A 161 9.11 -2.04 -10.22
C TYR A 161 9.54 -1.28 -8.98
N ALA A 162 9.72 0.02 -9.13
CA ALA A 162 10.21 0.87 -8.06
C ALA A 162 9.13 1.10 -7.01
N SER A 163 7.89 1.28 -7.46
CA SER A 163 6.78 1.55 -6.56
C SER A 163 6.52 0.37 -5.64
N GLN A 164 6.39 -0.82 -6.22
CA GLN A 164 6.15 -2.04 -5.44
C GLN A 164 7.33 -2.29 -4.49
N MET A 165 8.53 -1.96 -4.92
CA MET A 165 9.73 -2.10 -4.10
C MET A 165 9.63 -1.18 -2.89
N ALA A 166 9.20 0.04 -3.12
CA ALA A 166 9.04 1.01 -2.05
C ALA A 166 7.90 0.61 -1.11
N GLN A 167 6.77 0.24 -1.69
CA GLN A 167 5.58 -0.14 -0.91
C GLN A 167 5.92 -1.18 0.14
N ARG A 168 6.57 -2.25 -0.28
CA ARG A 168 6.92 -3.32 0.64
C ARG A 168 8.00 -2.89 1.61
N LYS A 169 8.88 -1.98 1.19
CA LYS A 169 9.98 -1.52 2.02
C LYS A 169 9.47 -0.63 3.16
N ILE A 170 8.51 0.23 2.84
CA ILE A 170 7.91 1.11 3.84
C ILE A 170 7.00 0.31 4.77
N ARG A 171 6.08 -0.46 4.19
CA ARG A 171 5.15 -1.28 4.98
C ARG A 171 5.92 -2.24 5.90
N ASP A 172 7.16 -2.56 5.52
CA ASP A 172 8.01 -3.47 6.31
C ASP A 172 8.45 -2.82 7.63
N ILE A 173 9.00 -1.61 7.56
CA ILE A 173 9.46 -0.92 8.77
C ILE A 173 8.29 -0.53 9.65
N LEU A 174 7.11 -0.47 9.05
CA LEU A 174 5.90 -0.14 9.77
C LEU A 174 5.58 -1.18 10.82
N ALA A 175 5.99 -2.43 10.57
CA ALA A 175 5.82 -3.49 11.54
C ALA A 175 6.70 -3.23 12.77
N GLN A 176 7.84 -2.60 12.53
CA GLN A 176 8.76 -2.23 13.59
C GLN A 176 8.20 -1.07 14.39
N VAL A 177 7.73 -0.04 13.68
CA VAL A 177 7.18 1.15 14.31
C VAL A 177 5.89 0.82 15.06
N LYS A 178 5.13 -0.13 14.52
CA LYS A 178 3.93 -0.64 15.18
C LYS A 178 4.29 -1.16 16.57
N GLN A 179 5.33 -1.98 16.62
CA GLN A 179 5.82 -2.54 17.87
C GLN A 179 6.36 -1.43 18.78
N GLN A 180 7.02 -0.44 18.18
CA GLN A 180 7.58 0.67 18.94
C GLN A 180 6.50 1.49 19.61
N HIS A 181 5.48 1.90 18.83
CA HIS A 181 4.38 2.70 19.38
C HIS A 181 3.56 1.87 20.38
N GLN A 182 3.59 0.56 20.19
CA GLN A 182 2.91 -0.37 21.09
C GLN A 182 3.67 -0.45 22.41
N LYS A 183 4.99 -0.40 22.31
CA LYS A 183 5.85 -0.41 23.49
C LYS A 183 5.78 0.93 24.21
N GLY A 184 6.11 1.99 23.48
CA GLY A 184 6.12 3.31 24.05
C GLY A 184 5.48 4.34 23.16
N GLN A 185 4.81 5.31 23.75
CA GLN A 185 4.16 6.37 23.01
C GLN A 185 4.61 7.72 23.54
N SER A 186 4.45 8.75 22.72
CA SER A 186 4.86 10.10 23.11
C SER A 186 4.03 10.60 24.28
N GLY A 187 4.67 10.71 25.44
CA GLY A 187 4.03 11.23 26.62
C GLY A 187 4.88 12.29 27.28
N GLN A 188 5.14 12.11 28.58
CA GLN A 188 5.92 13.06 29.38
C GLN A 188 5.16 14.37 29.60
N LEU A 189 5.47 15.04 30.71
CA LEU A 189 4.80 16.28 31.09
C LEU A 189 3.30 16.07 31.21
N GLN A 190 2.55 17.16 31.18
CA GLN A 190 1.10 17.08 31.20
C GLN A 190 0.59 16.90 29.78
N ALA A 191 1.09 17.73 28.88
CA ALA A 191 0.74 17.66 27.47
C ALA A 191 1.99 17.76 26.60
N GLY A 1 -7.31 1.23 25.98
CA GLY A 1 -8.39 0.31 25.54
C GLY A 1 -9.14 -0.31 26.70
N ALA A 2 -9.67 0.53 27.57
CA ALA A 2 -10.45 0.08 28.71
C ALA A 2 -11.78 0.81 28.75
N MET A 3 -12.79 0.16 29.29
CA MET A 3 -14.15 0.70 29.32
C MET A 3 -14.29 1.78 30.38
N GLY A 4 -13.28 1.94 31.20
CA GLY A 4 -13.31 2.95 32.23
C GLY A 4 -11.94 3.48 32.56
N PRO A 5 -11.78 4.10 33.74
CA PRO A 5 -10.51 4.69 34.17
C PRO A 5 -9.49 3.64 34.63
N SER A 6 -8.96 2.89 33.70
CA SER A 6 -7.95 1.90 34.00
C SER A 6 -6.97 1.77 32.84
N SER A 7 -5.82 2.42 33.00
CA SER A 7 -4.77 2.37 31.99
C SER A 7 -3.90 1.15 32.18
N VAL A 8 -4.10 0.15 31.32
CA VAL A 8 -3.36 -1.10 31.38
C VAL A 8 -3.53 -1.85 30.07
N SER A 9 -2.51 -2.59 29.67
CA SER A 9 -2.58 -3.41 28.48
C SER A 9 -3.30 -4.72 28.78
N GLY A 10 -4.60 -4.62 29.03
CA GLY A 10 -5.41 -5.78 29.30
C GLY A 10 -6.73 -5.73 28.56
N ALA A 11 -6.68 -5.20 27.35
CA ALA A 11 -7.87 -5.02 26.53
C ALA A 11 -8.32 -6.34 25.94
N ALA A 12 -9.54 -6.36 25.43
CA ALA A 12 -10.10 -7.55 24.80
C ALA A 12 -10.27 -7.33 23.30
N PRO A 13 -9.30 -7.79 22.50
CA PRO A 13 -9.35 -7.65 21.04
C PRO A 13 -10.21 -8.74 20.40
N PHE A 14 -11.44 -8.88 20.87
CA PHE A 14 -12.35 -9.90 20.39
C PHE A 14 -12.95 -9.52 19.05
N SER A 15 -12.54 -8.37 18.52
CA SER A 15 -13.00 -7.91 17.22
C SER A 15 -11.81 -7.51 16.36
N SER A 16 -11.01 -8.49 15.96
CA SER A 16 -9.84 -8.24 15.14
C SER A 16 -10.25 -8.08 13.68
N PHE A 17 -10.24 -6.84 13.21
CA PHE A 17 -10.59 -6.53 11.83
C PHE A 17 -9.35 -6.50 10.96
N MET A 18 -8.22 -6.90 11.51
CA MET A 18 -6.96 -6.90 10.77
C MET A 18 -6.62 -8.30 10.27
N PRO A 19 -6.51 -8.45 8.95
CA PRO A 19 -6.18 -9.74 8.32
C PRO A 19 -4.77 -10.21 8.69
N PRO A 20 -4.57 -11.53 8.81
CA PRO A 20 -3.27 -12.11 9.18
C PRO A 20 -2.20 -11.90 8.12
N GLU A 21 -1.55 -10.74 8.17
CA GLU A 21 -0.45 -10.39 7.28
C GLU A 21 -0.89 -10.37 5.83
N GLN A 22 -1.90 -9.54 5.55
CA GLN A 22 -2.33 -9.33 4.17
C GLN A 22 -2.17 -7.86 3.81
N GLU A 23 -1.32 -7.62 2.83
CA GLU A 23 -0.97 -6.25 2.45
C GLU A 23 -2.12 -5.56 1.75
N THR A 24 -2.44 -4.36 2.20
CA THR A 24 -3.53 -3.59 1.64
C THR A 24 -3.07 -2.16 1.36
N VAL A 25 -2.96 -1.80 0.07
CA VAL A 25 -2.56 -0.45 -0.29
C VAL A 25 -3.56 0.13 -1.29
N HIS A 26 -3.56 1.45 -1.43
CA HIS A 26 -4.55 2.14 -2.25
C HIS A 26 -3.89 2.74 -3.48
N VAL A 27 -4.42 2.44 -4.65
CA VAL A 27 -3.79 2.87 -5.90
C VAL A 27 -4.56 4.03 -6.53
N PHE A 28 -3.87 5.13 -6.77
CA PHE A 28 -4.48 6.35 -7.27
C PHE A 28 -4.66 6.29 -8.78
N ILE A 29 -5.87 6.04 -9.26
CA ILE A 29 -6.14 6.07 -10.68
C ILE A 29 -7.29 7.00 -11.01
N PRO A 30 -7.00 8.11 -11.69
CA PRO A 30 -7.98 9.13 -12.08
C PRO A 30 -9.22 8.54 -12.76
N ALA A 31 -10.34 9.24 -12.58
CA ALA A 31 -11.65 8.82 -13.08
C ALA A 31 -11.65 8.63 -14.59
N GLN A 32 -10.66 9.23 -15.24
CA GLN A 32 -10.46 9.10 -16.68
C GLN A 32 -10.42 7.64 -17.13
N ALA A 33 -9.85 6.78 -16.30
CA ALA A 33 -9.57 5.41 -16.71
C ALA A 33 -10.15 4.39 -15.76
N VAL A 34 -10.36 4.78 -14.49
CA VAL A 34 -10.79 3.85 -13.45
C VAL A 34 -12.01 3.04 -13.90
N GLY A 35 -12.87 3.66 -14.68
CA GLY A 35 -14.05 2.99 -15.18
C GLY A 35 -13.70 1.74 -15.95
N ALA A 36 -12.88 1.90 -16.97
CA ALA A 36 -12.53 0.79 -17.84
C ALA A 36 -11.63 -0.21 -17.14
N ILE A 37 -11.06 0.21 -16.01
CA ILE A 37 -10.16 -0.64 -15.25
C ILE A 37 -10.93 -1.76 -14.56
N ILE A 38 -12.14 -1.45 -14.10
CA ILE A 38 -13.02 -2.47 -13.55
C ILE A 38 -13.38 -3.50 -14.62
N GLY A 39 -13.47 -3.03 -15.86
CA GLY A 39 -13.73 -3.91 -16.97
C GLY A 39 -15.22 -4.12 -17.20
N LYS A 40 -15.57 -4.62 -18.37
CA LYS A 40 -16.95 -4.85 -18.73
C LYS A 40 -17.58 -5.85 -17.78
N LYS A 41 -18.71 -5.44 -17.23
CA LYS A 41 -19.49 -6.25 -16.31
C LYS A 41 -18.82 -6.34 -14.94
N GLY A 42 -17.68 -5.66 -14.81
CA GLY A 42 -16.89 -5.79 -13.60
C GLY A 42 -16.25 -7.16 -13.53
N GLN A 43 -16.17 -7.81 -14.67
CA GLN A 43 -15.60 -9.14 -14.76
C GLN A 43 -14.10 -9.09 -14.60
N HIS A 44 -13.48 -8.09 -15.25
CA HIS A 44 -12.02 -8.00 -15.31
C HIS A 44 -11.42 -7.76 -13.93
N ILE A 45 -12.08 -6.92 -13.14
CA ILE A 45 -11.59 -6.60 -11.80
C ILE A 45 -11.60 -7.84 -10.90
N LYS A 46 -12.69 -8.58 -10.92
CA LYS A 46 -12.81 -9.76 -10.06
C LYS A 46 -12.11 -10.97 -10.68
N GLN A 47 -11.93 -10.94 -12.00
CA GLN A 47 -11.14 -11.96 -12.68
C GLN A 47 -9.68 -11.79 -12.30
N LEU A 48 -9.28 -10.54 -12.11
CA LEU A 48 -7.97 -10.20 -11.61
C LEU A 48 -7.78 -10.82 -10.23
N SER A 49 -8.83 -10.74 -9.42
CA SER A 49 -8.83 -11.32 -8.09
C SER A 49 -8.47 -12.81 -8.13
N ARG A 50 -8.92 -13.49 -9.17
CA ARG A 50 -8.68 -14.92 -9.31
C ARG A 50 -7.23 -15.22 -9.66
N PHE A 51 -6.71 -14.57 -10.71
CA PHE A 51 -5.37 -14.89 -11.19
C PHE A 51 -4.31 -14.37 -10.21
N ALA A 52 -4.60 -13.26 -9.55
CA ALA A 52 -3.68 -12.69 -8.59
C ALA A 52 -3.82 -13.37 -7.23
N SER A 53 -4.97 -14.02 -7.05
CA SER A 53 -5.27 -14.76 -5.82
C SER A 53 -5.35 -13.82 -4.61
N ALA A 54 -5.78 -12.60 -4.88
CA ALA A 54 -5.86 -11.56 -3.86
C ALA A 54 -7.21 -10.87 -3.93
N SER A 55 -7.50 -10.03 -2.95
CA SER A 55 -8.76 -9.30 -2.91
C SER A 55 -8.60 -7.94 -3.57
N ILE A 56 -9.31 -7.74 -4.68
CA ILE A 56 -9.25 -6.48 -5.41
C ILE A 56 -10.61 -5.78 -5.37
N LYS A 57 -10.64 -4.58 -4.81
CA LYS A 57 -11.87 -3.80 -4.72
C LYS A 57 -11.55 -2.32 -4.77
N ILE A 58 -12.31 -1.55 -5.53
CA ILE A 58 -12.03 -0.13 -5.68
C ILE A 58 -12.74 0.68 -4.60
N ALA A 59 -11.95 1.52 -3.92
CA ALA A 59 -12.42 2.32 -2.81
C ALA A 59 -13.35 3.45 -3.27
N PRO A 60 -14.41 3.74 -2.50
CA PRO A 60 -15.34 4.82 -2.81
C PRO A 60 -14.80 6.18 -2.40
N PRO A 61 -14.98 7.20 -3.26
CA PRO A 61 -14.56 8.56 -2.95
C PRO A 61 -15.58 9.28 -2.07
N GLU A 62 -15.10 10.19 -1.24
CA GLU A 62 -15.95 10.92 -0.31
C GLU A 62 -16.70 12.04 -1.03
N THR A 63 -16.06 12.61 -2.04
CA THR A 63 -16.63 13.73 -2.77
C THR A 63 -16.76 13.42 -4.26
N PRO A 64 -17.94 13.72 -4.85
CA PRO A 64 -18.19 13.52 -6.28
C PRO A 64 -17.33 14.42 -7.17
N ASP A 65 -16.61 15.35 -6.56
CA ASP A 65 -15.68 16.21 -7.30
C ASP A 65 -14.28 15.62 -7.31
N SER A 66 -14.18 14.35 -7.01
CA SER A 66 -12.90 13.66 -7.05
C SER A 66 -12.48 13.41 -8.48
N LYS A 67 -11.19 13.52 -8.74
CA LYS A 67 -10.63 13.31 -10.06
C LYS A 67 -10.10 11.88 -10.18
N VAL A 68 -10.28 11.11 -9.11
CA VAL A 68 -9.60 9.84 -8.99
C VAL A 68 -10.37 8.87 -8.09
N ARG A 69 -10.18 7.58 -8.33
CA ARG A 69 -10.68 6.54 -7.47
C ARG A 69 -9.53 5.60 -7.12
N MET A 70 -9.36 5.32 -5.85
CA MET A 70 -8.24 4.52 -5.39
C MET A 70 -8.61 3.04 -5.32
N VAL A 71 -7.83 2.22 -5.98
CA VAL A 71 -8.06 0.78 -5.96
C VAL A 71 -7.42 0.16 -4.73
N VAL A 72 -8.20 -0.58 -3.97
CA VAL A 72 -7.72 -1.23 -2.78
C VAL A 72 -7.42 -2.69 -3.07
N ILE A 73 -6.17 -3.07 -2.90
CA ILE A 73 -5.77 -4.44 -3.12
C ILE A 73 -5.21 -5.06 -1.84
N THR A 74 -5.68 -6.27 -1.56
CA THR A 74 -5.28 -7.00 -0.37
C THR A 74 -4.77 -8.38 -0.76
N GLY A 75 -3.46 -8.56 -0.68
CA GLY A 75 -2.85 -9.79 -1.15
C GLY A 75 -1.43 -9.96 -0.67
N PRO A 76 -0.89 -11.17 -0.78
CA PRO A 76 0.52 -11.44 -0.48
C PRO A 76 1.45 -10.65 -1.41
N PRO A 77 2.54 -10.10 -0.85
CA PRO A 77 3.47 -9.21 -1.55
C PRO A 77 3.79 -9.59 -3.00
N GLU A 78 4.13 -10.85 -3.25
CA GLU A 78 4.54 -11.27 -4.58
C GLU A 78 3.37 -11.32 -5.54
N ALA A 79 2.19 -11.65 -5.03
CA ALA A 79 0.98 -11.67 -5.84
C ALA A 79 0.58 -10.25 -6.22
N GLN A 80 0.87 -9.32 -5.31
CA GLN A 80 0.60 -7.92 -5.54
C GLN A 80 1.31 -7.42 -6.79
N PHE A 81 2.55 -7.86 -6.98
CA PHE A 81 3.37 -7.39 -8.09
C PHE A 81 2.79 -7.83 -9.44
N LYS A 82 2.19 -9.01 -9.47
CA LYS A 82 1.60 -9.52 -10.71
C LYS A 82 0.42 -8.66 -11.13
N ALA A 83 -0.40 -8.32 -10.13
CA ALA A 83 -1.56 -7.47 -10.33
C ALA A 83 -1.14 -6.04 -10.64
N GLN A 84 -0.14 -5.58 -9.90
CA GLN A 84 0.36 -4.21 -10.01
C GLN A 84 0.96 -3.94 -11.39
N GLY A 85 1.59 -4.96 -11.96
CA GLY A 85 2.14 -4.84 -13.31
C GLY A 85 1.09 -4.42 -14.32
N ARG A 86 -0.09 -5.01 -14.22
CA ARG A 86 -1.17 -4.72 -15.14
C ARG A 86 -1.83 -3.38 -14.81
N ILE A 87 -1.89 -3.05 -13.52
CA ILE A 87 -2.53 -1.82 -13.09
C ILE A 87 -1.76 -0.61 -13.63
N TYR A 88 -0.43 -0.71 -13.67
CA TYR A 88 0.40 0.34 -14.27
C TYR A 88 0.21 0.36 -15.79
N GLY A 89 -0.06 -0.81 -16.34
CA GLY A 89 -0.37 -0.94 -17.75
C GLY A 89 -1.55 -0.10 -18.18
N LYS A 90 -2.54 0.07 -17.30
CA LYS A 90 -3.69 0.91 -17.60
C LYS A 90 -3.23 2.35 -17.85
N LEU A 91 -2.22 2.79 -17.09
CA LEU A 91 -1.63 4.11 -17.30
C LEU A 91 -1.02 4.23 -18.70
N LYS A 92 -0.29 3.20 -19.11
CA LYS A 92 0.41 3.23 -20.40
C LYS A 92 -0.54 3.00 -21.57
N GLU A 93 -1.54 2.17 -21.36
CA GLU A 93 -2.42 1.72 -22.44
C GLU A 93 -3.20 2.88 -23.05
N GLU A 94 -3.55 3.88 -22.24
CA GLU A 94 -4.29 5.01 -22.77
C GLU A 94 -3.35 6.16 -23.08
N ASN A 95 -2.06 5.83 -23.21
CA ASN A 95 -1.04 6.79 -23.61
C ASN A 95 -0.98 7.99 -22.66
N PHE A 96 -1.11 7.73 -21.36
CA PHE A 96 -1.01 8.78 -20.38
C PHE A 96 0.46 9.09 -20.10
N PHE A 97 1.31 8.09 -20.28
CA PHE A 97 2.75 8.24 -20.05
C PHE A 97 3.53 7.61 -21.19
N GLY A 98 2.91 7.58 -22.37
CA GLY A 98 3.53 6.99 -23.55
C GLY A 98 4.09 5.59 -23.31
N PRO A 99 4.94 5.10 -24.22
CA PRO A 99 5.64 3.84 -24.05
C PRO A 99 6.96 4.01 -23.30
N LYS A 100 7.84 4.86 -23.83
CA LYS A 100 9.18 5.05 -23.26
C LYS A 100 9.18 5.97 -22.06
N GLU A 101 8.22 6.90 -22.01
CA GLU A 101 8.11 7.81 -20.89
C GLU A 101 7.88 7.02 -19.61
N GLU A 102 8.70 7.30 -18.60
CA GLU A 102 8.67 6.58 -17.34
C GLU A 102 7.28 6.62 -16.72
N VAL A 103 6.69 5.45 -16.51
CA VAL A 103 5.43 5.36 -15.81
C VAL A 103 5.61 5.89 -14.40
N LYS A 104 4.81 6.88 -14.06
CA LYS A 104 4.84 7.43 -12.73
C LYS A 104 3.44 7.40 -12.15
N LEU A 105 3.15 6.30 -11.50
CA LEU A 105 1.83 6.08 -10.93
C LEU A 105 1.90 6.36 -9.44
N GLU A 106 1.02 7.20 -8.96
CA GLU A 106 1.02 7.59 -7.57
C GLU A 106 0.32 6.53 -6.72
N THR A 107 1.10 5.72 -6.03
CA THR A 107 0.54 4.72 -5.15
C THR A 107 0.45 5.26 -3.72
N HIS A 108 -0.71 5.11 -3.10
CA HIS A 108 -0.92 5.64 -1.75
C HIS A 108 -0.88 4.52 -0.73
N ILE A 109 0.05 4.63 0.21
CA ILE A 109 0.16 3.63 1.25
C ILE A 109 -0.14 4.26 2.61
N ARG A 110 -0.95 3.58 3.40
CA ARG A 110 -1.43 4.11 4.67
C ARG A 110 -0.42 3.80 5.77
N VAL A 111 0.11 4.85 6.38
CA VAL A 111 1.12 4.70 7.41
C VAL A 111 0.63 5.36 8.71
N PRO A 112 0.98 4.78 9.86
CA PRO A 112 0.70 5.38 11.16
C PRO A 112 1.25 6.79 11.25
N ALA A 113 0.53 7.67 11.94
CA ALA A 113 0.89 9.08 12.02
C ALA A 113 2.27 9.27 12.65
N SER A 114 2.61 8.38 13.57
CA SER A 114 3.91 8.41 14.23
C SER A 114 4.99 7.80 13.34
N ALA A 115 4.58 6.91 12.44
CA ALA A 115 5.50 6.21 11.56
C ALA A 115 5.99 7.11 10.44
N ALA A 116 5.24 8.17 10.17
CA ALA A 116 5.66 9.16 9.17
C ALA A 116 6.94 9.84 9.63
N GLY A 117 7.05 10.06 10.93
CA GLY A 117 8.25 10.64 11.48
C GLY A 117 9.36 9.61 11.67
N ARG A 118 8.99 8.35 11.53
CA ARG A 118 9.96 7.26 11.67
C ARG A 118 10.55 6.87 10.31
N VAL A 119 9.71 6.88 9.29
CA VAL A 119 10.13 6.49 7.94
C VAL A 119 11.16 7.46 7.38
N ILE A 120 11.08 8.72 7.79
CA ILE A 120 12.03 9.73 7.34
C ILE A 120 13.35 9.57 8.09
N GLY A 121 13.30 8.90 9.23
CA GLY A 121 14.50 8.70 10.02
C GLY A 121 14.77 9.87 10.93
N ASP A 122 16.04 10.05 11.29
CA ASP A 122 16.44 11.10 12.22
C ASP A 122 16.20 12.49 11.63
N ASP A 123 15.02 13.05 11.90
CA ASP A 123 14.63 14.37 11.39
C ASP A 123 14.72 14.41 9.86
N GLY A 124 14.42 13.27 9.24
CA GLY A 124 14.43 13.21 7.79
C GLY A 124 15.82 13.04 7.20
N LYS A 125 16.39 11.86 7.36
CA LYS A 125 17.70 11.54 6.79
C LYS A 125 17.62 10.28 5.95
N THR A 126 17.15 9.18 6.55
CA THR A 126 17.06 7.92 5.82
C THR A 126 15.97 7.98 4.74
N VAL A 127 15.10 8.98 4.82
CA VAL A 127 14.10 9.19 3.79
C VAL A 127 14.77 9.60 2.48
N ASN A 128 15.89 10.31 2.60
CA ASN A 128 16.65 10.75 1.44
C ASN A 128 17.24 9.54 0.73
N GLU A 129 17.82 8.64 1.53
CA GLU A 129 18.35 7.39 1.02
C GLU A 129 17.22 6.53 0.46
N LEU A 130 16.08 6.56 1.13
CA LEU A 130 14.92 5.75 0.77
C LEU A 130 14.49 6.02 -0.67
N GLN A 131 14.34 7.29 -1.01
CA GLN A 131 13.91 7.68 -2.35
C GLN A 131 14.90 7.21 -3.41
N ASN A 132 16.18 7.46 -3.18
CA ASN A 132 17.22 7.09 -4.15
C ASN A 132 17.35 5.59 -4.28
N LEU A 133 17.25 4.89 -3.15
CA LEU A 133 17.42 3.44 -3.12
C LEU A 133 16.22 2.73 -3.74
N THR A 134 15.02 3.19 -3.43
CA THR A 134 13.81 2.59 -3.97
C THR A 134 13.59 3.00 -5.43
N ALA A 135 14.30 4.06 -5.83
CA ALA A 135 14.22 4.62 -7.18
C ALA A 135 12.83 5.19 -7.44
N ALA A 136 12.16 5.59 -6.36
CA ALA A 136 10.81 6.10 -6.44
C ALA A 136 10.66 7.31 -5.53
N GLU A 137 9.61 8.09 -5.75
CA GLU A 137 9.37 9.26 -4.95
C GLU A 137 8.51 8.91 -3.76
N VAL A 138 9.12 8.94 -2.59
CA VAL A 138 8.42 8.71 -1.35
C VAL A 138 8.15 10.05 -0.67
N VAL A 139 6.91 10.49 -0.73
CA VAL A 139 6.56 11.76 -0.11
C VAL A 139 5.61 11.55 1.06
N VAL A 140 6.12 11.80 2.26
CA VAL A 140 5.28 11.81 3.43
C VAL A 140 4.75 13.22 3.64
N PRO A 141 3.48 13.35 4.01
CA PRO A 141 2.84 14.66 4.13
C PRO A 141 3.26 15.40 5.40
N ARG A 142 3.82 16.58 5.21
CA ARG A 142 4.15 17.45 6.33
C ARG A 142 2.90 18.19 6.78
N ASP A 143 1.88 18.13 5.93
CA ASP A 143 0.58 18.69 6.23
C ASP A 143 -0.20 17.72 7.12
N GLN A 144 -0.28 16.46 6.66
CA GLN A 144 -0.84 15.35 7.44
C GLN A 144 -2.36 15.40 7.56
N THR A 145 -2.93 14.21 7.69
CA THR A 145 -4.36 14.04 7.88
C THR A 145 -4.71 14.02 9.36
N PRO A 146 -6.00 14.18 9.72
CA PRO A 146 -6.45 14.23 11.12
C PRO A 146 -6.12 12.97 11.91
N ASP A 147 -6.12 13.11 13.24
CA ASP A 147 -5.85 12.01 14.17
C ASP A 147 -7.01 11.01 14.19
N GLU A 148 -8.03 11.27 13.37
CA GLU A 148 -9.22 10.43 13.27
C GLU A 148 -8.86 8.95 13.08
N ASN A 149 -7.79 8.69 12.35
CA ASN A 149 -7.34 7.33 12.08
C ASN A 149 -5.93 7.12 12.63
N GLU A 150 -5.42 8.12 13.36
CA GLU A 150 -4.04 8.18 13.84
C GLU A 150 -3.03 7.79 12.75
N GLN A 151 -3.39 8.06 11.50
CA GLN A 151 -2.58 7.64 10.38
C GLN A 151 -2.62 8.67 9.26
N VAL A 152 -1.55 8.68 8.47
CA VAL A 152 -1.43 9.55 7.31
C VAL A 152 -1.09 8.70 6.10
N ILE A 153 -0.98 9.29 4.92
CA ILE A 153 -0.70 8.50 3.73
C ILE A 153 0.58 8.97 3.03
N VAL A 154 1.45 8.02 2.74
CA VAL A 154 2.64 8.28 1.95
C VAL A 154 2.34 8.00 0.49
N LYS A 155 2.83 8.87 -0.38
CA LYS A 155 2.63 8.71 -1.80
C LYS A 155 3.92 8.28 -2.46
N ILE A 156 3.87 7.16 -3.16
CA ILE A 156 5.01 6.66 -3.90
C ILE A 156 4.77 6.85 -5.39
N ILE A 157 5.53 7.75 -6.01
CA ILE A 157 5.40 8.02 -7.42
C ILE A 157 6.60 7.45 -8.17
N GLY A 158 6.34 6.52 -9.09
CA GLY A 158 7.42 5.95 -9.85
C GLY A 158 6.99 4.77 -10.70
N HIS A 159 7.97 4.02 -11.20
CA HIS A 159 7.71 2.86 -12.04
C HIS A 159 7.29 1.70 -11.17
N PHE A 160 6.57 0.73 -11.75
CA PHE A 160 6.03 -0.38 -10.96
C PHE A 160 7.13 -1.24 -10.35
N TYR A 161 8.33 -1.21 -10.94
CA TYR A 161 9.47 -1.88 -10.33
C TYR A 161 9.88 -1.15 -9.06
N ALA A 162 10.06 0.15 -9.19
CA ALA A 162 10.56 0.98 -8.11
C ALA A 162 9.51 1.17 -7.02
N SER A 163 8.26 1.37 -7.43
CA SER A 163 7.19 1.64 -6.50
C SER A 163 6.95 0.43 -5.60
N GLN A 164 6.93 -0.77 -6.18
CA GLN A 164 6.75 -1.98 -5.37
C GLN A 164 7.90 -2.13 -4.37
N MET A 165 9.12 -1.78 -4.80
CA MET A 165 10.28 -1.84 -3.91
C MET A 165 10.10 -0.91 -2.71
N ALA A 166 9.58 0.27 -2.98
CA ALA A 166 9.31 1.24 -1.92
C ALA A 166 8.15 0.78 -1.05
N GLN A 167 7.09 0.30 -1.70
CA GLN A 167 5.89 -0.16 -1.01
C GLN A 167 6.25 -1.14 0.08
N ARG A 168 6.94 -2.21 -0.30
CA ARG A 168 7.33 -3.24 0.66
C ARG A 168 8.30 -2.71 1.70
N LYS A 169 9.12 -1.73 1.33
CA LYS A 169 10.11 -1.19 2.26
C LYS A 169 9.45 -0.37 3.36
N ILE A 170 8.59 0.56 2.97
CA ILE A 170 7.89 1.36 3.95
C ILE A 170 6.89 0.49 4.72
N ARG A 171 6.15 -0.35 4.00
CA ARG A 171 5.20 -1.27 4.62
C ARG A 171 5.90 -2.20 5.61
N ASP A 172 7.18 -2.44 5.40
CA ASP A 172 7.95 -3.33 6.25
C ASP A 172 8.16 -2.71 7.62
N ILE A 173 8.54 -1.44 7.64
CA ILE A 173 8.78 -0.76 8.90
C ILE A 173 7.47 -0.48 9.63
N LEU A 174 6.36 -0.49 8.89
CA LEU A 174 5.05 -0.29 9.49
C LEU A 174 4.72 -1.47 10.40
N ALA A 175 5.17 -2.65 10.00
CA ALA A 175 5.00 -3.85 10.81
C ALA A 175 5.83 -3.76 12.08
N GLN A 176 6.96 -3.08 11.98
CA GLN A 176 7.82 -2.85 13.13
C GLN A 176 7.17 -1.85 14.08
N VAL A 177 6.59 -0.79 13.51
CA VAL A 177 5.86 0.20 14.30
C VAL A 177 4.60 -0.41 14.89
N LYS A 178 3.98 -1.31 14.14
CA LYS A 178 2.81 -2.05 14.62
C LYS A 178 3.14 -2.80 15.89
N GLN A 179 4.28 -3.49 15.88
CA GLN A 179 4.75 -4.22 17.05
C GLN A 179 5.06 -3.25 18.20
N GLN A 180 5.65 -2.11 17.86
CA GLN A 180 5.95 -1.08 18.85
C GLN A 180 4.67 -0.48 19.43
N HIS A 181 3.57 -0.61 18.69
CA HIS A 181 2.29 -0.05 19.11
C HIS A 181 1.58 -1.01 20.06
N GLN A 182 1.61 -2.31 19.75
CA GLN A 182 0.95 -3.31 20.58
C GLN A 182 1.86 -3.75 21.74
N LYS A 183 3.16 -3.69 21.51
CA LYS A 183 4.15 -4.11 22.47
C LYS A 183 4.98 -2.90 22.94
N GLY A 184 4.30 -1.76 23.02
CA GLY A 184 4.97 -0.55 23.43
C GLY A 184 4.07 0.37 24.22
N GLN A 185 4.57 0.86 25.35
CA GLN A 185 3.83 1.79 26.19
C GLN A 185 4.64 3.08 26.34
N SER A 186 5.95 2.94 26.49
CA SER A 186 6.82 4.07 26.65
C SER A 186 7.52 4.38 25.32
N GLY A 187 8.44 5.33 25.33
CA GLY A 187 9.12 5.73 24.11
C GLY A 187 8.52 6.98 23.53
N GLN A 188 7.93 7.80 24.39
CA GLN A 188 7.26 9.02 23.96
C GLN A 188 8.18 10.22 24.08
N LEU A 189 9.39 10.08 23.54
CA LEU A 189 10.37 11.16 23.53
C LEU A 189 10.18 12.03 22.29
N GLN A 190 8.98 12.57 22.14
CA GLN A 190 8.65 13.38 20.98
C GLN A 190 8.97 14.84 21.25
N ALA A 191 9.76 15.45 20.39
CA ALA A 191 10.13 16.85 20.55
C ALA A 191 9.29 17.74 19.65
N GLY A 1 6.16 -35.28 12.04
CA GLY A 1 4.79 -34.76 12.26
C GLY A 1 4.29 -35.06 13.65
N ALA A 2 3.00 -34.85 13.88
CA ALA A 2 2.42 -35.05 15.20
C ALA A 2 1.01 -35.61 15.10
N MET A 3 0.91 -36.93 15.02
CA MET A 3 -0.39 -37.60 15.00
C MET A 3 -0.71 -38.12 16.40
N GLY A 4 -1.92 -38.61 16.57
CA GLY A 4 -2.36 -39.07 17.87
C GLY A 4 -3.66 -38.42 18.27
N PRO A 5 -3.61 -37.21 18.86
CA PRO A 5 -4.81 -36.42 19.15
C PRO A 5 -5.55 -36.11 17.86
N SER A 6 -6.58 -36.88 17.58
CA SER A 6 -7.25 -36.84 16.29
C SER A 6 -8.45 -35.90 16.31
N SER A 7 -8.38 -34.88 15.46
CA SER A 7 -9.50 -34.00 15.23
C SER A 7 -9.70 -33.83 13.72
N VAL A 8 -8.74 -33.15 13.10
CA VAL A 8 -8.73 -32.94 11.65
C VAL A 8 -10.07 -32.39 11.18
N SER A 9 -10.50 -31.30 11.80
CA SER A 9 -11.76 -30.68 11.44
C SER A 9 -11.56 -29.71 10.28
N GLY A 10 -10.36 -29.17 10.18
CA GLY A 10 -10.04 -28.27 9.09
C GLY A 10 -8.55 -28.07 8.94
N ALA A 11 -8.08 -28.01 7.70
CA ALA A 11 -6.68 -27.78 7.43
C ALA A 11 -6.52 -26.62 6.45
N ALA A 12 -7.10 -26.78 5.27
CA ALA A 12 -7.08 -25.76 4.25
C ALA A 12 -8.38 -25.80 3.44
N PRO A 13 -9.40 -25.05 3.88
CA PRO A 13 -10.71 -25.04 3.23
C PRO A 13 -10.67 -24.51 1.81
N PHE A 14 -10.04 -23.35 1.63
CA PHE A 14 -9.93 -22.74 0.31
C PHE A 14 -8.51 -22.86 -0.20
N SER A 15 -8.29 -23.84 -1.06
CA SER A 15 -6.97 -24.13 -1.62
C SER A 15 -6.03 -24.71 -0.57
N SER A 16 -5.29 -25.74 -0.95
CA SER A 16 -4.37 -26.42 -0.04
C SER A 16 -3.08 -25.61 0.08
N PHE A 17 -3.19 -24.41 0.64
CA PHE A 17 -2.03 -23.54 0.83
C PHE A 17 -2.27 -22.62 2.02
N MET A 18 -3.37 -21.88 1.98
CA MET A 18 -3.72 -20.92 3.03
C MET A 18 -2.65 -19.85 3.19
N PRO A 19 -2.82 -18.72 2.48
CA PRO A 19 -1.87 -17.59 2.53
C PRO A 19 -2.01 -16.79 3.83
N PRO A 20 -1.02 -16.89 4.73
CA PRO A 20 -1.06 -16.26 6.03
C PRO A 20 -0.36 -14.90 6.06
N GLU A 21 -0.07 -14.37 4.88
CA GLU A 21 0.63 -13.10 4.76
C GLU A 21 0.11 -12.30 3.58
N GLN A 22 -0.83 -11.40 3.85
CA GLN A 22 -1.37 -10.55 2.81
C GLN A 22 -1.16 -9.08 3.18
N GLU A 23 -0.87 -8.27 2.17
CA GLU A 23 -0.67 -6.85 2.36
C GLU A 23 -1.86 -6.09 1.78
N THR A 24 -2.03 -4.84 2.19
CA THR A 24 -3.14 -4.03 1.73
C THR A 24 -2.70 -2.60 1.46
N VAL A 25 -2.65 -2.23 0.19
CA VAL A 25 -2.26 -0.88 -0.19
C VAL A 25 -3.30 -0.29 -1.13
N HIS A 26 -3.29 1.05 -1.25
CA HIS A 26 -4.31 1.75 -2.02
C HIS A 26 -3.70 2.43 -3.23
N VAL A 27 -4.28 2.22 -4.40
CA VAL A 27 -3.71 2.72 -5.64
C VAL A 27 -4.50 3.93 -6.16
N PHE A 28 -3.78 4.99 -6.53
CA PHE A 28 -4.39 6.26 -6.92
C PHE A 28 -4.59 6.33 -8.43
N ILE A 29 -5.82 6.17 -8.91
CA ILE A 29 -6.11 6.33 -10.32
C ILE A 29 -7.22 7.37 -10.52
N PRO A 30 -6.91 8.44 -11.27
CA PRO A 30 -7.83 9.58 -11.45
C PRO A 30 -9.10 9.19 -12.21
N ALA A 31 -10.17 9.94 -11.94
CA ALA A 31 -11.49 9.68 -12.50
C ALA A 31 -11.49 9.73 -14.02
N GLN A 32 -10.48 10.38 -14.58
CA GLN A 32 -10.32 10.47 -16.03
C GLN A 32 -9.85 9.14 -16.61
N ALA A 33 -9.40 8.24 -15.75
CA ALA A 33 -8.88 6.97 -16.20
C ALA A 33 -9.62 5.79 -15.56
N VAL A 34 -10.09 6.00 -14.34
CA VAL A 34 -10.66 4.91 -13.53
C VAL A 34 -11.78 4.17 -14.27
N GLY A 35 -12.50 4.90 -15.12
CA GLY A 35 -13.59 4.29 -15.85
C GLY A 35 -13.14 3.11 -16.65
N ALA A 36 -12.21 3.35 -17.55
CA ALA A 36 -11.78 2.31 -18.46
C ALA A 36 -10.84 1.33 -17.77
N ILE A 37 -10.36 1.72 -16.59
CA ILE A 37 -9.47 0.87 -15.81
C ILE A 37 -10.22 -0.37 -15.29
N ILE A 38 -11.50 -0.20 -14.97
CA ILE A 38 -12.32 -1.33 -14.53
C ILE A 38 -12.45 -2.38 -15.64
N GLY A 39 -12.99 -2.00 -16.78
CA GLY A 39 -12.91 -2.87 -17.95
C GLY A 39 -14.25 -3.33 -18.50
N LYS A 40 -14.78 -2.55 -19.43
CA LYS A 40 -15.97 -2.88 -20.23
C LYS A 40 -17.22 -3.17 -19.38
N LYS A 41 -17.30 -4.37 -18.82
CA LYS A 41 -18.48 -4.79 -18.07
C LYS A 41 -18.13 -5.06 -16.61
N GLY A 42 -16.90 -4.74 -16.24
CA GLY A 42 -16.46 -4.96 -14.87
C GLY A 42 -16.45 -6.43 -14.46
N GLN A 43 -16.05 -7.30 -15.38
CA GLN A 43 -16.00 -8.72 -15.08
C GLN A 43 -14.56 -9.24 -15.09
N HIS A 44 -13.81 -8.94 -16.16
CA HIS A 44 -12.42 -9.37 -16.25
C HIS A 44 -11.58 -8.74 -15.14
N ILE A 45 -12.09 -7.66 -14.56
CA ILE A 45 -11.45 -7.03 -13.42
C ILE A 45 -11.50 -7.94 -12.20
N LYS A 46 -12.56 -8.74 -12.09
CA LYS A 46 -12.72 -9.69 -11.00
C LYS A 46 -11.91 -10.94 -11.28
N GLN A 47 -11.63 -11.18 -12.56
CA GLN A 47 -10.76 -12.27 -12.98
C GLN A 47 -9.34 -11.97 -12.50
N LEU A 48 -9.03 -10.68 -12.42
CA LEU A 48 -7.77 -10.20 -11.85
C LEU A 48 -7.61 -10.76 -10.44
N SER A 49 -8.66 -10.60 -9.63
CA SER A 49 -8.68 -11.08 -8.26
C SER A 49 -8.43 -12.59 -8.21
N ARG A 50 -8.96 -13.32 -9.18
CA ARG A 50 -8.85 -14.77 -9.20
C ARG A 50 -7.45 -15.24 -9.57
N PHE A 51 -6.90 -14.73 -10.66
CA PHE A 51 -5.59 -15.18 -11.13
C PHE A 51 -4.50 -14.73 -10.16
N ALA A 52 -4.75 -13.62 -9.46
CA ALA A 52 -3.81 -13.12 -8.47
C ALA A 52 -4.04 -13.78 -7.12
N SER A 53 -5.17 -14.49 -7.01
CA SER A 53 -5.54 -15.21 -5.80
C SER A 53 -5.62 -14.26 -4.61
N ALA A 54 -6.12 -13.06 -4.85
CA ALA A 54 -6.16 -12.03 -3.84
C ALA A 54 -7.48 -11.27 -3.89
N SER A 55 -7.69 -10.39 -2.92
CA SER A 55 -8.90 -9.60 -2.85
C SER A 55 -8.68 -8.24 -3.53
N ILE A 56 -9.17 -8.13 -4.75
CA ILE A 56 -9.06 -6.89 -5.52
C ILE A 56 -10.41 -6.19 -5.56
N LYS A 57 -10.45 -4.95 -5.11
CA LYS A 57 -11.67 -4.14 -5.17
C LYS A 57 -11.33 -2.72 -5.57
N ILE A 58 -12.28 -2.06 -6.22
CA ILE A 58 -12.16 -0.64 -6.47
C ILE A 58 -12.80 0.09 -5.29
N ALA A 59 -12.03 0.92 -4.61
CA ALA A 59 -12.49 1.60 -3.41
C ALA A 59 -13.62 2.57 -3.76
N PRO A 60 -14.79 2.40 -3.13
CA PRO A 60 -15.94 3.27 -3.33
C PRO A 60 -15.57 4.74 -3.20
N PRO A 61 -15.92 5.55 -4.21
CA PRO A 61 -15.59 6.98 -4.24
C PRO A 61 -15.97 7.69 -2.95
N GLU A 62 -14.98 8.36 -2.34
CA GLU A 62 -15.18 9.14 -1.13
C GLU A 62 -16.25 10.19 -1.38
N THR A 63 -16.20 10.76 -2.59
CA THR A 63 -17.20 11.69 -3.06
C THR A 63 -17.64 11.27 -4.46
N PRO A 64 -18.93 11.45 -4.78
CA PRO A 64 -19.51 10.99 -6.05
C PRO A 64 -18.86 11.64 -7.28
N ASP A 65 -18.11 12.71 -7.05
CA ASP A 65 -17.46 13.45 -8.12
C ASP A 65 -15.93 13.38 -7.97
N SER A 66 -15.47 12.42 -7.17
CA SER A 66 -14.04 12.29 -6.84
C SER A 66 -13.15 12.35 -8.07
N LYS A 67 -12.11 13.18 -8.00
CA LYS A 67 -11.16 13.35 -9.09
C LYS A 67 -10.27 12.12 -9.20
N VAL A 68 -10.23 11.33 -8.15
CA VAL A 68 -9.49 10.09 -8.16
C VAL A 68 -10.28 9.01 -7.44
N ARG A 69 -10.11 7.78 -7.88
CA ARG A 69 -10.72 6.64 -7.22
C ARG A 69 -9.62 5.66 -6.95
N MET A 70 -9.57 5.12 -5.75
CA MET A 70 -8.44 4.33 -5.36
C MET A 70 -8.75 2.84 -5.46
N VAL A 71 -7.75 2.06 -5.76
CA VAL A 71 -7.90 0.61 -5.78
C VAL A 71 -7.39 0.01 -4.48
N VAL A 72 -8.22 -0.80 -3.86
CA VAL A 72 -7.84 -1.49 -2.64
C VAL A 72 -7.50 -2.93 -2.95
N ILE A 73 -6.23 -3.27 -2.85
CA ILE A 73 -5.80 -4.62 -3.13
C ILE A 73 -5.21 -5.28 -1.88
N THR A 74 -5.71 -6.46 -1.57
CA THR A 74 -5.26 -7.23 -0.43
C THR A 74 -4.82 -8.62 -0.87
N GLY A 75 -3.52 -8.87 -0.81
CA GLY A 75 -3.01 -10.14 -1.26
C GLY A 75 -1.59 -10.38 -0.81
N PRO A 76 -1.13 -11.64 -0.85
CA PRO A 76 0.25 -11.99 -0.55
C PRO A 76 1.22 -11.30 -1.50
N PRO A 77 2.33 -10.76 -0.97
CA PRO A 77 3.31 -9.95 -1.73
C PRO A 77 3.60 -10.46 -3.15
N GLU A 78 3.90 -11.75 -3.28
CA GLU A 78 4.26 -12.32 -4.57
C GLU A 78 3.06 -12.33 -5.53
N ALA A 79 1.88 -12.57 -5.00
CA ALA A 79 0.67 -12.56 -5.80
C ALA A 79 0.27 -11.13 -6.13
N GLN A 80 0.59 -10.22 -5.21
CA GLN A 80 0.36 -8.80 -5.40
C GLN A 80 1.19 -8.28 -6.57
N PHE A 81 2.37 -8.87 -6.74
CA PHE A 81 3.29 -8.51 -7.80
C PHE A 81 2.62 -8.54 -9.18
N LYS A 82 2.02 -9.69 -9.52
CA LYS A 82 1.39 -9.84 -10.82
C LYS A 82 0.11 -9.03 -10.92
N ALA A 83 -0.60 -8.89 -9.80
CA ALA A 83 -1.82 -8.10 -9.76
C ALA A 83 -1.53 -6.62 -10.03
N GLN A 84 -0.49 -6.12 -9.38
CA GLN A 84 -0.11 -4.72 -9.49
C GLN A 84 0.49 -4.44 -10.88
N GLY A 85 1.16 -5.45 -11.43
CA GLY A 85 1.69 -5.32 -12.78
C GLY A 85 0.60 -5.00 -13.79
N ARG A 86 -0.59 -5.53 -13.54
CA ARG A 86 -1.73 -5.28 -14.41
C ARG A 86 -2.30 -3.88 -14.18
N ILE A 87 -2.13 -3.35 -12.97
CA ILE A 87 -2.69 -2.06 -12.63
C ILE A 87 -1.93 -0.95 -13.37
N TYR A 88 -0.61 -1.09 -13.48
CA TYR A 88 0.18 -0.15 -14.26
C TYR A 88 -0.12 -0.33 -15.75
N GLY A 89 -0.44 -1.57 -16.11
CA GLY A 89 -0.88 -1.87 -17.45
C GLY A 89 -2.13 -1.08 -17.82
N LYS A 90 -2.93 -0.74 -16.82
CA LYS A 90 -4.11 0.10 -17.02
C LYS A 90 -3.69 1.51 -17.40
N LEU A 91 -2.69 2.03 -16.68
CA LEU A 91 -2.11 3.32 -17.00
C LEU A 91 -1.50 3.31 -18.41
N LYS A 92 -0.83 2.21 -18.74
CA LYS A 92 -0.23 2.05 -20.06
C LYS A 92 -1.28 1.97 -21.17
N GLU A 93 -2.43 1.42 -20.84
CA GLU A 93 -3.51 1.20 -21.80
C GLU A 93 -3.85 2.48 -22.56
N GLU A 94 -4.01 3.57 -21.83
CA GLU A 94 -4.39 4.84 -22.43
C GLU A 94 -3.22 5.84 -22.40
N ASN A 95 -2.10 5.40 -21.84
CA ASN A 95 -0.88 6.22 -21.74
C ASN A 95 -1.14 7.55 -21.03
N PHE A 96 -1.90 7.50 -19.94
CA PHE A 96 -2.26 8.69 -19.18
C PHE A 96 -1.03 9.44 -18.69
N PHE A 97 -0.03 8.68 -18.27
CA PHE A 97 1.24 9.24 -17.79
C PHE A 97 1.98 9.95 -18.93
N GLY A 98 1.83 9.41 -20.13
CA GLY A 98 2.53 9.93 -21.29
C GLY A 98 2.80 8.85 -22.32
N PRO A 99 2.80 9.18 -23.62
CA PRO A 99 3.05 8.21 -24.69
C PRO A 99 4.42 7.52 -24.56
N LYS A 100 5.48 8.30 -24.47
CA LYS A 100 6.82 7.75 -24.37
C LYS A 100 7.37 7.87 -22.96
N GLU A 101 6.62 8.56 -22.11
CA GLU A 101 7.03 8.80 -20.74
C GLU A 101 7.19 7.50 -19.98
N GLU A 102 8.05 7.55 -18.97
CA GLU A 102 8.22 6.44 -18.05
C GLU A 102 6.90 6.21 -17.31
N VAL A 103 6.59 4.97 -16.98
CA VAL A 103 5.40 4.70 -16.20
C VAL A 103 5.46 5.44 -14.88
N LYS A 104 4.39 6.14 -14.59
CA LYS A 104 4.31 6.94 -13.39
C LYS A 104 2.95 6.76 -12.75
N LEU A 105 2.85 5.81 -11.84
CA LEU A 105 1.60 5.54 -11.16
C LEU A 105 1.77 5.84 -9.69
N GLU A 106 1.01 6.80 -9.21
CA GLU A 106 1.09 7.20 -7.81
C GLU A 106 0.37 6.19 -6.92
N THR A 107 1.11 5.50 -6.09
CA THR A 107 0.52 4.57 -5.16
C THR A 107 0.53 5.16 -3.76
N HIS A 108 -0.50 4.89 -2.97
CA HIS A 108 -0.59 5.44 -1.63
C HIS A 108 -0.52 4.32 -0.60
N ILE A 109 0.47 4.38 0.26
CA ILE A 109 0.58 3.40 1.33
C ILE A 109 0.24 4.05 2.66
N ARG A 110 -0.50 3.33 3.48
CA ARG A 110 -1.00 3.87 4.73
C ARG A 110 -0.01 3.59 5.85
N VAL A 111 0.49 4.66 6.45
CA VAL A 111 1.42 4.53 7.56
C VAL A 111 0.81 5.14 8.82
N PRO A 112 1.22 4.68 10.00
CA PRO A 112 0.81 5.30 11.27
C PRO A 112 1.22 6.77 11.31
N ALA A 113 0.40 7.58 11.95
CA ALA A 113 0.58 9.03 11.93
C ALA A 113 2.03 9.44 12.24
N SER A 114 2.55 8.93 13.35
CA SER A 114 3.89 9.29 13.81
C SER A 114 4.98 8.58 12.98
N ALA A 115 4.60 7.52 12.28
CA ALA A 115 5.56 6.73 11.51
C ALA A 115 6.04 7.50 10.28
N ALA A 116 5.23 8.44 9.82
CA ALA A 116 5.62 9.28 8.69
C ALA A 116 6.82 10.14 9.05
N GLY A 117 6.94 10.48 10.33
CA GLY A 117 8.08 11.24 10.79
C GLY A 117 9.33 10.38 10.93
N ARG A 118 9.11 9.07 11.10
CA ARG A 118 10.22 8.14 11.23
C ARG A 118 10.75 7.73 9.86
N VAL A 119 9.86 7.76 8.85
CA VAL A 119 10.25 7.35 7.51
C VAL A 119 11.05 8.44 6.81
N ILE A 120 10.76 9.70 7.12
CA ILE A 120 11.51 10.80 6.54
C ILE A 120 12.89 10.89 7.18
N GLY A 121 12.92 10.66 8.48
CA GLY A 121 14.16 10.73 9.21
C GLY A 121 14.32 12.08 9.86
N ASP A 122 15.08 12.14 10.95
CA ASP A 122 15.32 13.39 11.65
C ASP A 122 16.37 14.19 10.90
N ASP A 123 15.96 15.35 10.38
CA ASP A 123 16.83 16.19 9.55
C ASP A 123 17.22 15.48 8.25
N GLY A 124 16.40 14.50 7.86
CA GLY A 124 16.68 13.76 6.65
C GLY A 124 17.36 12.43 6.94
N LYS A 125 18.37 12.11 6.13
CA LYS A 125 19.19 10.90 6.30
C LYS A 125 18.42 9.63 5.93
N THR A 126 17.25 9.45 6.54
CA THR A 126 16.43 8.27 6.28
C THR A 126 15.85 8.30 4.86
N VAL A 127 15.49 9.49 4.39
CA VAL A 127 15.02 9.67 3.01
C VAL A 127 16.12 9.36 1.99
N ASN A 128 17.37 9.44 2.43
CA ASN A 128 18.51 9.14 1.57
C ASN A 128 18.46 7.68 1.12
N GLU A 129 17.96 6.81 1.99
CA GLU A 129 17.79 5.42 1.63
C GLU A 129 16.52 5.25 0.80
N LEU A 130 15.46 5.97 1.19
CA LEU A 130 14.17 5.81 0.55
C LEU A 130 14.22 6.01 -0.96
N GLN A 131 14.78 7.12 -1.41
CA GLN A 131 14.74 7.45 -2.83
C GLN A 131 15.85 6.76 -3.61
N ASN A 132 17.00 6.56 -2.98
CA ASN A 132 18.14 5.96 -3.64
C ASN A 132 17.92 4.47 -3.88
N LEU A 133 17.29 3.81 -2.92
CA LEU A 133 17.08 2.37 -3.00
C LEU A 133 15.84 2.03 -3.83
N THR A 134 14.73 2.73 -3.58
CA THR A 134 13.49 2.40 -4.25
C THR A 134 13.47 2.90 -5.69
N ALA A 135 14.23 3.98 -5.93
CA ALA A 135 14.28 4.65 -7.23
C ALA A 135 12.93 5.32 -7.53
N ALA A 136 12.12 5.46 -6.50
CA ALA A 136 10.79 6.05 -6.62
C ALA A 136 10.72 7.38 -5.91
N GLU A 137 9.62 8.09 -6.09
CA GLU A 137 9.39 9.35 -5.43
C GLU A 137 8.49 9.15 -4.23
N VAL A 138 9.06 9.30 -3.04
CA VAL A 138 8.33 9.11 -1.81
C VAL A 138 8.09 10.45 -1.13
N VAL A 139 6.86 10.92 -1.17
CA VAL A 139 6.53 12.22 -0.59
C VAL A 139 5.50 12.09 0.51
N VAL A 140 5.90 12.43 1.73
CA VAL A 140 4.99 12.50 2.86
C VAL A 140 4.47 13.93 3.01
N PRO A 141 3.19 14.15 2.73
CA PRO A 141 2.55 15.46 2.82
C PRO A 141 2.46 15.97 4.26
N ARG A 142 2.49 17.27 4.41
CA ARG A 142 2.37 17.90 5.72
C ARG A 142 0.90 17.97 6.11
N ASP A 143 0.56 17.30 7.22
CA ASP A 143 -0.82 17.23 7.71
C ASP A 143 -1.73 16.47 6.77
N GLN A 144 -1.94 15.20 7.07
CA GLN A 144 -2.84 14.36 6.30
C GLN A 144 -4.15 14.17 7.03
N THR A 145 -4.08 13.48 8.14
CA THR A 145 -5.23 13.19 8.97
C THR A 145 -4.84 13.18 10.44
N PRO A 146 -5.74 13.65 11.32
CA PRO A 146 -5.45 13.83 12.76
C PRO A 146 -5.25 12.50 13.49
N ASP A 147 -4.75 12.62 14.73
CA ASP A 147 -4.42 11.48 15.58
C ASP A 147 -5.63 10.59 15.84
N GLU A 148 -6.82 11.10 15.57
CA GLU A 148 -8.04 10.30 15.61
C GLU A 148 -7.90 9.07 14.71
N ASN A 149 -7.35 9.28 13.52
CA ASN A 149 -7.16 8.18 12.58
C ASN A 149 -5.81 7.51 12.86
N GLU A 150 -4.97 8.25 13.61
CA GLU A 150 -3.60 7.84 13.98
C GLU A 150 -2.83 7.31 12.79
N GLN A 151 -3.18 7.79 11.61
CA GLN A 151 -2.63 7.29 10.36
C GLN A 151 -2.49 8.45 9.38
N VAL A 152 -1.51 8.36 8.51
CA VAL A 152 -1.29 9.37 7.48
C VAL A 152 -0.96 8.71 6.14
N ILE A 153 -0.78 9.52 5.12
CA ILE A 153 -0.59 9.02 3.77
C ILE A 153 0.75 9.48 3.20
N VAL A 154 1.37 8.62 2.41
CA VAL A 154 2.52 8.99 1.61
C VAL A 154 2.38 8.45 0.20
N LYS A 155 2.77 9.28 -0.76
CA LYS A 155 2.57 8.98 -2.16
C LYS A 155 3.87 8.49 -2.78
N ILE A 156 3.77 7.41 -3.54
CA ILE A 156 4.91 6.87 -4.25
C ILE A 156 4.69 6.98 -5.74
N ILE A 157 5.49 7.82 -6.40
CA ILE A 157 5.37 8.01 -7.83
C ILE A 157 6.59 7.40 -8.53
N GLY A 158 6.36 6.64 -9.58
CA GLY A 158 7.46 6.03 -10.29
C GLY A 158 7.05 4.79 -11.05
N HIS A 159 8.04 3.95 -11.35
CA HIS A 159 7.82 2.73 -12.12
C HIS A 159 7.18 1.66 -11.25
N PHE A 160 6.66 0.61 -11.87
CA PHE A 160 6.00 -0.46 -11.13
C PHE A 160 6.98 -1.13 -10.17
N TYR A 161 8.15 -1.50 -10.70
CA TYR A 161 9.18 -2.15 -9.89
C TYR A 161 9.77 -1.18 -8.87
N ALA A 162 9.86 0.08 -9.25
CA ALA A 162 10.39 1.10 -8.35
C ALA A 162 9.41 1.36 -7.20
N SER A 163 8.16 1.57 -7.54
CA SER A 163 7.13 1.87 -6.56
C SER A 163 6.88 0.70 -5.63
N GLN A 164 6.89 -0.53 -6.15
CA GLN A 164 6.69 -1.70 -5.30
C GLN A 164 7.82 -1.84 -4.29
N MET A 165 9.04 -1.51 -4.71
CA MET A 165 10.19 -1.53 -3.81
C MET A 165 10.03 -0.46 -2.73
N ALA A 166 9.41 0.65 -3.09
CA ALA A 166 9.14 1.71 -2.14
C ALA A 166 8.05 1.30 -1.17
N GLN A 167 7.00 0.70 -1.71
CA GLN A 167 5.87 0.24 -0.91
C GLN A 167 6.34 -0.64 0.22
N ARG A 168 7.14 -1.65 -0.10
CA ARG A 168 7.63 -2.56 0.93
C ARG A 168 8.57 -1.86 1.89
N LYS A 169 9.32 -0.87 1.42
CA LYS A 169 10.31 -0.19 2.26
C LYS A 169 9.66 0.55 3.40
N ILE A 170 8.70 1.40 3.07
CA ILE A 170 8.03 2.21 4.07
C ILE A 170 7.10 1.34 4.93
N ARG A 171 6.34 0.46 4.29
CA ARG A 171 5.44 -0.44 5.00
C ARG A 171 6.22 -1.36 5.94
N ASP A 172 7.49 -1.60 5.62
CA ASP A 172 8.34 -2.49 6.41
C ASP A 172 8.68 -1.87 7.75
N ILE A 173 9.11 -0.61 7.73
CA ILE A 173 9.54 0.07 8.94
C ILE A 173 8.35 0.35 9.85
N LEU A 174 7.15 0.35 9.28
CA LEU A 174 5.93 0.52 10.07
C LEU A 174 5.84 -0.56 11.14
N ALA A 175 6.37 -1.75 10.83
CA ALA A 175 6.36 -2.85 11.78
C ALA A 175 7.20 -2.53 13.00
N GLN A 176 8.25 -1.73 12.80
CA GLN A 176 9.10 -1.30 13.90
C GLN A 176 8.33 -0.37 14.83
N VAL A 177 7.45 0.44 14.25
CA VAL A 177 6.61 1.34 15.03
C VAL A 177 5.50 0.55 15.73
N LYS A 178 5.12 -0.58 15.11
CA LYS A 178 4.19 -1.50 15.74
C LYS A 178 4.81 -2.10 16.99
N GLN A 179 6.08 -2.51 16.86
CA GLN A 179 6.82 -3.02 18.01
C GLN A 179 7.01 -1.92 19.06
N GLN A 180 7.15 -0.68 18.59
CA GLN A 180 7.23 0.47 19.50
C GLN A 180 5.93 0.61 20.30
N HIS A 181 4.81 0.26 19.67
CA HIS A 181 3.52 0.25 20.37
C HIS A 181 3.45 -0.92 21.36
N GLN A 182 4.05 -2.04 20.98
CA GLN A 182 4.08 -3.22 21.84
C GLN A 182 4.89 -2.93 23.11
N LYS A 183 6.07 -2.38 22.93
CA LYS A 183 6.91 -1.99 24.06
C LYS A 183 7.97 -0.99 23.61
N GLY A 184 8.74 -1.38 22.60
CA GLY A 184 9.78 -0.51 22.10
C GLY A 184 11.02 -1.29 21.70
N GLN A 185 11.17 -1.51 20.40
CA GLN A 185 12.33 -2.22 19.87
C GLN A 185 12.71 -1.69 18.50
N SER A 186 13.83 -0.99 18.45
CA SER A 186 14.33 -0.44 17.19
C SER A 186 15.51 -1.25 16.68
N GLY A 187 15.90 -2.25 17.45
CA GLY A 187 17.04 -3.07 17.09
C GLY A 187 18.23 -2.80 17.99
N GLN A 188 18.70 -1.56 17.98
CA GLN A 188 19.82 -1.17 18.82
C GLN A 188 19.34 -0.37 20.03
N LEU A 189 18.76 -1.06 21.00
CA LEU A 189 18.30 -0.41 22.21
C LEU A 189 19.44 -0.36 23.22
N GLN A 190 20.09 0.80 23.29
CA GLN A 190 21.27 0.99 24.14
C GLN A 190 22.34 -0.03 23.76
N ALA A 191 22.42 -0.34 22.46
CA ALA A 191 23.35 -1.34 21.94
C ALA A 191 23.18 -2.68 22.65
N GLY A 1 -18.55 -28.89 20.84
CA GLY A 1 -18.53 -29.69 19.58
C GLY A 1 -19.90 -30.23 19.24
N ALA A 2 -19.94 -31.10 18.24
CA ALA A 2 -21.19 -31.70 17.82
C ALA A 2 -21.31 -33.10 18.38
N MET A 3 -20.22 -33.84 18.30
CA MET A 3 -20.16 -35.19 18.84
C MET A 3 -18.95 -35.33 19.77
N GLY A 4 -19.12 -36.07 20.85
CA GLY A 4 -18.07 -36.22 21.83
C GLY A 4 -18.34 -37.37 22.79
N PRO A 5 -18.12 -38.61 22.35
CA PRO A 5 -18.33 -39.81 23.16
C PRO A 5 -17.20 -40.00 24.18
N SER A 6 -17.19 -39.14 25.20
CA SER A 6 -16.18 -39.14 26.26
C SER A 6 -14.84 -38.60 25.75
N SER A 7 -14.42 -39.07 24.59
CA SER A 7 -13.18 -38.64 23.98
C SER A 7 -13.47 -38.06 22.60
N VAL A 8 -12.57 -37.19 22.13
CA VAL A 8 -12.69 -36.62 20.80
C VAL A 8 -11.45 -36.95 19.99
N SER A 9 -11.65 -37.32 18.73
CA SER A 9 -10.54 -37.71 17.88
C SER A 9 -10.35 -36.70 16.76
N GLY A 10 -10.99 -35.55 16.89
CA GLY A 10 -10.90 -34.52 15.90
C GLY A 10 -9.58 -33.76 15.97
N ALA A 11 -9.08 -33.33 14.83
CA ALA A 11 -7.83 -32.59 14.77
C ALA A 11 -8.04 -31.12 15.09
N ALA A 12 -7.41 -30.67 16.16
CA ALA A 12 -7.45 -29.26 16.54
C ALA A 12 -6.36 -28.51 15.79
N PRO A 13 -6.69 -27.34 15.22
CA PRO A 13 -5.74 -26.55 14.44
C PRO A 13 -4.65 -25.92 15.32
N PHE A 14 -3.42 -26.39 15.15
CA PHE A 14 -2.29 -25.83 15.89
C PHE A 14 -1.41 -24.99 14.97
N SER A 15 -1.98 -24.58 13.85
CA SER A 15 -1.26 -23.81 12.85
C SER A 15 -1.08 -22.37 13.31
N SER A 16 0.11 -22.06 13.81
CA SER A 16 0.42 -20.71 14.26
C SER A 16 1.06 -19.91 13.14
N PHE A 17 0.69 -18.63 13.06
CA PHE A 17 1.26 -17.72 12.05
C PHE A 17 1.02 -18.24 10.64
N MET A 18 -0.22 -18.57 10.35
CA MET A 18 -0.60 -19.00 9.01
C MET A 18 -0.74 -17.80 8.07
N PRO A 19 -1.58 -16.80 8.41
CA PRO A 19 -1.72 -15.58 7.63
C PRO A 19 -0.89 -14.43 8.20
N PRO A 20 0.15 -14.00 7.49
CA PRO A 20 0.97 -12.85 7.88
C PRO A 20 0.28 -11.53 7.56
N GLU A 21 0.89 -10.42 7.97
CA GLU A 21 0.37 -9.09 7.68
C GLU A 21 0.42 -8.82 6.18
N GLN A 22 -0.75 -8.68 5.58
CA GLN A 22 -0.86 -8.48 4.15
C GLN A 22 -0.74 -7.01 3.80
N GLU A 23 -0.25 -6.74 2.60
CA GLU A 23 -0.07 -5.38 2.13
C GLU A 23 -1.38 -4.81 1.61
N THR A 24 -1.92 -3.86 2.34
CA THR A 24 -3.10 -3.12 1.91
C THR A 24 -2.67 -1.72 1.50
N VAL A 25 -2.69 -1.46 0.21
CA VAL A 25 -2.25 -0.17 -0.31
C VAL A 25 -3.28 0.36 -1.30
N HIS A 26 -3.24 1.67 -1.56
CA HIS A 26 -4.25 2.32 -2.38
C HIS A 26 -3.62 2.91 -3.64
N VAL A 27 -4.24 2.63 -4.79
CA VAL A 27 -3.68 3.07 -6.07
C VAL A 27 -4.42 4.31 -6.57
N PHE A 28 -3.68 5.28 -7.09
CA PHE A 28 -4.24 6.54 -7.56
C PHE A 28 -4.34 6.53 -9.09
N ILE A 29 -5.54 6.37 -9.62
CA ILE A 29 -5.71 6.34 -11.07
C ILE A 29 -6.87 7.24 -11.51
N PRO A 30 -6.57 8.17 -12.45
CA PRO A 30 -7.57 9.12 -12.98
C PRO A 30 -8.79 8.42 -13.55
N ALA A 31 -9.93 9.09 -13.44
CA ALA A 31 -11.24 8.53 -13.77
C ALA A 31 -11.33 8.05 -15.21
N GLN A 32 -10.49 8.60 -16.08
CA GLN A 32 -10.53 8.28 -17.50
C GLN A 32 -10.19 6.82 -17.78
N ALA A 33 -9.50 6.16 -16.86
CA ALA A 33 -9.06 4.81 -17.09
C ALA A 33 -9.60 3.86 -16.03
N VAL A 34 -9.83 4.38 -14.82
CA VAL A 34 -10.32 3.53 -13.72
C VAL A 34 -11.63 2.87 -14.12
N GLY A 35 -12.37 3.54 -14.99
CA GLY A 35 -13.60 2.98 -15.49
C GLY A 35 -13.36 1.66 -16.19
N ALA A 36 -12.48 1.68 -17.16
CA ALA A 36 -12.20 0.51 -17.96
C ALA A 36 -11.38 -0.50 -17.15
N ILE A 37 -10.83 -0.04 -16.02
CA ILE A 37 -10.11 -0.92 -15.12
C ILE A 37 -11.05 -1.93 -14.50
N ILE A 38 -12.26 -1.50 -14.20
CA ILE A 38 -13.29 -2.42 -13.71
C ILE A 38 -13.69 -3.41 -14.81
N GLY A 39 -13.87 -2.91 -16.03
CA GLY A 39 -14.14 -3.78 -17.17
C GLY A 39 -15.59 -4.16 -17.30
N LYS A 40 -15.88 -5.07 -18.24
CA LYS A 40 -17.25 -5.53 -18.54
C LYS A 40 -18.03 -5.91 -17.28
N LYS A 41 -18.73 -4.93 -16.72
CA LYS A 41 -19.46 -5.06 -15.46
C LYS A 41 -18.59 -5.67 -14.37
N GLY A 42 -17.32 -5.31 -14.35
CA GLY A 42 -16.42 -5.83 -13.35
C GLY A 42 -15.88 -7.21 -13.71
N GLN A 43 -15.81 -7.48 -15.01
CA GLN A 43 -15.31 -8.76 -15.53
C GLN A 43 -13.90 -9.08 -15.01
N HIS A 44 -12.91 -8.36 -15.52
CA HIS A 44 -11.53 -8.67 -15.22
C HIS A 44 -11.12 -8.22 -13.82
N ILE A 45 -11.86 -7.27 -13.24
CA ILE A 45 -11.54 -6.78 -11.91
C ILE A 45 -11.81 -7.86 -10.86
N LYS A 46 -12.87 -8.65 -11.04
CA LYS A 46 -13.16 -9.73 -10.11
C LYS A 46 -12.33 -10.96 -10.43
N GLN A 47 -11.87 -11.05 -11.66
CA GLN A 47 -10.94 -12.11 -12.05
C GLN A 47 -9.58 -11.85 -11.39
N LEU A 48 -9.28 -10.57 -11.19
CA LEU A 48 -8.07 -10.13 -10.50
C LEU A 48 -7.96 -10.86 -9.15
N SER A 49 -9.03 -10.83 -8.38
CA SER A 49 -9.07 -11.49 -7.07
C SER A 49 -8.92 -13.01 -7.18
N ARG A 50 -9.25 -13.56 -8.34
CA ARG A 50 -9.16 -15.01 -8.54
C ARG A 50 -7.72 -15.48 -8.69
N PHE A 51 -6.97 -14.86 -9.59
CA PHE A 51 -5.63 -15.34 -9.90
C PHE A 51 -4.60 -14.80 -8.91
N ALA A 52 -4.91 -13.69 -8.26
CA ALA A 52 -4.01 -13.12 -7.28
C ALA A 52 -4.36 -13.57 -5.86
N SER A 53 -5.58 -14.09 -5.72
CA SER A 53 -6.11 -14.56 -4.43
C SER A 53 -6.07 -13.44 -3.39
N ALA A 54 -6.12 -12.21 -3.86
CA ALA A 54 -6.07 -11.05 -3.01
C ALA A 54 -7.46 -10.41 -2.93
N SER A 55 -7.61 -9.44 -2.05
CA SER A 55 -8.87 -8.73 -1.91
C SER A 55 -8.85 -7.45 -2.73
N ILE A 56 -9.58 -7.44 -3.84
CA ILE A 56 -9.60 -6.31 -4.76
C ILE A 56 -10.93 -5.56 -4.67
N LYS A 57 -10.85 -4.28 -4.34
CA LYS A 57 -12.02 -3.42 -4.31
C LYS A 57 -11.68 -2.04 -4.87
N ILE A 58 -12.68 -1.34 -5.37
CA ILE A 58 -12.48 0.03 -5.82
C ILE A 58 -12.96 1.00 -4.74
N ALA A 59 -12.10 1.96 -4.39
CA ALA A 59 -12.39 2.90 -3.32
C ALA A 59 -13.29 4.04 -3.80
N PRO A 60 -14.48 4.18 -3.22
CA PRO A 60 -15.40 5.26 -3.54
C PRO A 60 -14.93 6.60 -2.97
N PRO A 61 -14.81 7.62 -3.83
CA PRO A 61 -14.44 8.97 -3.39
C PRO A 61 -15.63 9.72 -2.80
N GLU A 62 -15.37 10.79 -2.07
CA GLU A 62 -16.45 11.56 -1.45
C GLU A 62 -17.40 12.09 -2.52
N THR A 63 -16.85 12.85 -3.46
CA THR A 63 -17.64 13.44 -4.52
C THR A 63 -17.18 12.93 -5.89
N PRO A 64 -18.13 12.79 -6.84
CA PRO A 64 -17.83 12.34 -8.21
C PRO A 64 -17.04 13.37 -9.00
N ASP A 65 -16.72 14.50 -8.38
CA ASP A 65 -15.94 15.55 -9.02
C ASP A 65 -14.45 15.33 -8.82
N SER A 66 -14.09 14.14 -8.38
CA SER A 66 -12.70 13.77 -8.26
C SER A 66 -12.18 13.32 -9.62
N LYS A 67 -11.01 13.82 -10.00
CA LYS A 67 -10.39 13.51 -11.27
C LYS A 67 -9.81 12.09 -11.23
N VAL A 68 -9.67 11.57 -10.03
CA VAL A 68 -9.02 10.29 -9.82
C VAL A 68 -9.80 9.45 -8.79
N ARG A 69 -9.76 8.15 -8.96
CA ARG A 69 -10.40 7.24 -8.03
C ARG A 69 -9.36 6.23 -7.55
N MET A 70 -9.43 5.84 -6.30
CA MET A 70 -8.40 4.98 -5.73
C MET A 70 -8.83 3.52 -5.74
N VAL A 71 -7.85 2.64 -5.86
CA VAL A 71 -8.08 1.21 -5.77
C VAL A 71 -7.57 0.69 -4.44
N VAL A 72 -8.34 -0.19 -3.82
CA VAL A 72 -7.95 -0.79 -2.56
C VAL A 72 -7.65 -2.27 -2.75
N ILE A 73 -6.39 -2.63 -2.67
CA ILE A 73 -6.02 -4.02 -2.84
C ILE A 73 -5.22 -4.53 -1.64
N THR A 74 -5.50 -5.77 -1.25
CA THR A 74 -4.82 -6.40 -0.14
C THR A 74 -4.35 -7.79 -0.53
N GLY A 75 -3.03 -7.98 -0.58
CA GLY A 75 -2.48 -9.25 -1.01
C GLY A 75 -1.01 -9.37 -0.67
N PRO A 76 -0.48 -10.61 -0.68
CA PRO A 76 0.95 -10.86 -0.46
C PRO A 76 1.78 -10.33 -1.62
N PRO A 77 2.95 -9.74 -1.29
CA PRO A 77 3.83 -9.04 -2.23
C PRO A 77 4.09 -9.76 -3.55
N GLU A 78 4.20 -11.09 -3.50
CA GLU A 78 4.47 -11.87 -4.70
C GLU A 78 3.24 -11.91 -5.61
N ALA A 79 2.07 -12.03 -5.01
CA ALA A 79 0.82 -12.00 -5.75
C ALA A 79 0.50 -10.58 -6.18
N GLN A 80 0.94 -9.63 -5.38
CA GLN A 80 0.74 -8.21 -5.66
C GLN A 80 1.48 -7.81 -6.93
N PHE A 81 2.64 -8.42 -7.14
CA PHE A 81 3.48 -8.17 -8.32
C PHE A 81 2.68 -8.36 -9.61
N LYS A 82 2.01 -9.49 -9.73
CA LYS A 82 1.26 -9.79 -10.95
C LYS A 82 -0.01 -8.94 -11.05
N ALA A 83 -0.61 -8.64 -9.90
CA ALA A 83 -1.83 -7.85 -9.86
C ALA A 83 -1.57 -6.41 -10.31
N GLN A 84 -0.60 -5.78 -9.66
CA GLN A 84 -0.25 -4.38 -9.95
C GLN A 84 0.31 -4.23 -11.35
N GLY A 85 0.96 -5.29 -11.84
CA GLY A 85 1.49 -5.28 -13.19
C GLY A 85 0.45 -4.93 -14.23
N ARG A 86 -0.79 -5.38 -14.02
CA ARG A 86 -1.88 -5.08 -14.93
C ARG A 86 -2.36 -3.64 -14.75
N ILE A 87 -2.43 -3.20 -13.49
CA ILE A 87 -2.92 -1.87 -13.19
C ILE A 87 -1.97 -0.81 -13.77
N TYR A 88 -0.66 -1.07 -13.70
CA TYR A 88 0.30 -0.18 -14.35
C TYR A 88 0.22 -0.29 -15.87
N GLY A 89 -0.23 -1.44 -16.36
CA GLY A 89 -0.42 -1.63 -17.79
C GLY A 89 -1.37 -0.60 -18.39
N LYS A 90 -2.45 -0.31 -17.67
CA LYS A 90 -3.45 0.66 -18.14
C LYS A 90 -2.84 2.07 -18.19
N LEU A 91 -1.80 2.31 -17.39
CA LEU A 91 -1.09 3.59 -17.39
C LEU A 91 -0.55 3.90 -18.78
N LYS A 92 0.14 2.93 -19.34
CA LYS A 92 0.70 3.03 -20.68
C LYS A 92 -0.40 2.91 -21.71
N GLU A 93 -1.36 2.04 -21.43
CA GLU A 93 -2.47 1.76 -22.34
C GLU A 93 -3.28 3.01 -22.64
N GLU A 94 -3.47 3.87 -21.64
CA GLU A 94 -4.28 5.06 -21.82
C GLU A 94 -3.44 6.29 -22.12
N ASN A 95 -2.14 6.05 -22.35
CA ASN A 95 -1.21 7.11 -22.75
C ASN A 95 -1.21 8.27 -21.76
N PHE A 96 -1.39 7.95 -20.47
CA PHE A 96 -1.29 8.97 -19.43
C PHE A 96 0.15 9.39 -19.27
N PHE A 97 1.05 8.49 -19.65
CA PHE A 97 2.49 8.74 -19.58
C PHE A 97 3.09 8.58 -20.96
N GLY A 98 2.70 7.52 -21.62
CA GLY A 98 3.22 7.21 -22.93
C GLY A 98 3.55 5.73 -23.05
N PRO A 99 3.38 5.14 -24.24
CA PRO A 99 3.64 3.71 -24.45
C PRO A 99 5.11 3.35 -24.26
N LYS A 100 6.00 4.27 -24.65
CA LYS A 100 7.43 4.03 -24.55
C LYS A 100 8.05 4.86 -23.44
N GLU A 101 7.21 5.61 -22.76
CA GLU A 101 7.65 6.53 -21.72
C GLU A 101 7.75 5.84 -20.37
N GLU A 102 8.57 6.39 -19.48
CA GLU A 102 8.71 5.87 -18.13
C GLU A 102 7.39 5.99 -17.38
N VAL A 103 7.00 4.91 -16.72
CA VAL A 103 5.83 4.96 -15.87
C VAL A 103 6.16 5.59 -14.54
N LYS A 104 5.37 6.56 -14.14
CA LYS A 104 5.49 7.19 -12.85
C LYS A 104 4.10 7.42 -12.28
N LEU A 105 3.60 6.44 -11.56
CA LEU A 105 2.22 6.42 -11.15
C LEU A 105 2.10 6.63 -9.65
N GLU A 106 1.24 7.57 -9.28
CA GLU A 106 0.99 7.92 -7.89
C GLU A 106 0.36 6.75 -7.12
N THR A 107 1.06 6.28 -6.11
CA THR A 107 0.54 5.21 -5.27
C THR A 107 0.57 5.63 -3.80
N HIS A 108 -0.61 5.75 -3.20
CA HIS A 108 -0.70 6.21 -1.82
C HIS A 108 -0.88 5.04 -0.88
N ILE A 109 0.05 4.88 0.05
CA ILE A 109 -0.06 3.84 1.05
C ILE A 109 -0.34 4.45 2.42
N ARG A 110 -1.06 3.71 3.24
CA ARG A 110 -1.39 4.18 4.57
C ARG A 110 -0.40 3.62 5.59
N VAL A 111 0.28 4.51 6.27
CA VAL A 111 1.22 4.12 7.32
C VAL A 111 0.68 4.56 8.67
N PRO A 112 1.04 3.86 9.75
CA PRO A 112 0.65 4.25 11.10
C PRO A 112 1.10 5.67 11.40
N ALA A 113 0.32 6.36 12.22
CA ALA A 113 0.54 7.77 12.45
C ALA A 113 2.00 8.09 12.82
N SER A 114 2.53 7.38 13.80
CA SER A 114 3.90 7.60 14.26
C SER A 114 4.92 7.09 13.25
N ALA A 115 4.53 6.11 12.44
CA ALA A 115 5.43 5.52 11.46
C ALA A 115 5.76 6.51 10.36
N ALA A 116 4.85 7.45 10.13
CA ALA A 116 5.07 8.48 9.12
C ALA A 116 6.25 9.38 9.50
N GLY A 117 6.49 9.52 10.79
CA GLY A 117 7.61 10.31 11.25
C GLY A 117 8.91 9.52 11.20
N ARG A 118 8.80 8.20 11.15
CA ARG A 118 9.98 7.35 11.10
C ARG A 118 10.39 7.04 9.66
N VAL A 119 9.45 7.22 8.73
CA VAL A 119 9.73 6.98 7.32
C VAL A 119 10.69 8.04 6.78
N ILE A 120 10.63 9.23 7.37
CA ILE A 120 11.55 10.30 7.01
C ILE A 120 12.84 10.18 7.81
N GLY A 121 12.71 9.73 9.06
CA GLY A 121 13.87 9.56 9.91
C GLY A 121 13.80 10.45 11.13
N ASP A 122 14.48 10.05 12.20
CA ASP A 122 14.50 10.82 13.44
C ASP A 122 14.99 12.23 13.18
N ASP A 123 15.92 12.37 12.26
CA ASP A 123 16.40 13.67 11.82
C ASP A 123 16.65 13.65 10.31
N GLY A 124 15.67 13.12 9.58
CA GLY A 124 15.80 13.03 8.14
C GLY A 124 16.66 11.85 7.71
N LYS A 125 17.26 11.95 6.52
CA LYS A 125 18.17 10.93 6.00
C LYS A 125 17.45 9.65 5.55
N THR A 126 16.58 9.11 6.40
CA THR A 126 15.91 7.85 6.12
C THR A 126 15.06 7.91 4.85
N VAL A 127 14.29 8.97 4.70
CA VAL A 127 13.40 9.12 3.54
C VAL A 127 14.21 9.22 2.25
N ASN A 128 15.31 9.96 2.29
CA ASN A 128 16.17 10.12 1.12
C ASN A 128 16.86 8.81 0.80
N GLU A 129 17.17 8.06 1.85
CA GLU A 129 17.75 6.73 1.71
C GLU A 129 16.75 5.81 1.03
N LEU A 130 15.49 5.91 1.42
CA LEU A 130 14.42 5.15 0.78
C LEU A 130 14.34 5.47 -0.70
N GLN A 131 14.31 6.76 -1.02
CA GLN A 131 14.19 7.22 -2.41
C GLN A 131 15.39 6.79 -3.23
N ASN A 132 16.57 6.86 -2.64
CA ASN A 132 17.81 6.52 -3.33
C ASN A 132 17.88 5.03 -3.63
N LEU A 133 17.23 4.23 -2.81
CA LEU A 133 17.29 2.78 -2.96
C LEU A 133 16.12 2.27 -3.82
N THR A 134 14.93 2.80 -3.58
CA THR A 134 13.74 2.31 -4.25
C THR A 134 13.55 2.97 -5.61
N ALA A 135 14.19 4.13 -5.79
CA ALA A 135 14.07 4.92 -7.02
C ALA A 135 12.67 5.48 -7.18
N ALA A 136 11.94 5.55 -6.08
CA ALA A 136 10.59 6.06 -6.07
C ALA A 136 10.50 7.29 -5.18
N GLU A 137 9.50 8.12 -5.43
CA GLU A 137 9.31 9.32 -4.62
C GLU A 137 8.47 9.01 -3.42
N VAL A 138 9.09 9.04 -2.25
CA VAL A 138 8.42 8.75 -1.00
C VAL A 138 8.27 10.05 -0.20
N VAL A 139 7.06 10.57 -0.14
CA VAL A 139 6.82 11.82 0.56
C VAL A 139 5.62 11.71 1.50
N VAL A 140 5.88 11.95 2.77
CA VAL A 140 4.83 11.95 3.78
C VAL A 140 4.42 13.40 4.10
N PRO A 141 3.18 13.78 3.77
CA PRO A 141 2.65 15.09 4.09
C PRO A 141 2.61 15.31 5.60
N ARG A 142 3.21 16.40 6.06
CA ARG A 142 3.20 16.73 7.47
C ARG A 142 1.92 17.47 7.82
N ASP A 143 1.25 17.93 6.78
CA ASP A 143 -0.08 18.51 6.91
C ASP A 143 -1.11 17.53 6.36
N GLN A 144 -1.13 16.36 6.96
CA GLN A 144 -1.93 15.25 6.51
C GLN A 144 -3.19 15.13 7.36
N THR A 145 -4.10 14.26 6.94
CA THR A 145 -5.30 13.94 7.70
C THR A 145 -5.02 13.69 9.17
N PRO A 146 -6.03 13.92 10.03
CA PRO A 146 -5.90 13.81 11.49
C PRO A 146 -5.36 12.45 11.93
N ASP A 147 -4.72 12.44 13.10
CA ASP A 147 -4.15 11.23 13.66
C ASP A 147 -5.23 10.37 14.31
N GLU A 148 -6.48 10.76 14.07
CA GLU A 148 -7.65 10.00 14.51
C GLU A 148 -7.57 8.56 14.04
N ASN A 149 -7.17 8.40 12.79
CA ASN A 149 -7.12 7.09 12.13
C ASN A 149 -5.86 6.32 12.56
N GLU A 150 -5.06 6.94 13.44
CA GLU A 150 -3.73 6.45 13.84
C GLU A 150 -2.92 6.03 12.60
N GLN A 151 -3.21 6.68 11.48
CA GLN A 151 -2.70 6.25 10.20
C GLN A 151 -2.86 7.36 9.17
N VAL A 152 -1.78 7.66 8.46
CA VAL A 152 -1.75 8.77 7.52
C VAL A 152 -1.25 8.31 6.15
N ILE A 153 -1.11 9.25 5.23
CA ILE A 153 -0.74 8.94 3.85
C ILE A 153 0.71 9.30 3.55
N VAL A 154 1.34 8.46 2.76
CA VAL A 154 2.60 8.80 2.11
C VAL A 154 2.55 8.37 0.65
N LYS A 155 3.08 9.20 -0.21
CA LYS A 155 2.96 9.01 -1.65
C LYS A 155 4.18 8.28 -2.19
N ILE A 156 3.95 7.45 -3.18
CA ILE A 156 5.03 6.78 -3.88
C ILE A 156 4.83 6.93 -5.39
N ILE A 157 5.71 7.71 -6.02
CA ILE A 157 5.64 7.91 -7.45
C ILE A 157 6.94 7.43 -8.09
N GLY A 158 6.85 6.45 -8.96
CA GLY A 158 8.05 5.85 -9.52
C GLY A 158 7.74 4.90 -10.64
N HIS A 159 8.74 4.16 -11.08
CA HIS A 159 8.58 3.21 -12.18
C HIS A 159 7.96 1.92 -11.65
N PHE A 160 7.55 1.03 -12.56
CA PHE A 160 6.83 -0.19 -12.17
C PHE A 160 7.58 -0.99 -11.11
N TYR A 161 8.88 -1.16 -11.29
CA TYR A 161 9.71 -1.89 -10.33
C TYR A 161 9.96 -1.05 -9.09
N ALA A 162 10.06 0.26 -9.29
CA ALA A 162 10.42 1.18 -8.22
C ALA A 162 9.29 1.31 -7.20
N SER A 163 8.08 1.56 -7.69
CA SER A 163 6.92 1.70 -6.83
C SER A 163 6.70 0.43 -6.02
N GLN A 164 6.74 -0.72 -6.68
CA GLN A 164 6.52 -2.00 -6.02
C GLN A 164 7.57 -2.27 -4.94
N MET A 165 8.78 -1.79 -5.16
CA MET A 165 9.83 -1.91 -4.14
C MET A 165 9.53 -1.02 -2.96
N ALA A 166 9.21 0.24 -3.24
CA ALA A 166 8.95 1.22 -2.20
C ALA A 166 7.73 0.84 -1.36
N GLN A 167 6.68 0.37 -2.01
CA GLN A 167 5.45 -0.02 -1.33
C GLN A 167 5.74 -0.98 -0.18
N ARG A 168 6.42 -2.08 -0.48
CA ARG A 168 6.75 -3.08 0.52
C ARG A 168 7.89 -2.62 1.44
N LYS A 169 8.81 -1.81 0.93
CA LYS A 169 9.97 -1.38 1.71
C LYS A 169 9.54 -0.39 2.80
N ILE A 170 8.59 0.48 2.50
CA ILE A 170 8.05 1.36 3.52
C ILE A 170 7.13 0.58 4.46
N ARG A 171 6.29 -0.27 3.88
CA ARG A 171 5.43 -1.17 4.67
C ARG A 171 6.25 -2.00 5.65
N ASP A 172 7.52 -2.20 5.31
CA ASP A 172 8.47 -2.94 6.14
C ASP A 172 8.70 -2.23 7.47
N ILE A 173 9.10 -0.97 7.41
CA ILE A 173 9.42 -0.22 8.62
C ILE A 173 8.18 0.01 9.47
N LEU A 174 7.01 -0.04 8.84
CA LEU A 174 5.74 0.07 9.53
C LEU A 174 5.63 -0.98 10.63
N ALA A 175 6.05 -2.21 10.32
CA ALA A 175 6.03 -3.30 11.28
C ALA A 175 7.04 -3.04 12.39
N GLN A 176 8.17 -2.44 12.01
CA GLN A 176 9.23 -2.12 12.95
C GLN A 176 8.80 -1.04 13.95
N VAL A 177 7.95 -0.13 13.50
CA VAL A 177 7.44 0.93 14.37
C VAL A 177 6.43 0.36 15.37
N LYS A 178 5.61 -0.58 14.91
CA LYS A 178 4.62 -1.22 15.77
C LYS A 178 5.29 -2.12 16.81
N GLN A 179 6.59 -2.36 16.65
CA GLN A 179 7.35 -3.19 17.59
C GLN A 179 7.50 -2.49 18.93
N GLN A 180 7.15 -1.20 18.97
CA GLN A 180 7.24 -0.39 20.18
C GLN A 180 6.44 -0.99 21.33
N HIS A 181 5.44 -1.81 20.99
CA HIS A 181 4.58 -2.42 22.00
C HIS A 181 5.21 -3.68 22.56
N GLN A 182 6.09 -4.29 21.78
CA GLN A 182 6.81 -5.48 22.22
C GLN A 182 8.05 -5.07 22.99
N LYS A 183 8.84 -4.18 22.41
CA LYS A 183 10.05 -3.69 23.05
C LYS A 183 10.30 -2.25 22.65
N GLY A 184 10.56 -1.40 23.63
CA GLY A 184 10.82 -0.01 23.36
C GLY A 184 11.69 0.61 24.43
N GLN A 185 12.24 1.78 24.13
CA GLN A 185 13.06 2.51 25.10
C GLN A 185 12.17 3.36 26.00
N SER A 186 11.28 2.69 26.73
CA SER A 186 10.29 3.35 27.56
C SER A 186 10.96 4.11 28.71
N GLY A 187 11.58 3.36 29.61
CA GLY A 187 12.20 3.97 30.78
C GLY A 187 13.33 3.14 31.32
N GLN A 188 14.48 3.78 31.53
CA GLN A 188 15.66 3.10 32.05
C GLN A 188 16.08 3.71 33.38
N LEU A 189 15.10 4.04 34.19
CA LEU A 189 15.35 4.64 35.51
C LEU A 189 15.70 3.56 36.52
N GLN A 190 15.84 2.34 36.04
CA GLN A 190 16.15 1.19 36.88
C GLN A 190 17.65 1.13 37.16
N ALA A 191 18.17 2.16 37.79
CA ALA A 191 19.60 2.24 38.10
C ALA A 191 19.85 3.18 39.26
N GLY A 1 -21.88 -32.24 9.72
CA GLY A 1 -21.96 -32.49 8.26
C GLY A 1 -20.69 -33.11 7.72
N ALA A 2 -20.43 -32.94 6.45
CA ALA A 2 -19.23 -33.47 5.82
C ALA A 2 -18.67 -32.49 4.80
N MET A 3 -19.56 -31.81 4.10
CA MET A 3 -19.16 -30.88 3.05
C MET A 3 -19.02 -29.46 3.58
N GLY A 4 -17.80 -28.93 3.51
CA GLY A 4 -17.57 -27.54 3.84
C GLY A 4 -17.34 -27.30 5.33
N PRO A 5 -18.00 -26.29 5.89
CA PRO A 5 -17.79 -25.86 7.28
C PRO A 5 -18.43 -26.79 8.30
N SER A 6 -17.84 -27.96 8.50
CA SER A 6 -18.30 -28.87 9.53
C SER A 6 -17.23 -28.99 10.61
N SER A 7 -16.00 -29.29 10.21
CA SER A 7 -14.90 -29.44 11.16
C SER A 7 -13.89 -28.31 11.01
N VAL A 8 -14.39 -27.09 10.84
CA VAL A 8 -13.53 -25.92 10.66
C VAL A 8 -13.29 -25.21 11.99
N SER A 9 -13.95 -25.68 13.04
CA SER A 9 -13.85 -25.06 14.35
C SER A 9 -12.77 -25.74 15.19
N GLY A 10 -12.17 -26.78 14.64
CA GLY A 10 -11.12 -27.49 15.34
C GLY A 10 -9.75 -27.04 14.90
N ALA A 11 -8.91 -26.67 15.87
CA ALA A 11 -7.56 -26.20 15.57
C ALA A 11 -6.61 -27.38 15.43
N ALA A 12 -6.84 -28.19 14.41
CA ALA A 12 -5.98 -29.34 14.13
C ALA A 12 -5.58 -29.38 12.65
N PRO A 13 -6.55 -29.41 11.70
CA PRO A 13 -6.23 -29.46 10.27
C PRO A 13 -5.69 -28.13 9.75
N PHE A 14 -6.25 -27.04 10.24
CA PHE A 14 -5.86 -25.71 9.77
C PHE A 14 -5.19 -24.91 10.89
N SER A 15 -4.57 -23.80 10.53
CA SER A 15 -3.90 -22.94 11.49
C SER A 15 -3.96 -21.49 11.05
N SER A 16 -4.62 -20.65 11.84
CA SER A 16 -4.74 -19.24 11.57
C SER A 16 -3.62 -18.49 12.31
N PHE A 17 -2.39 -18.77 11.92
CA PHE A 17 -1.23 -18.30 12.67
C PHE A 17 -0.54 -17.11 12.00
N MET A 18 -0.85 -16.87 10.73
CA MET A 18 -0.14 -15.83 9.98
C MET A 18 -1.09 -14.82 9.33
N PRO A 19 -1.64 -13.88 10.12
CA PRO A 19 -2.47 -12.79 9.61
C PRO A 19 -1.72 -11.78 8.71
N PRO A 20 -0.61 -11.15 9.17
CA PRO A 20 0.03 -10.04 8.45
C PRO A 20 0.96 -10.50 7.33
N GLU A 21 0.42 -11.20 6.35
CA GLU A 21 1.18 -11.56 5.16
C GLU A 21 0.71 -10.69 3.99
N GLN A 22 -0.48 -10.11 4.13
CA GLN A 22 -1.08 -9.32 3.08
C GLN A 22 -0.92 -7.83 3.37
N GLU A 23 -0.72 -7.06 2.31
CA GLU A 23 -0.62 -5.61 2.41
C GLU A 23 -1.92 -4.95 1.96
N THR A 24 -2.42 -4.01 2.75
CA THR A 24 -3.55 -3.20 2.34
C THR A 24 -3.05 -1.84 1.87
N VAL A 25 -3.07 -1.61 0.57
CA VAL A 25 -2.51 -0.41 0.00
C VAL A 25 -3.44 0.18 -1.08
N HIS A 26 -3.46 1.52 -1.20
CA HIS A 26 -4.37 2.18 -2.13
C HIS A 26 -3.60 2.66 -3.35
N VAL A 27 -4.09 2.31 -4.54
CA VAL A 27 -3.42 2.72 -5.76
C VAL A 27 -4.26 3.78 -6.46
N PHE A 28 -3.59 4.76 -7.07
CA PHE A 28 -4.27 5.89 -7.68
C PHE A 28 -4.41 5.73 -9.19
N ILE A 29 -5.65 5.58 -9.64
CA ILE A 29 -5.92 5.49 -11.07
C ILE A 29 -6.99 6.50 -11.47
N PRO A 30 -6.63 7.41 -12.41
CA PRO A 30 -7.53 8.47 -12.90
C PRO A 30 -8.88 7.93 -13.36
N ALA A 31 -9.91 8.71 -13.11
CA ALA A 31 -11.31 8.31 -13.34
C ALA A 31 -11.57 7.96 -14.80
N GLN A 32 -10.74 8.48 -15.70
CA GLN A 32 -10.91 8.25 -17.12
C GLN A 32 -10.27 6.94 -17.55
N ALA A 33 -9.68 6.21 -16.61
CA ALA A 33 -9.14 4.90 -16.90
C ALA A 33 -9.73 3.87 -15.96
N VAL A 34 -10.01 4.28 -14.71
CA VAL A 34 -10.55 3.37 -13.71
C VAL A 34 -11.84 2.75 -14.21
N GLY A 35 -12.52 3.47 -15.10
CA GLY A 35 -13.72 2.97 -15.69
C GLY A 35 -13.47 1.66 -16.40
N ALA A 36 -12.56 1.69 -17.34
CA ALA A 36 -12.29 0.54 -18.17
C ALA A 36 -11.47 -0.51 -17.43
N ILE A 37 -10.87 -0.10 -16.31
CA ILE A 37 -10.12 -1.02 -15.46
C ILE A 37 -11.06 -2.06 -14.86
N ILE A 38 -12.24 -1.61 -14.48
CA ILE A 38 -13.30 -2.51 -14.04
C ILE A 38 -13.73 -3.40 -15.21
N GLY A 39 -13.90 -2.78 -16.38
CA GLY A 39 -13.96 -3.52 -17.63
C GLY A 39 -15.20 -4.36 -17.85
N LYS A 40 -16.10 -3.83 -18.71
CA LYS A 40 -17.24 -4.58 -19.27
C LYS A 40 -17.95 -5.48 -18.26
N LYS A 41 -19.05 -4.96 -17.72
CA LYS A 41 -19.88 -5.66 -16.72
C LYS A 41 -19.22 -5.63 -15.34
N GLY A 42 -17.90 -5.46 -15.32
CA GLY A 42 -17.17 -5.44 -14.07
C GLY A 42 -16.66 -6.81 -13.70
N GLN A 43 -16.50 -7.68 -14.70
CA GLN A 43 -16.02 -9.03 -14.45
C GLN A 43 -14.51 -9.08 -14.48
N HIS A 44 -13.88 -8.14 -15.18
CA HIS A 44 -12.42 -8.14 -15.31
C HIS A 44 -11.77 -7.86 -13.97
N ILE A 45 -12.30 -6.88 -13.25
CA ILE A 45 -11.75 -6.47 -11.97
C ILE A 45 -11.80 -7.59 -10.94
N LYS A 46 -12.95 -8.24 -10.80
CA LYS A 46 -13.12 -9.26 -9.76
C LYS A 46 -12.46 -10.56 -10.18
N GLN A 47 -12.26 -10.73 -11.49
CA GLN A 47 -11.50 -11.86 -12.01
C GLN A 47 -10.04 -11.70 -11.62
N LEU A 48 -9.57 -10.46 -11.62
CA LEU A 48 -8.21 -10.13 -11.22
C LEU A 48 -7.95 -10.63 -9.82
N SER A 49 -8.94 -10.46 -8.95
CA SER A 49 -8.85 -10.90 -7.56
C SER A 49 -8.53 -12.39 -7.47
N ARG A 50 -9.12 -13.17 -8.37
CA ARG A 50 -8.98 -14.61 -8.34
C ARG A 50 -7.58 -15.07 -8.74
N PHE A 51 -7.07 -14.59 -9.88
CA PHE A 51 -5.76 -15.06 -10.35
C PHE A 51 -4.62 -14.37 -9.62
N ALA A 52 -4.95 -13.39 -8.80
CA ALA A 52 -3.97 -12.77 -7.94
C ALA A 52 -4.01 -13.37 -6.53
N SER A 53 -5.10 -14.12 -6.27
CA SER A 53 -5.33 -14.75 -4.97
C SER A 53 -5.34 -13.71 -3.85
N ALA A 54 -5.93 -12.56 -4.14
CA ALA A 54 -5.92 -11.44 -3.21
C ALA A 54 -7.26 -10.72 -3.23
N SER A 55 -7.41 -9.74 -2.35
CA SER A 55 -8.63 -8.97 -2.27
C SER A 55 -8.50 -7.72 -3.13
N ILE A 56 -9.16 -7.74 -4.28
CA ILE A 56 -9.14 -6.62 -5.21
C ILE A 56 -10.52 -5.98 -5.26
N LYS A 57 -10.59 -4.72 -4.81
CA LYS A 57 -11.84 -3.97 -4.79
C LYS A 57 -11.59 -2.52 -5.13
N ILE A 58 -12.56 -1.85 -5.70
CA ILE A 58 -12.44 -0.43 -6.03
C ILE A 58 -12.85 0.42 -4.83
N ALA A 59 -12.04 1.43 -4.54
CA ALA A 59 -12.30 2.32 -3.42
C ALA A 59 -13.04 3.57 -3.89
N PRO A 60 -14.28 3.76 -3.40
CA PRO A 60 -15.09 4.92 -3.74
C PRO A 60 -14.43 6.23 -3.29
N PRO A 61 -14.31 7.20 -4.21
CA PRO A 61 -13.71 8.49 -3.90
C PRO A 61 -14.62 9.33 -3.01
N GLU A 62 -14.01 10.29 -2.31
CA GLU A 62 -14.75 11.15 -1.39
C GLU A 62 -15.74 12.03 -2.15
N THR A 63 -15.36 12.39 -3.37
CA THR A 63 -16.22 13.18 -4.24
C THR A 63 -16.28 12.55 -5.63
N PRO A 64 -17.50 12.47 -6.21
CA PRO A 64 -17.72 11.87 -7.54
C PRO A 64 -17.06 12.67 -8.67
N ASP A 65 -16.59 13.87 -8.34
CA ASP A 65 -15.92 14.72 -9.33
C ASP A 65 -14.41 14.48 -9.32
N SER A 66 -13.96 13.60 -8.43
CA SER A 66 -12.55 13.30 -8.29
C SER A 66 -11.95 12.85 -9.62
N LYS A 67 -10.81 13.43 -9.97
CA LYS A 67 -10.11 13.12 -11.22
C LYS A 67 -9.50 11.72 -11.17
N VAL A 68 -9.29 11.23 -9.97
CA VAL A 68 -8.71 9.91 -9.79
C VAL A 68 -9.49 9.11 -8.74
N ARG A 69 -9.56 7.81 -8.93
CA ARG A 69 -10.25 6.94 -8.00
C ARG A 69 -9.26 5.95 -7.42
N MET A 70 -9.45 5.58 -6.17
CA MET A 70 -8.54 4.66 -5.51
C MET A 70 -8.96 3.23 -5.75
N VAL A 71 -8.00 2.33 -5.80
CA VAL A 71 -8.28 0.92 -5.80
C VAL A 71 -7.66 0.28 -4.56
N VAL A 72 -8.44 -0.53 -3.85
CA VAL A 72 -7.96 -1.18 -2.65
C VAL A 72 -7.28 -2.48 -2.99
N ILE A 73 -5.96 -2.44 -2.97
CA ILE A 73 -5.17 -3.63 -3.18
C ILE A 73 -4.81 -4.25 -1.86
N THR A 74 -5.27 -5.47 -1.65
CA THR A 74 -4.92 -6.20 -0.46
C THR A 74 -4.45 -7.60 -0.81
N GLY A 75 -3.13 -7.81 -0.71
CA GLY A 75 -2.55 -9.08 -1.08
C GLY A 75 -1.16 -9.26 -0.57
N PRO A 76 -0.68 -10.50 -0.53
CA PRO A 76 0.71 -10.79 -0.23
C PRO A 76 1.64 -10.32 -1.35
N PRO A 77 2.91 -10.05 -1.05
CA PRO A 77 3.89 -9.54 -2.02
C PRO A 77 3.78 -10.18 -3.41
N GLU A 78 3.59 -11.50 -3.48
CA GLU A 78 3.40 -12.19 -4.75
C GLU A 78 2.23 -11.59 -5.52
N ALA A 79 1.11 -11.45 -4.84
CA ALA A 79 -0.10 -10.90 -5.44
C ALA A 79 0.12 -9.45 -5.86
N GLN A 80 0.89 -8.73 -5.05
CA GLN A 80 1.23 -7.35 -5.33
C GLN A 80 1.89 -7.22 -6.70
N PHE A 81 2.69 -8.22 -7.07
CA PHE A 81 3.47 -8.17 -8.29
C PHE A 81 2.59 -8.25 -9.54
N LYS A 82 1.78 -9.29 -9.65
CA LYS A 82 0.97 -9.47 -10.86
C LYS A 82 -0.22 -8.49 -10.90
N ALA A 83 -0.78 -8.17 -9.75
CA ALA A 83 -1.90 -7.23 -9.68
C ALA A 83 -1.48 -5.86 -10.24
N GLN A 84 -0.38 -5.33 -9.71
CA GLN A 84 0.11 -4.04 -10.14
C GLN A 84 0.81 -4.14 -11.51
N GLY A 85 1.43 -5.29 -11.76
CA GLY A 85 2.09 -5.51 -13.04
C GLY A 85 1.15 -5.27 -14.20
N ARG A 86 -0.07 -5.77 -14.08
CA ARG A 86 -1.08 -5.55 -15.08
C ARG A 86 -1.62 -4.12 -14.98
N ILE A 87 -1.84 -3.68 -13.75
CA ILE A 87 -2.51 -2.40 -13.50
C ILE A 87 -1.71 -1.21 -14.04
N TYR A 88 -0.38 -1.27 -13.95
CA TYR A 88 0.44 -0.19 -14.53
C TYR A 88 0.26 -0.16 -16.04
N GLY A 89 -0.01 -1.32 -16.62
CA GLY A 89 -0.34 -1.40 -18.02
C GLY A 89 -1.64 -0.70 -18.34
N LYS A 90 -2.54 -0.67 -17.36
CA LYS A 90 -3.81 0.06 -17.50
C LYS A 90 -3.54 1.56 -17.54
N LEU A 91 -2.52 2.00 -16.81
CA LEU A 91 -2.07 3.37 -16.88
C LEU A 91 -1.52 3.68 -18.27
N LYS A 92 -0.78 2.74 -18.85
CA LYS A 92 -0.26 2.88 -20.20
C LYS A 92 -1.38 2.77 -21.25
N GLU A 93 -2.47 2.14 -20.86
CA GLU A 93 -3.63 1.99 -21.74
C GLU A 93 -4.06 3.36 -22.27
N GLU A 94 -4.17 4.33 -21.38
CA GLU A 94 -4.61 5.68 -21.76
C GLU A 94 -3.49 6.70 -21.60
N ASN A 95 -2.29 6.23 -21.23
CA ASN A 95 -1.07 7.06 -21.19
C ASN A 95 -1.32 8.44 -20.58
N PHE A 96 -1.76 8.45 -19.33
CA PHE A 96 -2.03 9.71 -18.63
C PHE A 96 -0.73 10.41 -18.26
N PHE A 97 0.20 9.64 -17.71
CA PHE A 97 1.49 10.16 -17.26
C PHE A 97 2.33 10.68 -18.43
N GLY A 98 2.07 10.13 -19.61
CA GLY A 98 2.82 10.50 -20.79
C GLY A 98 2.91 9.38 -21.80
N PRO A 99 3.09 9.70 -23.09
CA PRO A 99 3.20 8.68 -24.15
C PRO A 99 4.47 7.81 -24.01
N LYS A 100 5.64 8.43 -24.15
CA LYS A 100 6.90 7.70 -24.04
C LYS A 100 7.41 7.70 -22.60
N GLU A 101 6.76 8.52 -21.77
CA GLU A 101 7.12 8.63 -20.37
C GLU A 101 7.01 7.28 -19.66
N GLU A 102 8.02 6.97 -18.85
CA GLU A 102 8.01 5.79 -18.00
C GLU A 102 6.84 5.88 -17.05
N VAL A 103 6.14 4.77 -16.86
CA VAL A 103 4.92 4.77 -16.06
C VAL A 103 5.16 5.39 -14.70
N LYS A 104 4.36 6.39 -14.41
CA LYS A 104 4.42 7.08 -13.15
C LYS A 104 3.08 6.93 -12.44
N LEU A 105 2.97 5.90 -11.63
CA LEU A 105 1.71 5.57 -11.01
C LEU A 105 1.78 5.89 -9.51
N GLU A 106 0.83 6.70 -9.05
CA GLU A 106 0.79 7.11 -7.65
C GLU A 106 0.32 5.98 -6.75
N THR A 107 1.15 5.61 -5.81
CA THR A 107 0.76 4.65 -4.80
C THR A 107 0.57 5.36 -3.46
N HIS A 108 -0.68 5.51 -3.03
CA HIS A 108 -0.99 6.21 -1.79
C HIS A 108 -1.32 5.21 -0.69
N ILE A 109 -0.57 5.26 0.38
CA ILE A 109 -0.72 4.25 1.43
C ILE A 109 -1.03 4.88 2.77
N ARG A 110 -1.71 4.12 3.61
CA ARG A 110 -1.97 4.54 4.96
C ARG A 110 -0.99 3.85 5.90
N VAL A 111 -0.15 4.63 6.54
CA VAL A 111 0.74 4.12 7.57
C VAL A 111 0.19 4.52 8.91
N PRO A 112 0.64 3.87 10.00
CA PRO A 112 0.32 4.33 11.35
C PRO A 112 0.69 5.80 11.49
N ALA A 113 -0.18 6.54 12.17
CA ALA A 113 -0.09 7.99 12.24
C ALA A 113 1.27 8.47 12.72
N SER A 114 1.91 7.68 13.58
CA SER A 114 3.22 8.03 14.11
C SER A 114 4.35 7.44 13.27
N ALA A 115 4.02 6.48 12.41
CA ALA A 115 5.02 5.71 11.67
C ALA A 115 5.68 6.55 10.58
N ALA A 116 4.97 7.59 10.12
CA ALA A 116 5.49 8.46 9.08
C ALA A 116 6.82 9.10 9.51
N GLY A 117 6.99 9.27 10.82
CA GLY A 117 8.20 9.89 11.34
C GLY A 117 9.43 9.02 11.13
N ARG A 118 9.24 7.70 11.06
CA ARG A 118 10.37 6.79 10.91
C ARG A 118 10.65 6.50 9.44
N VAL A 119 9.65 6.66 8.59
CA VAL A 119 9.87 6.51 7.15
C VAL A 119 10.66 7.72 6.63
N ILE A 120 10.48 8.85 7.31
CA ILE A 120 11.30 10.03 7.05
C ILE A 120 12.66 9.86 7.72
N GLY A 121 12.63 9.30 8.92
CA GLY A 121 13.86 9.00 9.62
C GLY A 121 14.22 10.07 10.61
N ASP A 122 13.22 10.61 11.28
CA ASP A 122 13.40 11.66 12.30
C ASP A 122 13.91 12.96 11.67
N ASP A 123 15.19 13.02 11.38
CA ASP A 123 15.78 14.21 10.78
C ASP A 123 15.59 14.20 9.27
N GLY A 124 15.43 13.01 8.70
CA GLY A 124 15.24 12.89 7.27
C GLY A 124 16.29 12.02 6.62
N LYS A 125 17.23 11.52 7.43
CA LYS A 125 18.30 10.67 6.94
C LYS A 125 17.73 9.43 6.24
N THR A 126 16.74 8.82 6.88
CA THR A 126 16.14 7.59 6.40
C THR A 126 15.41 7.79 5.07
N VAL A 127 14.59 8.84 4.96
CA VAL A 127 13.80 9.06 3.75
C VAL A 127 14.69 9.41 2.56
N ASN A 128 15.76 10.15 2.80
CA ASN A 128 16.69 10.52 1.76
C ASN A 128 17.39 9.28 1.21
N GLU A 129 17.80 8.41 2.13
CA GLU A 129 18.42 7.14 1.76
C GLU A 129 17.40 6.22 1.11
N LEU A 130 16.16 6.30 1.59
CA LEU A 130 15.06 5.49 1.08
C LEU A 130 14.82 5.77 -0.40
N GLN A 131 14.72 7.05 -0.75
CA GLN A 131 14.48 7.44 -2.14
C GLN A 131 15.69 7.10 -3.01
N ASN A 132 16.87 7.16 -2.42
CA ASN A 132 18.09 6.77 -3.12
C ASN A 132 18.06 5.28 -3.46
N LEU A 133 17.63 4.47 -2.50
CA LEU A 133 17.59 3.02 -2.66
C LEU A 133 16.45 2.62 -3.59
N THR A 134 15.26 3.15 -3.33
CA THR A 134 14.06 2.74 -4.03
C THR A 134 13.97 3.33 -5.43
N ALA A 135 14.56 4.52 -5.60
CA ALA A 135 14.48 5.28 -6.85
C ALA A 135 13.05 5.71 -7.13
N ALA A 136 12.28 5.87 -6.06
CA ALA A 136 10.90 6.32 -6.14
C ALA A 136 10.70 7.60 -5.35
N GLU A 137 9.55 8.22 -5.53
CA GLU A 137 9.24 9.48 -4.86
C GLU A 137 8.43 9.20 -3.60
N VAL A 138 9.05 9.45 -2.46
CA VAL A 138 8.41 9.23 -1.17
C VAL A 138 8.20 10.57 -0.47
N VAL A 139 6.96 11.02 -0.40
CA VAL A 139 6.67 12.29 0.23
C VAL A 139 5.61 12.16 1.32
N VAL A 140 5.95 12.64 2.51
CA VAL A 140 5.02 12.66 3.63
C VAL A 140 4.50 14.08 3.86
N PRO A 141 3.20 14.30 3.62
CA PRO A 141 2.56 15.60 3.84
C PRO A 141 2.60 16.02 5.30
N ARG A 142 2.49 17.32 5.54
CA ARG A 142 2.54 17.88 6.88
C ARG A 142 1.15 17.88 7.50
N ASP A 143 0.15 17.92 6.64
CA ASP A 143 -1.25 17.90 7.08
C ASP A 143 -1.95 16.70 6.48
N GLN A 144 -2.39 15.79 7.34
CA GLN A 144 -3.09 14.59 6.88
C GLN A 144 -4.42 14.39 7.59
N THR A 145 -4.37 13.74 8.73
CA THR A 145 -5.55 13.38 9.49
C THR A 145 -5.23 13.27 10.97
N PRO A 146 -6.22 13.45 11.84
CA PRO A 146 -6.05 13.29 13.28
C PRO A 146 -5.79 11.83 13.65
N ASP A 147 -5.33 11.61 14.87
CA ASP A 147 -4.97 10.27 15.34
C ASP A 147 -6.22 9.41 15.52
N GLU A 148 -7.38 10.02 15.32
CA GLU A 148 -8.65 9.28 15.24
C GLU A 148 -8.54 8.18 14.19
N ASN A 149 -7.94 8.51 13.06
CA ASN A 149 -7.79 7.56 11.97
C ASN A 149 -6.56 6.69 12.20
N GLU A 150 -5.73 7.15 13.14
CA GLU A 150 -4.42 6.54 13.50
C GLU A 150 -3.58 6.23 12.25
N GLN A 151 -3.87 6.94 11.16
CA GLN A 151 -3.22 6.67 9.90
C GLN A 151 -2.95 7.96 9.14
N VAL A 152 -1.81 8.01 8.47
CA VAL A 152 -1.45 9.13 7.60
C VAL A 152 -0.97 8.58 6.27
N ILE A 153 -0.90 9.42 5.25
CA ILE A 153 -0.53 8.94 3.92
C ILE A 153 0.87 9.40 3.53
N VAL A 154 1.58 8.51 2.86
CA VAL A 154 2.76 8.86 2.11
C VAL A 154 2.62 8.29 0.71
N LYS A 155 3.04 9.06 -0.28
CA LYS A 155 2.87 8.65 -1.66
C LYS A 155 4.18 8.07 -2.18
N ILE A 156 4.08 6.98 -2.92
CA ILE A 156 5.20 6.45 -3.66
C ILE A 156 4.91 6.58 -5.15
N ILE A 157 5.64 7.46 -5.83
CA ILE A 157 5.46 7.67 -7.25
C ILE A 157 6.71 7.21 -8.00
N GLY A 158 6.51 6.59 -9.15
CA GLY A 158 7.65 6.12 -9.91
C GLY A 158 7.29 4.98 -10.84
N HIS A 159 8.32 4.35 -11.39
CA HIS A 159 8.13 3.26 -12.34
C HIS A 159 7.70 1.98 -11.62
N PHE A 160 7.13 1.04 -12.36
CA PHE A 160 6.53 -0.16 -11.78
C PHE A 160 7.46 -0.87 -10.79
N TYR A 161 8.71 -1.12 -11.18
CA TYR A 161 9.63 -1.85 -10.32
C TYR A 161 10.06 -0.99 -9.13
N ALA A 162 10.44 0.25 -9.41
CA ALA A 162 10.89 1.17 -8.36
C ALA A 162 9.79 1.39 -7.34
N SER A 163 8.57 1.58 -7.82
CA SER A 163 7.44 1.85 -6.95
C SER A 163 7.14 0.67 -6.04
N GLN A 164 7.00 -0.53 -6.62
CA GLN A 164 6.67 -1.71 -5.82
C GLN A 164 7.80 -2.08 -4.88
N MET A 165 9.05 -1.89 -5.32
CA MET A 165 10.21 -2.17 -4.50
C MET A 165 10.23 -1.23 -3.29
N ALA A 166 9.80 0.01 -3.52
CA ALA A 166 9.66 0.98 -2.45
C ALA A 166 8.51 0.59 -1.54
N GLN A 167 7.40 0.17 -2.16
CA GLN A 167 6.18 -0.16 -1.42
C GLN A 167 6.47 -1.14 -0.31
N ARG A 168 7.05 -2.29 -0.66
CA ARG A 168 7.35 -3.32 0.32
C ARG A 168 8.28 -2.79 1.42
N LYS A 169 9.12 -1.81 1.07
CA LYS A 169 10.14 -1.34 1.98
C LYS A 169 9.53 -0.46 3.07
N ILE A 170 8.52 0.30 2.68
CA ILE A 170 7.82 1.16 3.63
C ILE A 170 6.90 0.34 4.52
N ARG A 171 6.19 -0.63 3.94
CA ARG A 171 5.30 -1.49 4.73
C ARG A 171 6.11 -2.31 5.72
N ASP A 172 7.38 -2.52 5.37
CA ASP A 172 8.30 -3.28 6.20
C ASP A 172 8.74 -2.50 7.44
N ILE A 173 9.06 -1.22 7.25
CA ILE A 173 9.51 -0.40 8.36
C ILE A 173 8.37 -0.10 9.32
N LEU A 174 7.14 -0.25 8.83
CA LEU A 174 5.96 -0.09 9.69
C LEU A 174 6.02 -1.08 10.85
N ALA A 175 6.55 -2.26 10.59
CA ALA A 175 6.68 -3.30 11.60
C ALA A 175 7.66 -2.87 12.68
N GLN A 176 8.69 -2.14 12.28
CA GLN A 176 9.67 -1.60 13.23
C GLN A 176 9.01 -0.57 14.13
N VAL A 177 8.13 0.23 13.55
CA VAL A 177 7.38 1.22 14.30
C VAL A 177 6.47 0.53 15.31
N LYS A 178 5.88 -0.59 14.90
CA LYS A 178 5.00 -1.37 15.76
C LYS A 178 5.77 -1.90 16.97
N GLN A 179 6.97 -2.43 16.72
CA GLN A 179 7.79 -2.99 17.79
C GLN A 179 8.33 -1.88 18.70
N GLN A 180 8.53 -0.69 18.14
CA GLN A 180 8.91 0.47 18.96
C GLN A 180 7.71 0.95 19.77
N HIS A 181 6.54 0.89 19.16
CA HIS A 181 5.30 1.35 19.78
C HIS A 181 4.98 0.54 21.03
N GLN A 182 5.55 -0.66 21.12
CA GLN A 182 5.43 -1.48 22.32
C GLN A 182 5.79 -0.68 23.56
N LYS A 183 6.85 0.13 23.43
CA LYS A 183 7.23 1.14 24.42
C LYS A 183 7.28 0.56 25.84
N GLY A 184 8.35 -0.16 26.13
CA GLY A 184 8.51 -0.75 27.44
C GLY A 184 9.13 -2.12 27.36
N GLN A 185 10.46 -2.15 27.38
CA GLN A 185 11.22 -3.39 27.24
C GLN A 185 10.82 -4.08 25.95
N SER A 186 10.95 -3.34 24.85
CA SER A 186 10.53 -3.82 23.54
C SER A 186 11.23 -5.13 23.19
N GLY A 187 10.46 -6.20 23.24
CA GLY A 187 11.00 -7.52 22.99
C GLY A 187 10.48 -8.53 23.98
N GLN A 188 10.30 -8.09 25.23
CA GLN A 188 9.75 -8.92 26.30
C GLN A 188 10.57 -10.19 26.49
N LEU A 189 9.90 -11.26 26.94
CA LEU A 189 10.53 -12.56 27.17
C LEU A 189 11.61 -12.47 28.24
N GLN A 190 11.17 -12.24 29.47
CA GLN A 190 12.07 -12.15 30.61
C GLN A 190 12.43 -13.53 31.14
N ALA A 191 13.16 -14.29 30.33
CA ALA A 191 13.60 -15.62 30.71
C ALA A 191 14.77 -15.56 31.67
N GLY A 1 -3.33 -3.34 32.56
CA GLY A 1 -3.01 -2.22 33.48
C GLY A 1 -2.79 -0.92 32.73
N ALA A 2 -3.80 -0.47 32.01
CA ALA A 2 -3.72 0.79 31.27
C ALA A 2 -3.94 1.97 32.21
N MET A 3 -2.85 2.42 32.83
CA MET A 3 -2.92 3.49 33.81
C MET A 3 -2.16 4.71 33.31
N GLY A 4 -2.87 5.61 32.65
CA GLY A 4 -2.26 6.81 32.15
C GLY A 4 -3.08 7.47 31.05
N PRO A 5 -3.06 8.81 30.98
CA PRO A 5 -3.80 9.55 29.95
C PRO A 5 -3.40 9.14 28.54
N SER A 6 -4.36 8.55 27.81
CA SER A 6 -4.13 8.09 26.44
C SER A 6 -3.02 7.02 26.39
N SER A 7 -2.77 6.38 27.53
CA SER A 7 -1.72 5.38 27.62
C SER A 7 -2.30 3.97 27.45
N VAL A 8 -2.89 3.72 26.29
CA VAL A 8 -3.50 2.42 26.02
C VAL A 8 -2.43 1.35 25.84
N SER A 9 -2.53 0.30 26.64
CA SER A 9 -1.55 -0.77 26.63
C SER A 9 -1.90 -1.85 25.62
N GLY A 10 -2.30 -1.45 24.42
CA GLY A 10 -2.65 -2.40 23.40
C GLY A 10 -3.28 -1.74 22.19
N ALA A 11 -2.45 -1.17 21.33
CA ALA A 11 -2.94 -0.54 20.10
C ALA A 11 -2.93 -1.55 18.97
N ALA A 12 -3.63 -2.67 19.17
CA ALA A 12 -3.65 -3.75 18.21
C ALA A 12 -4.97 -3.78 17.46
N PRO A 13 -4.94 -3.53 16.14
CA PRO A 13 -6.13 -3.56 15.30
C PRO A 13 -6.37 -4.95 14.70
N PHE A 14 -5.99 -5.98 15.43
CA PHE A 14 -6.10 -7.35 14.96
C PHE A 14 -7.43 -7.96 15.39
N SER A 15 -8.42 -7.85 14.53
CA SER A 15 -9.73 -8.44 14.79
C SER A 15 -9.89 -9.74 14.01
N SER A 16 -9.99 -10.85 14.76
CA SER A 16 -10.14 -12.19 14.19
C SER A 16 -8.83 -12.67 13.55
N PHE A 17 -8.31 -11.90 12.62
CA PHE A 17 -7.04 -12.22 11.98
C PHE A 17 -5.90 -11.48 12.67
N MET A 18 -4.95 -12.25 13.20
CA MET A 18 -3.80 -11.65 13.87
C MET A 18 -2.50 -12.01 13.15
N PRO A 19 -2.15 -13.32 13.03
CA PRO A 19 -0.95 -13.75 12.29
C PRO A 19 -0.92 -13.31 10.82
N PRO A 20 -1.99 -13.57 10.01
CA PRO A 20 -1.99 -13.21 8.59
C PRO A 20 -2.15 -11.71 8.36
N GLU A 21 -1.08 -10.97 8.60
CA GLU A 21 -1.07 -9.53 8.34
C GLU A 21 -0.95 -9.26 6.84
N GLN A 22 -2.10 -9.27 6.17
CA GLN A 22 -2.14 -8.98 4.74
C GLN A 22 -1.88 -7.50 4.50
N GLU A 23 -1.34 -7.19 3.33
CA GLU A 23 -1.02 -5.82 3.00
C GLU A 23 -2.12 -5.22 2.14
N THR A 24 -2.76 -4.18 2.67
CA THR A 24 -3.78 -3.46 1.95
C THR A 24 -3.28 -2.07 1.58
N VAL A 25 -2.99 -1.87 0.31
CA VAL A 25 -2.52 -0.61 -0.19
C VAL A 25 -3.53 -0.06 -1.20
N HIS A 26 -3.66 1.26 -1.28
CA HIS A 26 -4.68 1.88 -2.11
C HIS A 26 -4.05 2.57 -3.31
N VAL A 27 -4.47 2.19 -4.50
CA VAL A 27 -3.91 2.72 -5.74
C VAL A 27 -4.67 3.97 -6.19
N PHE A 28 -3.95 4.95 -6.71
CA PHE A 28 -4.52 6.22 -7.13
C PHE A 28 -4.57 6.31 -8.66
N ILE A 29 -5.75 6.14 -9.25
CA ILE A 29 -5.88 6.23 -10.70
C ILE A 29 -6.98 7.22 -11.09
N PRO A 30 -6.62 8.23 -11.90
CA PRO A 30 -7.56 9.27 -12.37
C PRO A 30 -8.86 8.69 -12.91
N ALA A 31 -9.96 9.40 -12.65
CA ALA A 31 -11.29 8.95 -13.02
C ALA A 31 -11.42 8.73 -14.52
N GLN A 32 -10.50 9.30 -15.28
CA GLN A 32 -10.46 9.13 -16.72
C GLN A 32 -10.17 7.68 -17.10
N ALA A 33 -9.19 7.07 -16.42
CA ALA A 33 -8.71 5.76 -16.81
C ALA A 33 -9.42 4.66 -16.07
N VAL A 34 -9.86 4.97 -14.84
CA VAL A 34 -10.46 3.95 -13.98
C VAL A 34 -11.67 3.30 -14.65
N GLY A 35 -12.32 4.04 -15.54
CA GLY A 35 -13.43 3.50 -16.27
C GLY A 35 -13.03 2.24 -17.01
N ALA A 36 -12.04 2.36 -17.87
CA ALA A 36 -11.63 1.23 -18.68
C ALA A 36 -10.85 0.22 -17.86
N ILE A 37 -10.39 0.65 -16.68
CA ILE A 37 -9.63 -0.23 -15.79
C ILE A 37 -10.49 -1.41 -15.36
N ILE A 38 -11.72 -1.13 -14.95
CA ILE A 38 -12.65 -2.19 -14.58
C ILE A 38 -12.97 -3.08 -15.78
N GLY A 39 -13.10 -2.46 -16.95
CA GLY A 39 -13.05 -3.22 -18.20
C GLY A 39 -14.35 -3.90 -18.59
N LYS A 40 -15.02 -3.31 -19.60
CA LYS A 40 -16.15 -3.91 -20.30
C LYS A 40 -17.37 -4.14 -19.41
N LYS A 41 -17.38 -5.22 -18.64
CA LYS A 41 -18.51 -5.53 -17.78
C LYS A 41 -18.06 -5.66 -16.32
N GLY A 42 -16.83 -5.29 -16.06
CA GLY A 42 -16.29 -5.43 -14.72
C GLY A 42 -15.77 -6.83 -14.48
N GLN A 43 -15.57 -7.57 -15.54
CA GLN A 43 -15.04 -8.92 -15.45
C GLN A 43 -13.54 -8.89 -15.16
N HIS A 44 -12.90 -7.82 -15.63
CA HIS A 44 -11.44 -7.70 -15.56
C HIS A 44 -10.95 -7.58 -14.13
N ILE A 45 -11.77 -6.98 -13.26
CA ILE A 45 -11.36 -6.72 -11.89
C ILE A 45 -11.38 -7.99 -11.02
N LYS A 46 -12.40 -8.83 -11.20
CA LYS A 46 -12.48 -10.05 -10.41
C LYS A 46 -11.55 -11.11 -10.99
N GLN A 47 -11.37 -11.07 -12.31
CA GLN A 47 -10.42 -11.93 -12.98
C GLN A 47 -9.02 -11.58 -12.50
N LEU A 48 -8.82 -10.28 -12.22
CA LEU A 48 -7.58 -9.77 -11.68
C LEU A 48 -7.26 -10.44 -10.35
N SER A 49 -8.28 -10.51 -9.48
CA SER A 49 -8.14 -11.13 -8.17
C SER A 49 -7.70 -12.60 -8.30
N ARG A 50 -8.12 -13.23 -9.38
CA ARG A 50 -7.81 -14.64 -9.61
C ARG A 50 -6.35 -14.83 -10.02
N PHE A 51 -5.80 -13.86 -10.75
CA PHE A 51 -4.41 -13.95 -11.20
C PHE A 51 -3.46 -14.00 -10.01
N ALA A 52 -3.67 -13.08 -9.09
CA ALA A 52 -2.74 -12.90 -7.99
C ALA A 52 -3.14 -13.68 -6.74
N SER A 53 -4.36 -14.23 -6.76
CA SER A 53 -4.94 -14.90 -5.60
C SER A 53 -5.06 -13.93 -4.43
N ALA A 54 -5.45 -12.70 -4.75
CA ALA A 54 -5.56 -11.65 -3.76
C ALA A 54 -6.92 -10.97 -3.91
N SER A 55 -7.23 -10.05 -3.00
CA SER A 55 -8.50 -9.35 -3.05
C SER A 55 -8.35 -8.02 -3.78
N ILE A 56 -8.87 -7.96 -5.00
CA ILE A 56 -8.82 -6.74 -5.81
C ILE A 56 -10.21 -6.13 -5.94
N LYS A 57 -10.41 -4.96 -5.35
CA LYS A 57 -11.71 -4.29 -5.39
C LYS A 57 -11.52 -2.79 -5.63
N ILE A 58 -12.51 -2.15 -6.21
CA ILE A 58 -12.43 -0.72 -6.47
C ILE A 58 -13.00 0.07 -5.30
N ALA A 59 -12.22 1.01 -4.80
CA ALA A 59 -12.59 1.81 -3.65
C ALA A 59 -13.28 3.09 -4.10
N PRO A 60 -14.57 3.25 -3.74
CA PRO A 60 -15.31 4.48 -4.03
C PRO A 60 -14.78 5.66 -3.23
N PRO A 61 -14.53 6.79 -3.89
CA PRO A 61 -14.10 8.02 -3.21
C PRO A 61 -15.14 8.47 -2.20
N GLU A 62 -14.66 8.90 -1.04
CA GLU A 62 -15.54 9.28 0.07
C GLU A 62 -16.38 10.49 -0.34
N THR A 63 -15.77 11.39 -1.08
CA THR A 63 -16.46 12.53 -1.62
C THR A 63 -16.42 12.52 -3.14
N PRO A 64 -17.55 12.82 -3.79
CA PRO A 64 -17.71 12.73 -5.26
C PRO A 64 -16.92 13.79 -6.02
N ASP A 65 -16.19 14.63 -5.30
CA ASP A 65 -15.40 15.70 -5.91
C ASP A 65 -13.94 15.30 -6.04
N SER A 66 -13.67 14.02 -5.87
CA SER A 66 -12.32 13.50 -6.01
C SER A 66 -11.96 13.32 -7.48
N LYS A 67 -10.68 13.53 -7.77
CA LYS A 67 -10.17 13.49 -9.14
C LYS A 67 -9.98 12.06 -9.63
N VAL A 68 -9.63 11.17 -8.72
CA VAL A 68 -9.32 9.81 -9.11
C VAL A 68 -10.21 8.82 -8.38
N ARG A 69 -10.07 7.56 -8.74
CA ARG A 69 -10.75 6.47 -8.07
C ARG A 69 -9.69 5.56 -7.49
N MET A 70 -9.85 5.18 -6.25
CA MET A 70 -8.83 4.39 -5.58
C MET A 70 -9.10 2.91 -5.75
N VAL A 71 -8.04 2.11 -5.77
CA VAL A 71 -8.17 0.67 -5.84
C VAL A 71 -7.67 0.05 -4.54
N VAL A 72 -8.44 -0.86 -3.99
CA VAL A 72 -8.05 -1.56 -2.78
C VAL A 72 -7.50 -2.94 -3.14
N ILE A 73 -6.22 -3.12 -2.93
CA ILE A 73 -5.62 -4.43 -3.10
C ILE A 73 -5.20 -4.98 -1.75
N THR A 74 -5.62 -6.19 -1.45
CA THR A 74 -5.30 -6.84 -0.21
C THR A 74 -4.72 -8.23 -0.48
N GLY A 75 -3.41 -8.33 -0.29
CA GLY A 75 -2.73 -9.58 -0.55
C GLY A 75 -1.34 -9.55 0.02
N PRO A 76 -0.68 -10.71 0.15
CA PRO A 76 0.74 -10.76 0.52
C PRO A 76 1.56 -9.94 -0.49
N PRO A 77 2.53 -9.15 0.00
CA PRO A 77 3.30 -8.20 -0.82
C PRO A 77 3.90 -8.80 -2.11
N GLU A 78 4.02 -10.12 -2.15
CA GLU A 78 4.52 -10.81 -3.33
C GLU A 78 3.49 -10.74 -4.47
N ALA A 79 2.22 -10.75 -4.10
CA ALA A 79 1.13 -10.73 -5.06
C ALA A 79 0.91 -9.34 -5.62
N GLN A 80 1.37 -8.34 -4.87
CA GLN A 80 1.30 -6.95 -5.29
C GLN A 80 1.96 -6.77 -6.65
N PHE A 81 3.03 -7.53 -6.87
CA PHE A 81 3.76 -7.52 -8.12
C PHE A 81 2.84 -7.93 -9.28
N LYS A 82 2.10 -9.00 -9.06
CA LYS A 82 1.21 -9.57 -10.06
C LYS A 82 0.10 -8.59 -10.44
N ALA A 83 -0.60 -8.11 -9.40
CA ALA A 83 -1.77 -7.26 -9.59
C ALA A 83 -1.41 -5.88 -10.11
N GLN A 84 -0.51 -5.20 -9.42
CA GLN A 84 -0.22 -3.80 -9.71
C GLN A 84 0.55 -3.64 -11.03
N GLY A 85 1.33 -4.66 -11.38
CA GLY A 85 2.01 -4.63 -12.68
C GLY A 85 1.04 -4.39 -13.81
N ARG A 86 -0.15 -4.97 -13.70
CA ARG A 86 -1.20 -4.79 -14.70
C ARG A 86 -1.92 -3.45 -14.52
N ILE A 87 -2.04 -3.00 -13.28
CA ILE A 87 -2.77 -1.77 -12.99
C ILE A 87 -2.02 -0.56 -13.57
N TYR A 88 -0.71 -0.51 -13.37
CA TYR A 88 0.10 0.58 -13.92
C TYR A 88 0.12 0.52 -15.44
N GLY A 89 0.06 -0.71 -15.95
CA GLY A 89 0.02 -0.92 -17.38
C GLY A 89 -1.25 -0.39 -18.00
N LYS A 90 -2.33 -0.37 -17.22
CA LYS A 90 -3.59 0.11 -17.73
C LYS A 90 -3.63 1.64 -17.75
N LEU A 91 -2.73 2.28 -17.01
CA LEU A 91 -2.51 3.71 -17.22
C LEU A 91 -1.93 3.96 -18.60
N LYS A 92 -1.11 3.02 -19.06
CA LYS A 92 -0.53 3.09 -20.39
C LYS A 92 -1.61 2.80 -21.42
N GLU A 93 -2.61 2.04 -20.99
CA GLU A 93 -3.74 1.70 -21.85
C GLU A 93 -4.52 2.94 -22.24
N GLU A 94 -4.54 3.95 -21.37
CA GLU A 94 -5.24 5.19 -21.67
C GLU A 94 -4.30 6.25 -22.20
N ASN A 95 -3.06 5.82 -22.48
CA ASN A 95 -2.04 6.68 -23.07
C ASN A 95 -1.79 7.93 -22.22
N PHE A 96 -1.74 7.76 -20.91
CA PHE A 96 -1.39 8.85 -20.02
C PHE A 96 0.12 8.98 -19.92
N PHE A 97 0.80 7.85 -19.99
CA PHE A 97 2.25 7.83 -19.83
C PHE A 97 2.90 7.18 -21.04
N GLY A 98 2.19 7.22 -22.17
CA GLY A 98 2.70 6.65 -23.40
C GLY A 98 2.99 5.15 -23.31
N PRO A 99 3.36 4.52 -24.42
CA PRO A 99 3.76 3.12 -24.45
C PRO A 99 5.17 2.91 -23.87
N LYS A 100 6.14 3.67 -24.38
CA LYS A 100 7.53 3.48 -24.01
C LYS A 100 7.99 4.50 -22.96
N GLU A 101 7.20 5.55 -22.78
CA GLU A 101 7.50 6.56 -21.77
C GLU A 101 7.35 5.96 -20.36
N GLU A 102 8.06 6.54 -19.40
CA GLU A 102 8.08 6.04 -18.03
C GLU A 102 6.71 6.14 -17.38
N VAL A 103 6.33 5.10 -16.65
CA VAL A 103 5.11 5.13 -15.85
C VAL A 103 5.37 6.00 -14.63
N LYS A 104 4.49 6.94 -14.40
CA LYS A 104 4.54 7.72 -13.19
C LYS A 104 3.18 7.72 -12.55
N LEU A 105 2.92 6.72 -11.74
CA LEU A 105 1.62 6.56 -11.14
C LEU A 105 1.76 6.49 -9.63
N GLU A 106 0.83 7.11 -8.94
CA GLU A 106 0.91 7.31 -7.51
C GLU A 106 0.17 6.23 -6.74
N THR A 107 0.85 5.59 -5.80
CA THR A 107 0.19 4.67 -4.89
C THR A 107 0.12 5.30 -3.50
N HIS A 108 -0.93 4.97 -2.77
CA HIS A 108 -1.10 5.48 -1.42
C HIS A 108 -1.01 4.34 -0.42
N ILE A 109 -0.05 4.42 0.47
CA ILE A 109 0.11 3.41 1.50
C ILE A 109 -0.32 3.98 2.86
N ARG A 110 -1.20 3.26 3.53
CA ARG A 110 -1.64 3.67 4.85
C ARG A 110 -0.55 3.41 5.87
N VAL A 111 -0.17 4.47 6.57
CA VAL A 111 0.92 4.40 7.52
C VAL A 111 0.51 5.09 8.82
N PRO A 112 0.93 4.54 9.96
CA PRO A 112 0.63 5.11 11.29
C PRO A 112 1.09 6.55 11.41
N ALA A 113 0.40 7.35 12.21
CA ALA A 113 0.74 8.77 12.35
C ALA A 113 2.21 8.94 12.73
N SER A 114 2.64 8.17 13.73
CA SER A 114 3.99 8.23 14.26
C SER A 114 5.02 7.74 13.24
N ALA A 115 4.59 6.82 12.37
CA ALA A 115 5.49 6.20 11.41
C ALA A 115 5.99 7.20 10.38
N ALA A 116 5.18 8.22 10.12
CA ALA A 116 5.54 9.29 9.19
C ALA A 116 6.74 10.09 9.71
N GLY A 117 6.89 10.11 11.03
CA GLY A 117 7.99 10.83 11.64
C GLY A 117 9.29 10.05 11.58
N ARG A 118 9.21 8.73 11.62
CA ARG A 118 10.41 7.90 11.65
C ARG A 118 10.85 7.50 10.23
N VAL A 119 9.90 7.40 9.31
CA VAL A 119 10.20 7.03 7.93
C VAL A 119 11.14 8.06 7.29
N ILE A 120 11.12 9.29 7.81
CA ILE A 120 12.01 10.33 7.37
C ILE A 120 13.40 10.13 7.95
N GLY A 121 13.48 9.96 9.26
CA GLY A 121 14.76 9.84 9.92
C GLY A 121 15.48 11.18 9.96
N ASP A 122 15.05 12.04 10.87
CA ASP A 122 15.56 13.41 10.97
C ASP A 122 17.07 13.43 11.13
N ASP A 123 17.61 12.44 11.84
CA ASP A 123 19.04 12.38 12.11
C ASP A 123 19.76 11.43 11.16
N GLY A 124 19.16 11.18 10.01
CA GLY A 124 19.75 10.28 9.05
C GLY A 124 19.35 10.59 7.63
N LYS A 125 19.39 9.58 6.77
CA LYS A 125 19.03 9.75 5.37
C LYS A 125 18.18 8.58 4.91
N THR A 126 17.48 7.96 5.84
CA THR A 126 16.74 6.74 5.57
C THR A 126 15.62 6.96 4.55
N VAL A 127 15.00 8.14 4.58
CA VAL A 127 13.95 8.46 3.61
C VAL A 127 14.54 8.60 2.20
N ASN A 128 15.74 9.17 2.14
CA ASN A 128 16.44 9.33 0.86
C ASN A 128 16.98 7.98 0.41
N GLU A 129 17.39 7.18 1.37
CA GLU A 129 17.87 5.83 1.12
C GLU A 129 16.75 4.96 0.56
N LEU A 130 15.53 5.17 1.08
CA LEU A 130 14.35 4.50 0.55
C LEU A 130 14.20 4.80 -0.94
N GLN A 131 14.29 6.08 -1.29
CA GLN A 131 14.18 6.53 -2.67
C GLN A 131 15.21 5.85 -3.56
N ASN A 132 16.45 5.81 -3.09
CA ASN A 132 17.54 5.23 -3.88
C ASN A 132 17.41 3.71 -3.97
N LEU A 133 16.95 3.09 -2.89
CA LEU A 133 16.83 1.65 -2.83
C LEU A 133 15.68 1.15 -3.68
N THR A 134 14.53 1.80 -3.57
CA THR A 134 13.32 1.34 -4.24
C THR A 134 13.20 1.91 -5.65
N ALA A 135 13.95 2.99 -5.90
CA ALA A 135 13.90 3.72 -7.17
C ALA A 135 12.54 4.40 -7.34
N ALA A 136 11.87 4.60 -6.20
CA ALA A 136 10.54 5.18 -6.18
C ALA A 136 10.52 6.44 -5.33
N GLU A 137 9.50 7.26 -5.54
CA GLU A 137 9.36 8.49 -4.78
C GLU A 137 8.55 8.23 -3.52
N VAL A 138 9.22 8.33 -2.38
CA VAL A 138 8.58 8.15 -1.09
C VAL A 138 8.38 9.50 -0.43
N VAL A 139 7.14 9.97 -0.41
CA VAL A 139 6.83 11.26 0.20
C VAL A 139 5.69 11.14 1.19
N VAL A 140 5.95 11.59 2.42
CA VAL A 140 4.95 11.56 3.47
C VAL A 140 4.74 12.99 4.01
N PRO A 141 3.48 13.43 4.08
CA PRO A 141 3.14 14.77 4.54
C PRO A 141 3.44 14.93 6.01
N ARG A 142 3.67 16.17 6.43
CA ARG A 142 3.89 16.46 7.83
C ARG A 142 2.55 16.86 8.46
N ASP A 143 1.48 16.53 7.74
CA ASP A 143 0.12 16.78 8.19
C ASP A 143 -0.75 15.55 7.89
N GLN A 144 -1.38 15.53 6.71
CA GLN A 144 -2.16 14.39 6.22
C GLN A 144 -3.29 14.01 7.19
N THR A 145 -4.46 14.65 6.97
CA THR A 145 -5.69 14.39 7.73
C THR A 145 -5.54 14.68 9.23
N PRO A 146 -6.66 14.86 9.94
CA PRO A 146 -6.64 15.11 11.39
C PRO A 146 -6.26 13.86 12.18
N ASP A 147 -5.78 14.09 13.41
CA ASP A 147 -5.30 13.01 14.28
C ASP A 147 -6.45 12.19 14.84
N GLU A 148 -7.65 12.43 14.33
CA GLU A 148 -8.83 11.65 14.66
C GLU A 148 -8.59 10.18 14.36
N ASN A 149 -8.07 9.91 13.17
CA ASN A 149 -7.79 8.55 12.73
C ASN A 149 -6.36 8.16 13.12
N GLU A 150 -5.61 9.18 13.57
CA GLU A 150 -4.21 9.06 14.03
C GLU A 150 -3.38 8.24 13.06
N GLN A 151 -3.67 8.40 11.79
CA GLN A 151 -3.03 7.63 10.74
C GLN A 151 -2.92 8.48 9.48
N VAL A 152 -1.79 8.39 8.81
CA VAL A 152 -1.52 9.24 7.65
C VAL A 152 -1.28 8.37 6.40
N ILE A 153 -0.95 9.03 5.30
CA ILE A 153 -0.75 8.34 4.02
C ILE A 153 0.52 8.82 3.32
N VAL A 154 1.35 7.86 2.92
CA VAL A 154 2.53 8.16 2.11
C VAL A 154 2.20 7.95 0.64
N LYS A 155 2.71 8.82 -0.22
CA LYS A 155 2.49 8.68 -1.65
C LYS A 155 3.75 8.15 -2.31
N ILE A 156 3.59 7.18 -3.18
CA ILE A 156 4.71 6.62 -3.92
C ILE A 156 4.50 6.83 -5.40
N ILE A 157 5.34 7.68 -5.99
CA ILE A 157 5.23 8.00 -7.41
C ILE A 157 6.42 7.41 -8.16
N GLY A 158 6.15 6.85 -9.33
CA GLY A 158 7.22 6.23 -10.10
C GLY A 158 6.72 5.09 -10.95
N HIS A 159 7.64 4.19 -11.31
CA HIS A 159 7.32 3.06 -12.17
C HIS A 159 6.70 1.94 -11.34
N PHE A 160 5.98 1.03 -11.98
CA PHE A 160 5.26 -0.02 -11.25
C PHE A 160 6.21 -0.84 -10.39
N TYR A 161 7.33 -1.28 -10.96
CA TYR A 161 8.33 -2.04 -10.21
C TYR A 161 8.77 -1.27 -8.96
N ALA A 162 9.12 0.00 -9.16
CA ALA A 162 9.58 0.86 -8.09
C ALA A 162 8.54 0.98 -6.98
N SER A 163 7.33 1.35 -7.36
CA SER A 163 6.25 1.52 -6.39
C SER A 163 5.96 0.22 -5.65
N GLN A 164 5.81 -0.86 -6.41
CA GLN A 164 5.57 -2.19 -5.83
C GLN A 164 6.67 -2.58 -4.83
N MET A 165 7.89 -2.11 -5.07
CA MET A 165 8.99 -2.37 -4.14
C MET A 165 8.89 -1.44 -2.93
N ALA A 166 8.58 -0.18 -3.18
CA ALA A 166 8.57 0.84 -2.14
C ALA A 166 7.43 0.65 -1.15
N GLN A 167 6.25 0.30 -1.64
CA GLN A 167 5.05 0.16 -0.80
C GLN A 167 5.33 -0.75 0.38
N ARG A 168 5.73 -1.97 0.08
CA ARG A 168 6.04 -2.97 1.09
C ARG A 168 7.30 -2.59 1.87
N LYS A 169 8.21 -1.85 1.24
CA LYS A 169 9.46 -1.47 1.90
C LYS A 169 9.20 -0.48 3.02
N ILE A 170 8.37 0.52 2.75
CA ILE A 170 8.02 1.49 3.79
C ILE A 170 7.10 0.83 4.81
N ARG A 171 6.16 0.01 4.32
CA ARG A 171 5.29 -0.77 5.19
C ARG A 171 6.11 -1.71 6.10
N ASP A 172 7.30 -2.07 5.63
CA ASP A 172 8.22 -2.92 6.36
C ASP A 172 8.96 -2.17 7.47
N ILE A 173 9.49 -0.99 7.15
CA ILE A 173 10.25 -0.21 8.13
C ILE A 173 9.35 0.25 9.27
N LEU A 174 8.04 0.24 9.01
CA LEU A 174 7.03 0.57 10.03
C LEU A 174 7.17 -0.34 11.25
N ALA A 175 7.68 -1.55 11.02
CA ALA A 175 7.84 -2.54 12.08
C ALA A 175 8.66 -1.98 13.25
N GLN A 176 9.62 -1.12 12.93
CA GLN A 176 10.46 -0.52 13.96
C GLN A 176 9.67 0.46 14.81
N VAL A 177 8.71 1.12 14.18
CA VAL A 177 7.85 2.08 14.88
C VAL A 177 6.92 1.32 15.84
N LYS A 178 6.42 0.18 15.37
CA LYS A 178 5.59 -0.70 16.17
C LYS A 178 6.35 -1.17 17.40
N GLN A 179 7.56 -1.66 17.17
CA GLN A 179 8.40 -2.19 18.23
C GLN A 179 8.80 -1.11 19.22
N GLN A 180 8.99 0.10 18.73
CA GLN A 180 9.41 1.22 19.57
C GLN A 180 8.40 1.51 20.68
N HIS A 181 7.12 1.35 20.39
CA HIS A 181 6.08 1.63 21.38
C HIS A 181 5.87 0.45 22.31
N GLN A 182 6.26 -0.74 21.87
CA GLN A 182 6.13 -1.92 22.71
C GLN A 182 7.34 -2.06 23.63
N LYS A 183 8.53 -2.11 23.04
CA LYS A 183 9.74 -2.27 23.81
C LYS A 183 10.36 -0.92 24.14
N GLY A 184 9.61 -0.12 24.88
CA GLY A 184 10.17 1.08 25.45
C GLY A 184 11.08 0.74 26.60
N GLN A 185 12.30 1.25 26.58
CA GLN A 185 13.31 0.90 27.57
C GLN A 185 12.85 1.30 28.98
N SER A 186 12.60 0.31 29.80
CA SER A 186 12.16 0.53 31.17
C SER A 186 13.37 0.81 32.06
N GLY A 187 13.98 1.98 31.87
CA GLY A 187 15.15 2.35 32.63
C GLY A 187 14.87 2.52 34.11
N GLN A 188 14.02 3.47 34.44
CA GLN A 188 13.66 3.71 35.83
C GLN A 188 12.20 4.15 35.91
N LEU A 189 11.33 3.23 36.30
CA LEU A 189 9.90 3.50 36.38
C LEU A 189 9.26 2.56 37.40
N GLN A 190 9.52 1.28 37.24
CA GLN A 190 8.97 0.27 38.13
C GLN A 190 10.10 -0.36 38.95
N ALA A 191 10.05 -0.15 40.26
CA ALA A 191 11.03 -0.74 41.16
C ALA A 191 10.60 -2.14 41.58
N GLY A 1 -18.41 -12.55 5.53
CA GLY A 1 -18.09 -11.20 5.00
C GLY A 1 -16.93 -10.59 5.75
N ALA A 2 -16.11 -9.83 5.05
CA ALA A 2 -14.93 -9.24 5.66
C ALA A 2 -14.75 -7.79 5.24
N MET A 3 -15.57 -6.91 5.80
CA MET A 3 -15.40 -5.48 5.62
C MET A 3 -14.26 -5.03 6.53
N GLY A 4 -14.43 -5.30 7.81
CA GLY A 4 -13.39 -5.04 8.77
C GLY A 4 -12.93 -6.32 9.44
N PRO A 5 -11.70 -6.38 9.93
CA PRO A 5 -11.17 -7.59 10.59
C PRO A 5 -11.99 -7.95 11.82
N SER A 6 -12.53 -9.17 11.82
CA SER A 6 -13.34 -9.63 12.94
C SER A 6 -12.54 -9.62 14.23
N SER A 7 -12.99 -8.83 15.19
CA SER A 7 -12.31 -8.68 16.46
C SER A 7 -12.58 -9.88 17.36
N VAL A 8 -11.87 -10.97 17.10
CA VAL A 8 -12.02 -12.19 17.87
C VAL A 8 -10.99 -12.23 19.01
N SER A 9 -11.34 -12.93 20.07
CA SER A 9 -10.44 -13.11 21.20
C SER A 9 -10.40 -14.58 21.59
N GLY A 10 -9.65 -15.37 20.84
CA GLY A 10 -9.57 -16.80 21.08
C GLY A 10 -8.14 -17.29 21.19
N ALA A 11 -7.38 -17.15 20.11
CA ALA A 11 -6.00 -17.57 20.09
C ALA A 11 -5.17 -16.66 19.20
N ALA A 12 -4.53 -15.68 19.81
CA ALA A 12 -3.73 -14.71 19.08
C ALA A 12 -2.27 -14.79 19.51
N PRO A 13 -1.40 -15.33 18.63
CA PRO A 13 0.03 -15.43 18.89
C PRO A 13 0.73 -14.09 18.76
N PHE A 14 1.90 -13.97 19.38
CA PHE A 14 2.66 -12.73 19.34
C PHE A 14 3.57 -12.70 18.12
N SER A 15 3.10 -13.30 17.05
CA SER A 15 3.84 -13.30 15.79
C SER A 15 3.55 -12.01 15.03
N SER A 16 4.52 -11.12 15.01
CA SER A 16 4.34 -9.80 14.42
C SER A 16 4.24 -9.85 12.89
N PHE A 17 4.68 -10.95 12.31
CA PHE A 17 4.59 -11.13 10.87
C PHE A 17 3.40 -12.04 10.52
N MET A 18 2.20 -11.55 10.84
CA MET A 18 0.98 -12.31 10.60
C MET A 18 -0.29 -11.44 10.65
N PRO A 19 -0.44 -10.54 11.67
CA PRO A 19 -1.66 -9.73 11.87
C PRO A 19 -2.37 -9.24 10.60
N PRO A 20 -1.67 -8.59 9.63
CA PRO A 20 -2.33 -8.11 8.42
C PRO A 20 -2.71 -9.23 7.45
N GLU A 21 -1.94 -10.32 7.49
CA GLU A 21 -2.11 -11.46 6.59
C GLU A 21 -1.75 -11.10 5.14
N GLN A 22 -2.44 -10.11 4.60
CA GLN A 22 -2.23 -9.68 3.23
C GLN A 22 -2.12 -8.17 3.19
N GLU A 23 -1.16 -7.67 2.43
CA GLU A 23 -0.87 -6.25 2.39
C GLU A 23 -1.95 -5.48 1.61
N THR A 24 -2.68 -4.65 2.34
CA THR A 24 -3.70 -3.82 1.76
C THR A 24 -3.13 -2.45 1.40
N VAL A 25 -2.99 -2.20 0.11
CA VAL A 25 -2.48 -0.91 -0.35
C VAL A 25 -3.49 -0.28 -1.31
N HIS A 26 -3.49 1.05 -1.39
CA HIS A 26 -4.49 1.76 -2.19
C HIS A 26 -3.81 2.46 -3.36
N VAL A 27 -4.36 2.29 -4.55
CA VAL A 27 -3.76 2.87 -5.75
C VAL A 27 -4.59 4.05 -6.25
N PHE A 28 -3.90 5.09 -6.72
CA PHE A 28 -4.51 6.35 -7.11
C PHE A 28 -4.70 6.38 -8.63
N ILE A 29 -5.93 6.20 -9.10
CA ILE A 29 -6.18 6.29 -10.54
C ILE A 29 -7.27 7.33 -10.84
N PRO A 30 -6.89 8.40 -11.56
CA PRO A 30 -7.80 9.51 -11.90
C PRO A 30 -9.02 9.05 -12.68
N ALA A 31 -10.13 9.76 -12.46
CA ALA A 31 -11.43 9.44 -13.02
C ALA A 31 -11.40 9.31 -14.54
N GLN A 32 -10.46 9.97 -15.17
CA GLN A 32 -10.34 9.93 -16.63
C GLN A 32 -9.87 8.57 -17.11
N ALA A 33 -9.19 7.83 -16.24
CA ALA A 33 -8.65 6.53 -16.62
C ALA A 33 -9.33 5.40 -15.86
N VAL A 34 -9.77 5.68 -14.64
CA VAL A 34 -10.31 4.63 -13.75
C VAL A 34 -11.40 3.81 -14.44
N GLY A 35 -12.16 4.47 -15.31
CA GLY A 35 -13.23 3.80 -16.00
C GLY A 35 -12.74 2.62 -16.79
N ALA A 36 -11.80 2.88 -17.68
CA ALA A 36 -11.30 1.86 -18.56
C ALA A 36 -10.30 0.94 -17.86
N ILE A 37 -9.81 1.38 -16.68
CA ILE A 37 -8.92 0.55 -15.87
C ILE A 37 -9.64 -0.73 -15.46
N ILE A 38 -10.91 -0.59 -15.05
CA ILE A 38 -11.74 -1.74 -14.71
C ILE A 38 -11.80 -2.73 -15.88
N GLY A 39 -12.16 -2.25 -17.06
CA GLY A 39 -12.02 -3.05 -18.26
C GLY A 39 -13.13 -4.05 -18.52
N LYS A 40 -13.88 -3.80 -19.58
CA LYS A 40 -14.87 -4.73 -20.14
C LYS A 40 -15.82 -5.29 -19.08
N LYS A 41 -16.78 -4.47 -18.69
CA LYS A 41 -17.87 -4.88 -17.77
C LYS A 41 -17.33 -5.29 -16.41
N GLY A 42 -16.04 -5.07 -16.17
CA GLY A 42 -15.46 -5.47 -14.91
C GLY A 42 -15.22 -6.97 -14.86
N GLN A 43 -15.40 -7.62 -15.98
CA GLN A 43 -15.18 -9.06 -16.08
C GLN A 43 -13.73 -9.37 -15.78
N HIS A 44 -12.84 -8.58 -16.36
CA HIS A 44 -11.41 -8.78 -16.21
C HIS A 44 -10.91 -8.27 -14.87
N ILE A 45 -11.58 -7.28 -14.29
CA ILE A 45 -11.13 -6.68 -13.03
C ILE A 45 -11.35 -7.65 -11.87
N LYS A 46 -12.49 -8.32 -11.83
CA LYS A 46 -12.77 -9.26 -10.75
C LYS A 46 -12.10 -10.61 -11.03
N GLN A 47 -11.85 -10.87 -12.31
CA GLN A 47 -11.11 -12.05 -12.72
C GLN A 47 -9.65 -11.90 -12.29
N LEU A 48 -9.20 -10.65 -12.27
CA LEU A 48 -7.84 -10.31 -11.90
C LEU A 48 -7.53 -10.76 -10.48
N SER A 49 -8.52 -10.62 -9.60
CA SER A 49 -8.39 -11.06 -8.23
C SER A 49 -8.17 -12.57 -8.14
N ARG A 50 -8.82 -13.30 -9.04
CA ARG A 50 -8.81 -14.75 -8.99
C ARG A 50 -7.44 -15.33 -9.33
N PHE A 51 -6.84 -14.87 -10.42
CA PHE A 51 -5.58 -15.46 -10.89
C PHE A 51 -4.42 -15.12 -9.95
N ALA A 52 -4.56 -14.01 -9.23
CA ALA A 52 -3.52 -13.57 -8.32
C ALA A 52 -3.74 -14.14 -6.92
N SER A 53 -4.92 -14.75 -6.73
CA SER A 53 -5.32 -15.33 -5.45
C SER A 53 -5.37 -14.25 -4.37
N ALA A 54 -5.73 -13.05 -4.77
CA ALA A 54 -5.76 -11.91 -3.88
C ALA A 54 -7.11 -11.21 -3.95
N SER A 55 -7.30 -10.22 -3.10
CA SER A 55 -8.55 -9.48 -3.07
C SER A 55 -8.37 -8.10 -3.72
N ILE A 56 -8.83 -7.98 -4.95
CA ILE A 56 -8.76 -6.72 -5.68
C ILE A 56 -10.16 -6.15 -5.87
N LYS A 57 -10.38 -4.94 -5.39
CA LYS A 57 -11.67 -4.28 -5.54
C LYS A 57 -11.48 -2.78 -5.67
N ILE A 58 -12.29 -2.15 -6.51
CA ILE A 58 -12.23 -0.70 -6.68
C ILE A 58 -12.88 -0.05 -5.46
N ALA A 59 -12.13 0.84 -4.80
CA ALA A 59 -12.59 1.45 -3.56
C ALA A 59 -13.60 2.56 -3.84
N PRO A 60 -14.72 2.58 -3.09
CA PRO A 60 -15.76 3.60 -3.25
C PRO A 60 -15.25 4.99 -2.85
N PRO A 61 -15.43 5.96 -3.74
CA PRO A 61 -15.04 7.36 -3.48
C PRO A 61 -16.01 8.03 -2.52
N GLU A 62 -15.63 9.20 -2.02
CA GLU A 62 -16.46 9.92 -1.08
C GLU A 62 -17.58 10.66 -1.81
N THR A 63 -17.28 11.17 -2.98
CA THR A 63 -18.29 11.78 -3.84
C THR A 63 -18.20 11.15 -5.23
N PRO A 64 -19.34 11.05 -5.93
CA PRO A 64 -19.41 10.39 -7.25
C PRO A 64 -18.68 11.17 -8.35
N ASP A 65 -18.08 12.31 -7.99
CA ASP A 65 -17.39 13.16 -8.95
C ASP A 65 -15.90 13.26 -8.63
N SER A 66 -15.43 12.38 -7.75
CA SER A 66 -14.02 12.38 -7.35
C SER A 66 -13.09 12.34 -8.58
N LYS A 67 -12.07 13.19 -8.55
CA LYS A 67 -11.12 13.29 -9.66
C LYS A 67 -10.24 12.05 -9.72
N VAL A 68 -10.17 11.33 -8.63
CA VAL A 68 -9.44 10.08 -8.59
C VAL A 68 -10.23 9.07 -7.79
N ARG A 69 -10.11 7.80 -8.17
CA ARG A 69 -10.73 6.74 -7.43
C ARG A 69 -9.65 5.76 -7.03
N MET A 70 -9.58 5.46 -5.75
CA MET A 70 -8.57 4.54 -5.27
C MET A 70 -9.04 3.11 -5.46
N VAL A 71 -8.10 2.22 -5.73
CA VAL A 71 -8.38 0.80 -5.78
C VAL A 71 -7.75 0.10 -4.59
N VAL A 72 -8.52 -0.79 -3.97
CA VAL A 72 -8.06 -1.54 -2.81
C VAL A 72 -7.63 -2.94 -3.22
N ILE A 73 -6.33 -3.19 -3.16
CA ILE A 73 -5.82 -4.52 -3.40
C ILE A 73 -5.24 -5.08 -2.12
N THR A 74 -5.43 -6.36 -1.91
CA THR A 74 -4.99 -7.02 -0.70
C THR A 74 -4.37 -8.37 -1.02
N GLY A 75 -3.05 -8.43 -0.94
CA GLY A 75 -2.35 -9.66 -1.25
C GLY A 75 -0.91 -9.62 -0.79
N PRO A 76 -0.26 -10.79 -0.70
CA PRO A 76 1.18 -10.86 -0.42
C PRO A 76 1.97 -10.13 -1.50
N PRO A 77 2.98 -9.35 -1.12
CA PRO A 77 3.73 -8.45 -2.02
C PRO A 77 4.03 -9.01 -3.42
N GLU A 78 4.34 -10.30 -3.52
CA GLU A 78 4.66 -10.88 -4.81
C GLU A 78 3.42 -11.02 -5.69
N ALA A 79 2.32 -11.48 -5.08
CA ALA A 79 1.04 -11.57 -5.79
C ALA A 79 0.47 -10.16 -5.98
N GLN A 80 0.83 -9.28 -5.06
CA GLN A 80 0.49 -7.87 -5.15
C GLN A 80 1.10 -7.25 -6.40
N PHE A 81 2.40 -7.53 -6.60
CA PHE A 81 3.11 -7.07 -7.80
C PHE A 81 2.45 -7.64 -9.06
N LYS A 82 2.03 -8.90 -8.98
CA LYS A 82 1.38 -9.58 -10.09
C LYS A 82 0.19 -8.76 -10.58
N ALA A 83 -0.69 -8.40 -9.66
CA ALA A 83 -1.88 -7.62 -9.97
C ALA A 83 -1.54 -6.16 -10.30
N GLN A 84 -0.71 -5.54 -9.46
CA GLN A 84 -0.42 -4.11 -9.57
C GLN A 84 0.33 -3.79 -10.86
N GLY A 85 1.15 -4.71 -11.31
CA GLY A 85 1.85 -4.53 -12.57
C GLY A 85 0.87 -4.31 -13.71
N ARG A 86 -0.25 -5.01 -13.64
CA ARG A 86 -1.28 -4.90 -14.65
C ARG A 86 -2.15 -3.66 -14.42
N ILE A 87 -2.25 -3.22 -13.16
CA ILE A 87 -3.04 -2.03 -12.84
C ILE A 87 -2.37 -0.79 -13.44
N TYR A 88 -1.03 -0.72 -13.33
CA TYR A 88 -0.28 0.35 -13.98
C TYR A 88 -0.32 0.18 -15.49
N GLY A 89 -0.41 -1.08 -15.92
CA GLY A 89 -0.51 -1.39 -17.33
C GLY A 89 -1.77 -0.81 -17.94
N LYS A 90 -2.81 -0.67 -17.14
CA LYS A 90 -4.05 -0.08 -17.59
C LYS A 90 -3.85 1.39 -17.92
N LEU A 91 -3.02 2.07 -17.11
CA LEU A 91 -2.65 3.44 -17.37
C LEU A 91 -1.95 3.57 -18.72
N LYS A 92 -1.16 2.56 -19.05
CA LYS A 92 -0.40 2.55 -20.28
C LYS A 92 -1.30 2.27 -21.47
N GLU A 93 -2.26 1.39 -21.26
CA GLU A 93 -3.18 0.97 -22.30
C GLU A 93 -4.11 2.11 -22.69
N GLU A 94 -4.38 3.03 -21.76
CA GLU A 94 -5.23 4.18 -22.05
C GLU A 94 -4.41 5.34 -22.61
N ASN A 95 -3.12 5.07 -22.80
CA ASN A 95 -2.19 5.98 -23.47
C ASN A 95 -2.11 7.32 -22.74
N PHE A 96 -2.08 7.28 -21.42
CA PHE A 96 -1.84 8.49 -20.63
C PHE A 96 -0.34 8.67 -20.40
N PHE A 97 0.42 7.65 -20.75
CA PHE A 97 1.87 7.67 -20.57
C PHE A 97 2.57 7.18 -21.82
N GLY A 98 2.06 6.11 -22.38
CA GLY A 98 2.65 5.51 -23.56
C GLY A 98 2.95 4.05 -23.34
N PRO A 99 3.21 3.29 -24.41
CA PRO A 99 3.51 1.86 -24.31
C PRO A 99 4.82 1.60 -23.56
N LYS A 100 5.94 2.01 -24.15
CA LYS A 100 7.25 1.71 -23.58
C LYS A 100 7.76 2.86 -22.71
N GLU A 101 7.07 3.99 -22.75
CA GLU A 101 7.37 5.09 -21.85
C GLU A 101 7.16 4.66 -20.40
N GLU A 102 7.99 5.16 -19.51
CA GLU A 102 7.94 4.78 -18.12
C GLU A 102 6.63 5.24 -17.48
N VAL A 103 6.05 4.37 -16.67
CA VAL A 103 4.80 4.69 -15.99
C VAL A 103 5.07 5.54 -14.76
N LYS A 104 4.22 6.54 -14.56
CA LYS A 104 4.29 7.37 -13.37
C LYS A 104 2.92 7.42 -12.73
N LEU A 105 2.66 6.51 -11.81
CA LEU A 105 1.33 6.38 -11.23
C LEU A 105 1.43 6.27 -9.71
N GLU A 106 0.69 7.15 -9.05
CA GLU A 106 0.73 7.27 -7.59
C GLU A 106 0.15 6.06 -6.86
N THR A 107 0.89 5.61 -5.85
CA THR A 107 0.35 4.67 -4.89
C THR A 107 0.22 5.36 -3.53
N HIS A 108 -0.87 5.08 -2.82
CA HIS A 108 -1.08 5.68 -1.52
C HIS A 108 -1.22 4.60 -0.46
N ILE A 109 -0.34 4.60 0.52
CA ILE A 109 -0.37 3.58 1.55
C ILE A 109 -0.43 4.20 2.94
N ARG A 110 -0.99 3.46 3.88
CA ARG A 110 -1.21 3.95 5.23
C ARG A 110 0.01 3.70 6.10
N VAL A 111 0.43 4.73 6.82
CA VAL A 111 1.48 4.57 7.83
C VAL A 111 1.01 5.18 9.14
N PRO A 112 1.42 4.63 10.27
CA PRO A 112 1.12 5.20 11.57
C PRO A 112 1.63 6.62 11.68
N ALA A 113 0.92 7.49 12.39
CA ALA A 113 1.26 8.90 12.43
C ALA A 113 2.74 9.11 12.77
N SER A 114 3.20 8.46 13.84
CA SER A 114 4.59 8.56 14.28
C SER A 114 5.54 7.96 13.24
N ALA A 115 5.08 6.93 12.55
CA ALA A 115 5.90 6.24 11.55
C ALA A 115 6.19 7.15 10.37
N ALA A 116 5.30 8.11 10.13
CA ALA A 116 5.50 9.09 9.06
C ALA A 116 6.74 9.93 9.34
N GLY A 117 7.05 10.11 10.62
CA GLY A 117 8.24 10.84 11.00
C GLY A 117 9.49 10.01 10.78
N ARG A 118 9.40 8.72 11.07
CA ARG A 118 10.54 7.83 10.94
C ARG A 118 10.81 7.52 9.47
N VAL A 119 9.76 7.44 8.66
CA VAL A 119 9.92 7.15 7.23
C VAL A 119 10.62 8.33 6.53
N ILE A 120 10.39 9.53 7.03
CA ILE A 120 11.12 10.71 6.53
C ILE A 120 12.55 10.66 7.02
N GLY A 121 12.73 10.33 8.29
CA GLY A 121 14.05 10.36 8.87
C GLY A 121 14.51 11.78 9.02
N ASP A 122 13.68 12.60 9.66
CA ASP A 122 13.95 14.03 9.82
C ASP A 122 15.21 14.26 10.64
N ASP A 123 15.64 13.21 11.33
CA ASP A 123 16.84 13.26 12.14
C ASP A 123 18.11 13.19 11.29
N GLY A 124 17.99 12.67 10.07
CA GLY A 124 19.17 12.51 9.24
C GLY A 124 18.86 12.29 7.77
N LYS A 125 18.89 11.03 7.34
CA LYS A 125 18.86 10.70 5.92
C LYS A 125 18.03 9.44 5.64
N THR A 126 17.04 9.18 6.48
CA THR A 126 16.25 7.96 6.37
C THR A 126 15.48 7.90 5.04
N VAL A 127 14.81 9.00 4.67
CA VAL A 127 14.07 9.03 3.41
C VAL A 127 15.02 8.97 2.21
N ASN A 128 16.22 9.49 2.40
CA ASN A 128 17.25 9.46 1.35
C ASN A 128 17.62 8.01 1.05
N GLU A 129 17.72 7.22 2.12
CA GLU A 129 18.02 5.81 2.02
C GLU A 129 16.89 5.09 1.28
N LEU A 130 15.65 5.46 1.60
CA LEU A 130 14.48 4.87 0.96
C LEU A 130 14.48 5.12 -0.54
N GLN A 131 14.71 6.37 -0.93
CA GLN A 131 14.69 6.75 -2.34
C GLN A 131 15.80 6.06 -3.13
N ASN A 132 16.91 5.78 -2.46
CA ASN A 132 18.02 5.09 -3.11
C ASN A 132 17.67 3.62 -3.33
N LEU A 133 17.05 3.01 -2.32
CA LEU A 133 16.66 1.62 -2.41
C LEU A 133 15.53 1.41 -3.40
N THR A 134 14.50 2.23 -3.29
CA THR A 134 13.28 2.03 -4.06
C THR A 134 13.38 2.61 -5.47
N ALA A 135 14.11 3.73 -5.58
CA ALA A 135 14.14 4.54 -6.81
C ALA A 135 12.78 5.16 -7.07
N ALA A 136 12.03 5.37 -5.99
CA ALA A 136 10.69 5.91 -6.06
C ALA A 136 10.59 7.18 -5.24
N GLU A 137 9.53 7.95 -5.48
CA GLU A 137 9.28 9.17 -4.77
C GLU A 137 8.49 8.90 -3.51
N VAL A 138 9.13 9.09 -2.37
CA VAL A 138 8.50 8.92 -1.07
C VAL A 138 8.05 10.28 -0.56
N VAL A 139 6.75 10.53 -0.61
CA VAL A 139 6.21 11.81 -0.23
C VAL A 139 5.37 11.71 1.04
N VAL A 140 5.86 12.29 2.12
CA VAL A 140 5.14 12.32 3.38
C VAL A 140 4.58 13.72 3.62
N PRO A 141 3.27 13.84 3.87
CA PRO A 141 2.61 15.13 4.01
C PRO A 141 2.73 15.73 5.41
N ARG A 142 2.86 17.03 5.46
CA ARG A 142 2.85 17.76 6.73
C ARG A 142 1.44 18.25 7.03
N ASP A 143 0.68 18.45 5.95
CA ASP A 143 -0.70 18.90 6.05
C ASP A 143 -1.57 17.79 6.61
N GLN A 144 -1.25 16.55 6.26
CA GLN A 144 -1.96 15.40 6.81
C GLN A 144 -1.24 14.89 8.03
N THR A 145 -1.61 15.40 9.19
CA THR A 145 -1.01 14.97 10.45
C THR A 145 -2.02 14.99 11.59
N PRO A 146 -3.14 14.25 11.47
CA PRO A 146 -4.16 14.19 12.51
C PRO A 146 -3.96 13.04 13.48
N ASP A 147 -4.06 13.34 14.77
CA ASP A 147 -4.06 12.33 15.80
C ASP A 147 -5.38 11.55 15.74
N GLU A 148 -6.32 12.11 14.98
CA GLU A 148 -7.63 11.54 14.74
C GLU A 148 -7.58 10.05 14.44
N ASN A 149 -6.69 9.66 13.52
CA ASN A 149 -6.62 8.28 13.09
C ASN A 149 -5.29 7.68 13.50
N GLU A 150 -4.46 8.51 14.15
CA GLU A 150 -3.06 8.19 14.50
C GLU A 150 -2.34 7.54 13.31
N GLN A 151 -2.73 7.95 12.11
CA GLN A 151 -2.23 7.36 10.88
C GLN A 151 -2.39 8.33 9.72
N VAL A 152 -1.41 8.33 8.82
CA VAL A 152 -1.41 9.22 7.67
C VAL A 152 -1.03 8.43 6.41
N ILE A 153 -0.93 9.12 5.28
CA ILE A 153 -0.61 8.46 4.02
C ILE A 153 0.68 8.99 3.42
N VAL A 154 1.49 8.09 2.91
CA VAL A 154 2.63 8.48 2.10
C VAL A 154 2.33 8.20 0.62
N LYS A 155 2.71 9.14 -0.23
CA LYS A 155 2.44 9.03 -1.64
C LYS A 155 3.68 8.55 -2.38
N ILE A 156 3.53 7.49 -3.15
CA ILE A 156 4.64 6.94 -3.91
C ILE A 156 4.44 7.20 -5.40
N ILE A 157 5.36 7.93 -6.00
CA ILE A 157 5.27 8.26 -7.41
C ILE A 157 6.43 7.61 -8.16
N GLY A 158 6.15 7.05 -9.34
CA GLY A 158 7.19 6.43 -10.12
C GLY A 158 6.70 5.21 -10.86
N HIS A 159 7.64 4.39 -11.31
CA HIS A 159 7.31 3.16 -12.02
C HIS A 159 7.03 2.03 -11.03
N PHE A 160 6.09 1.15 -11.39
CA PHE A 160 5.53 0.16 -10.47
C PHE A 160 6.57 -0.76 -9.85
N TYR A 161 7.71 -0.94 -10.53
CA TYR A 161 8.81 -1.71 -9.95
C TYR A 161 9.29 -1.04 -8.66
N ALA A 162 9.43 0.27 -8.74
CA ALA A 162 9.84 1.08 -7.61
C ALA A 162 8.71 1.22 -6.61
N SER A 163 7.50 1.40 -7.14
CA SER A 163 6.31 1.50 -6.32
C SER A 163 6.18 0.29 -5.41
N GLN A 164 6.26 -0.91 -6.00
CA GLN A 164 6.19 -2.15 -5.25
C GLN A 164 7.29 -2.21 -4.17
N MET A 165 8.51 -1.85 -4.55
CA MET A 165 9.64 -1.86 -3.61
C MET A 165 9.37 -0.90 -2.45
N ALA A 166 8.82 0.26 -2.77
CA ALA A 166 8.53 1.26 -1.76
C ALA A 166 7.40 0.81 -0.85
N GLN A 167 6.32 0.30 -1.44
CA GLN A 167 5.16 -0.14 -0.68
C GLN A 167 5.55 -1.16 0.39
N ARG A 168 6.26 -2.22 -0.03
CA ARG A 168 6.67 -3.24 0.92
C ARG A 168 7.68 -2.70 1.93
N LYS A 169 8.50 -1.75 1.52
CA LYS A 169 9.58 -1.27 2.37
C LYS A 169 9.05 -0.32 3.44
N ILE A 170 8.15 0.57 3.05
CA ILE A 170 7.52 1.48 3.99
C ILE A 170 6.57 0.71 4.91
N ARG A 171 5.76 -0.18 4.34
CA ARG A 171 4.88 -1.04 5.12
C ARG A 171 5.69 -1.89 6.10
N ASP A 172 6.94 -2.15 5.76
CA ASP A 172 7.83 -2.96 6.58
C ASP A 172 8.29 -2.21 7.82
N ILE A 173 8.75 -0.97 7.62
CA ILE A 173 9.25 -0.17 8.73
C ILE A 173 8.14 0.18 9.71
N LEU A 174 6.89 0.11 9.25
CA LEU A 174 5.73 0.34 10.12
C LEU A 174 5.73 -0.65 11.27
N ALA A 175 6.08 -1.90 10.95
CA ALA A 175 6.15 -2.94 11.96
C ALA A 175 7.27 -2.64 12.95
N GLN A 176 8.36 -2.11 12.42
CA GLN A 176 9.50 -1.73 13.24
C GLN A 176 9.13 -0.57 14.18
N VAL A 177 8.24 0.29 13.72
CA VAL A 177 7.73 1.39 14.54
C VAL A 177 6.77 0.85 15.59
N LYS A 178 6.01 -0.18 15.23
CA LYS A 178 5.13 -0.84 16.19
C LYS A 178 5.96 -1.52 17.27
N GLN A 179 7.16 -1.96 16.90
CA GLN A 179 8.09 -2.54 17.86
C GLN A 179 8.65 -1.47 18.80
N GLN A 180 8.62 -0.22 18.34
CA GLN A 180 9.07 0.91 19.15
C GLN A 180 8.11 1.13 20.30
N HIS A 181 6.85 0.79 20.07
CA HIS A 181 5.83 0.87 21.11
C HIS A 181 6.05 -0.20 22.17
N GLN A 182 6.60 -1.33 21.74
CA GLN A 182 6.99 -2.39 22.65
C GLN A 182 8.20 -1.96 23.45
N LYS A 183 9.26 -1.61 22.74
CA LYS A 183 10.49 -1.14 23.37
C LYS A 183 11.31 -0.34 22.36
N GLY A 184 11.70 -1.00 21.28
CA GLY A 184 12.52 -0.34 20.28
C GLY A 184 14.00 -0.45 20.60
N GLN A 185 14.57 -1.63 20.38
CA GLN A 185 15.97 -1.85 20.64
C GLN A 185 16.79 -1.36 19.46
N SER A 186 18.00 -0.88 19.75
CA SER A 186 18.90 -0.30 18.74
C SER A 186 18.39 1.05 18.24
N GLY A 187 17.36 1.57 18.91
CA GLY A 187 16.81 2.85 18.54
C GLY A 187 17.44 3.99 19.31
N GLN A 188 17.36 5.19 18.75
CA GLN A 188 17.92 6.37 19.41
C GLN A 188 16.85 7.04 20.26
N LEU A 189 16.94 6.86 21.56
CA LEU A 189 15.96 7.43 22.48
C LEU A 189 16.46 8.76 23.05
N GLN A 190 15.58 9.74 23.12
CA GLN A 190 15.92 11.03 23.68
C GLN A 190 15.00 11.33 24.87
N ALA A 191 15.10 10.50 25.89
CA ALA A 191 14.31 10.67 27.09
C ALA A 191 15.05 11.50 28.12
N GLY A 1 -26.02 -43.80 18.77
CA GLY A 1 -24.89 -44.50 19.41
C GLY A 1 -24.39 -43.80 20.65
N ALA A 2 -23.77 -44.54 21.56
CA ALA A 2 -23.23 -43.97 22.79
C ALA A 2 -21.88 -43.30 22.52
N MET A 3 -21.92 -42.24 21.72
CA MET A 3 -20.70 -41.51 21.35
C MET A 3 -20.88 -40.03 21.66
N GLY A 4 -19.97 -39.49 22.46
CA GLY A 4 -20.07 -38.10 22.84
C GLY A 4 -19.40 -37.17 21.84
N PRO A 5 -19.77 -35.88 21.85
CA PRO A 5 -19.18 -34.86 20.97
C PRO A 5 -17.68 -34.69 21.21
N SER A 6 -16.98 -34.18 20.20
CA SER A 6 -15.53 -34.05 20.25
C SER A 6 -14.91 -35.43 20.42
N SER A 7 -15.32 -36.35 19.54
CA SER A 7 -14.88 -37.73 19.60
C SER A 7 -13.36 -37.84 19.49
N VAL A 8 -12.72 -38.07 20.64
CA VAL A 8 -11.26 -38.19 20.72
C VAL A 8 -10.59 -36.92 20.19
N SER A 9 -10.58 -35.88 21.03
CA SER A 9 -9.93 -34.60 20.73
C SER A 9 -10.78 -33.76 19.77
N GLY A 10 -11.35 -34.41 18.75
CA GLY A 10 -12.13 -33.70 17.76
C GLY A 10 -11.37 -33.55 16.46
N ALA A 11 -10.05 -33.70 16.56
CA ALA A 11 -9.15 -33.65 15.39
C ALA A 11 -9.32 -32.34 14.63
N ALA A 12 -9.23 -31.23 15.35
CA ALA A 12 -9.39 -29.91 14.74
C ALA A 12 -8.26 -28.96 15.15
N PRO A 13 -7.10 -29.07 14.49
CA PRO A 13 -5.98 -28.18 14.70
C PRO A 13 -6.02 -26.99 13.73
N PHE A 14 -6.17 -25.80 14.28
CA PHE A 14 -6.29 -24.60 13.46
C PHE A 14 -5.22 -23.59 13.85
N SER A 15 -4.59 -22.97 12.86
CA SER A 15 -3.57 -21.96 13.12
C SER A 15 -3.83 -20.71 12.28
N SER A 16 -3.52 -20.78 10.99
CA SER A 16 -3.66 -19.64 10.08
C SER A 16 -2.84 -18.44 10.57
N PHE A 17 -1.52 -18.61 10.59
CA PHE A 17 -0.62 -17.57 11.06
C PHE A 17 -0.27 -16.60 9.94
N MET A 18 -0.21 -17.11 8.71
CA MET A 18 0.18 -16.30 7.57
C MET A 18 -1.00 -15.51 6.96
N PRO A 19 -2.13 -16.19 6.62
CA PRO A 19 -3.31 -15.56 6.01
C PRO A 19 -3.72 -14.18 6.59
N PRO A 20 -3.85 -14.02 7.94
CA PRO A 20 -4.34 -12.76 8.52
C PRO A 20 -3.42 -11.56 8.25
N GLU A 21 -2.12 -11.83 8.07
CA GLU A 21 -1.17 -10.76 7.86
C GLU A 21 -0.71 -10.69 6.40
N GLN A 22 -1.61 -10.27 5.54
CA GLN A 22 -1.27 -9.99 4.15
C GLN A 22 -1.35 -8.49 3.92
N GLU A 23 -0.51 -8.00 3.02
CA GLU A 23 -0.36 -6.57 2.83
C GLU A 23 -1.51 -6.01 1.98
N THR A 24 -1.96 -4.81 2.35
CA THR A 24 -3.07 -4.16 1.69
C THR A 24 -2.71 -2.71 1.35
N VAL A 25 -2.60 -2.42 0.06
CA VAL A 25 -2.22 -1.08 -0.39
C VAL A 25 -3.25 -0.52 -1.37
N HIS A 26 -3.24 0.79 -1.55
CA HIS A 26 -4.24 1.47 -2.37
C HIS A 26 -3.58 2.15 -3.58
N VAL A 27 -4.08 1.87 -4.77
CA VAL A 27 -3.53 2.44 -5.99
C VAL A 27 -4.34 3.67 -6.42
N PHE A 28 -3.66 4.68 -6.94
CA PHE A 28 -4.26 5.96 -7.25
C PHE A 28 -4.52 6.13 -8.75
N ILE A 29 -5.77 6.04 -9.16
CA ILE A 29 -6.12 6.27 -10.57
C ILE A 29 -7.28 7.25 -10.69
N PRO A 30 -7.07 8.37 -11.40
CA PRO A 30 -8.06 9.46 -11.55
C PRO A 30 -9.40 8.95 -12.05
N ALA A 31 -10.48 9.61 -11.60
CA ALA A 31 -11.84 9.20 -11.92
C ALA A 31 -12.09 9.14 -13.42
N GLN A 32 -11.28 9.86 -14.18
CA GLN A 32 -11.38 9.87 -15.63
C GLN A 32 -10.93 8.54 -16.24
N ALA A 33 -10.04 7.84 -15.54
CA ALA A 33 -9.42 6.66 -16.09
C ALA A 33 -9.88 5.39 -15.39
N VAL A 34 -10.21 5.52 -14.10
CA VAL A 34 -10.57 4.36 -13.29
C VAL A 34 -11.66 3.53 -13.95
N GLY A 35 -12.55 4.20 -14.67
CA GLY A 35 -13.63 3.50 -15.32
C GLY A 35 -13.12 2.40 -16.22
N ALA A 36 -12.30 2.76 -17.18
CA ALA A 36 -11.84 1.80 -18.17
C ALA A 36 -10.76 0.88 -17.60
N ILE A 37 -10.21 1.27 -16.45
CA ILE A 37 -9.22 0.44 -15.77
C ILE A 37 -9.84 -0.88 -15.32
N ILE A 38 -11.10 -0.81 -14.85
CA ILE A 38 -11.81 -1.99 -14.36
C ILE A 38 -11.84 -3.14 -15.38
N GLY A 39 -12.42 -2.90 -16.56
CA GLY A 39 -12.38 -3.91 -17.61
C GLY A 39 -13.72 -4.20 -18.25
N LYS A 40 -14.14 -3.31 -19.14
CA LYS A 40 -15.30 -3.49 -20.03
C LYS A 40 -16.61 -3.82 -19.30
N LYS A 41 -16.79 -5.09 -18.93
CA LYS A 41 -18.06 -5.53 -18.35
C LYS A 41 -17.96 -5.65 -16.83
N GLY A 42 -16.75 -5.47 -16.31
CA GLY A 42 -16.54 -5.58 -14.87
C GLY A 42 -16.31 -7.01 -14.43
N GLN A 43 -16.37 -7.93 -15.38
CA GLN A 43 -16.10 -9.33 -15.06
C GLN A 43 -14.59 -9.54 -14.97
N HIS A 44 -13.84 -8.79 -15.77
CA HIS A 44 -12.40 -8.94 -15.84
C HIS A 44 -11.70 -8.39 -14.60
N ILE A 45 -12.37 -7.49 -13.89
CA ILE A 45 -11.76 -6.91 -12.70
C ILE A 45 -11.78 -7.94 -11.56
N LYS A 46 -12.89 -8.65 -11.42
CA LYS A 46 -12.99 -9.69 -10.40
C LYS A 46 -12.35 -10.97 -10.92
N GLN A 47 -12.26 -11.08 -12.24
CA GLN A 47 -11.51 -12.15 -12.88
C GLN A 47 -10.03 -11.97 -12.57
N LEU A 48 -9.62 -10.70 -12.46
CA LEU A 48 -8.27 -10.35 -12.07
C LEU A 48 -8.04 -10.77 -10.63
N SER A 49 -9.07 -10.61 -9.79
CA SER A 49 -9.01 -11.05 -8.41
C SER A 49 -8.76 -12.56 -8.35
N ARG A 50 -9.41 -13.28 -9.26
CA ARG A 50 -9.18 -14.72 -9.40
C ARG A 50 -7.78 -14.98 -9.93
N PHE A 51 -7.43 -14.25 -10.99
CA PHE A 51 -6.15 -14.37 -11.68
C PHE A 51 -4.97 -14.12 -10.73
N ALA A 52 -5.11 -13.16 -9.84
CA ALA A 52 -4.05 -12.85 -8.90
C ALA A 52 -4.20 -13.64 -7.60
N SER A 53 -5.24 -14.48 -7.55
CA SER A 53 -5.54 -15.33 -6.39
C SER A 53 -5.58 -14.52 -5.09
N ALA A 54 -5.98 -13.26 -5.20
CA ALA A 54 -5.98 -12.36 -4.06
C ALA A 54 -7.23 -11.49 -4.09
N SER A 55 -7.42 -10.69 -3.05
CA SER A 55 -8.59 -9.83 -2.96
C SER A 55 -8.35 -8.51 -3.68
N ILE A 56 -8.88 -8.39 -4.90
CA ILE A 56 -8.75 -7.17 -5.69
C ILE A 56 -10.09 -6.45 -5.76
N LYS A 57 -10.13 -5.24 -5.21
CA LYS A 57 -11.37 -4.46 -5.16
C LYS A 57 -11.11 -3.02 -5.59
N ILE A 58 -12.09 -2.40 -6.23
CA ILE A 58 -12.01 -0.98 -6.55
C ILE A 58 -12.60 -0.17 -5.40
N ALA A 59 -11.72 0.48 -4.66
CA ALA A 59 -12.08 1.18 -3.44
C ALA A 59 -12.56 2.61 -3.73
N PRO A 60 -13.76 2.96 -3.24
CA PRO A 60 -14.26 4.33 -3.30
C PRO A 60 -13.44 5.25 -2.40
N PRO A 61 -13.17 6.49 -2.87
CA PRO A 61 -12.39 7.48 -2.11
C PRO A 61 -13.03 7.79 -0.76
N GLU A 62 -12.19 7.75 0.28
CA GLU A 62 -12.64 8.00 1.65
C GLU A 62 -13.29 9.38 1.76
N THR A 63 -12.79 10.31 0.96
CA THR A 63 -13.37 11.64 0.85
C THR A 63 -13.72 11.93 -0.60
N PRO A 64 -14.94 12.43 -0.85
CA PRO A 64 -15.43 12.71 -2.21
C PRO A 64 -14.62 13.80 -2.92
N ASP A 65 -13.74 14.45 -2.18
CA ASP A 65 -12.92 15.52 -2.72
C ASP A 65 -11.71 14.97 -3.44
N SER A 66 -11.45 13.68 -3.26
CA SER A 66 -10.33 13.03 -3.92
C SER A 66 -10.61 12.96 -5.42
N LYS A 67 -9.57 13.17 -6.21
CA LYS A 67 -9.71 13.26 -7.66
C LYS A 67 -9.71 11.90 -8.32
N VAL A 68 -9.39 10.88 -7.56
CA VAL A 68 -9.21 9.56 -8.14
C VAL A 68 -10.06 8.52 -7.42
N ARG A 69 -10.02 7.31 -7.93
CA ARG A 69 -10.63 6.17 -7.29
C ARG A 69 -9.51 5.18 -7.02
N MET A 70 -9.54 4.53 -5.87
CA MET A 70 -8.40 3.74 -5.45
C MET A 70 -8.60 2.27 -5.77
N VAL A 71 -7.51 1.58 -6.03
CA VAL A 71 -7.54 0.14 -6.17
C VAL A 71 -6.95 -0.49 -4.92
N VAL A 72 -7.77 -1.22 -4.20
CA VAL A 72 -7.33 -1.81 -2.95
C VAL A 72 -7.17 -3.32 -3.10
N ILE A 73 -5.97 -3.81 -2.84
CA ILE A 73 -5.71 -5.23 -2.95
C ILE A 73 -5.00 -5.75 -1.70
N THR A 74 -5.39 -6.95 -1.33
CA THR A 74 -4.79 -7.67 -0.22
C THR A 74 -4.25 -9.00 -0.71
N GLY A 75 -2.94 -9.15 -0.73
CA GLY A 75 -2.36 -10.35 -1.27
C GLY A 75 -0.91 -10.53 -0.90
N PRO A 76 -0.39 -11.75 -1.04
CA PRO A 76 1.03 -12.01 -0.92
C PRO A 76 1.80 -11.34 -2.06
N PRO A 77 3.04 -10.93 -1.81
CA PRO A 77 3.89 -10.20 -2.76
C PRO A 77 3.76 -10.67 -4.21
N GLU A 78 3.81 -12.00 -4.42
CA GLU A 78 3.70 -12.55 -5.78
C GLU A 78 2.41 -12.10 -6.46
N ALA A 79 1.32 -12.15 -5.70
CA ALA A 79 -0.01 -11.87 -6.20
C ALA A 79 -0.17 -10.38 -6.48
N GLN A 80 0.42 -9.57 -5.61
CA GLN A 80 0.34 -8.13 -5.75
C GLN A 80 1.16 -7.68 -6.96
N PHE A 81 2.15 -8.49 -7.32
CA PHE A 81 3.02 -8.19 -8.45
C PHE A 81 2.25 -8.19 -9.77
N LYS A 82 1.56 -9.28 -10.09
CA LYS A 82 0.83 -9.38 -11.35
C LYS A 82 -0.36 -8.44 -11.36
N ALA A 83 -0.96 -8.23 -10.20
CA ALA A 83 -2.08 -7.30 -10.07
C ALA A 83 -1.67 -5.88 -10.47
N GLN A 84 -0.57 -5.41 -9.88
CA GLN A 84 -0.05 -4.07 -10.18
C GLN A 84 0.45 -3.98 -11.62
N GLY A 85 0.96 -5.09 -12.13
CA GLY A 85 1.45 -5.12 -13.49
C GLY A 85 0.35 -4.79 -14.49
N ARG A 86 -0.85 -5.30 -14.26
CA ARG A 86 -1.96 -5.09 -15.17
C ARG A 86 -2.59 -3.71 -14.99
N ILE A 87 -2.69 -3.25 -13.73
CA ILE A 87 -3.35 -1.99 -13.45
C ILE A 87 -2.56 -0.82 -14.05
N TYR A 88 -1.24 -0.84 -13.92
CA TYR A 88 -0.39 0.18 -14.53
C TYR A 88 -0.42 0.05 -16.05
N GLY A 89 -0.63 -1.18 -16.52
CA GLY A 89 -0.76 -1.43 -17.94
C GLY A 89 -1.93 -0.68 -18.54
N LYS A 90 -3.00 -0.50 -17.77
CA LYS A 90 -4.15 0.25 -18.24
C LYS A 90 -3.84 1.75 -18.31
N LEU A 91 -2.90 2.20 -17.48
CA LEU A 91 -2.39 3.56 -17.60
C LEU A 91 -1.63 3.74 -18.91
N LYS A 92 -0.88 2.70 -19.30
CA LYS A 92 -0.17 2.69 -20.56
C LYS A 92 -1.14 2.61 -21.74
N GLU A 93 -2.30 2.05 -21.49
CA GLU A 93 -3.29 1.84 -22.53
C GLU A 93 -3.80 3.17 -23.08
N GLU A 94 -4.01 4.13 -22.18
CA GLU A 94 -4.53 5.43 -22.58
C GLU A 94 -3.45 6.52 -22.56
N ASN A 95 -2.24 6.11 -22.19
CA ASN A 95 -1.03 6.95 -22.26
C ASN A 95 -1.17 8.25 -21.47
N PHE A 96 -1.64 8.16 -20.22
CA PHE A 96 -1.87 9.35 -19.40
C PHE A 96 -0.57 10.03 -18.98
N PHE A 97 0.40 9.23 -18.56
CA PHE A 97 1.68 9.76 -18.09
C PHE A 97 2.62 10.08 -19.25
N GLY A 98 2.31 9.52 -20.41
CA GLY A 98 3.15 9.72 -21.58
C GLY A 98 3.55 8.40 -22.22
N PRO A 99 3.24 8.20 -23.50
CA PRO A 99 3.53 6.94 -24.20
C PRO A 99 5.03 6.56 -24.18
N LYS A 100 5.89 7.57 -24.30
CA LYS A 100 7.33 7.33 -24.34
C LYS A 100 7.93 7.32 -22.93
N GLU A 101 7.09 7.57 -21.95
CA GLU A 101 7.52 7.62 -20.56
C GLU A 101 7.26 6.26 -19.89
N GLU A 102 8.18 5.83 -19.04
CA GLU A 102 7.98 4.67 -18.23
C GLU A 102 6.83 4.98 -17.26
N VAL A 103 6.02 3.97 -16.95
CA VAL A 103 4.77 4.22 -16.23
C VAL A 103 4.99 5.00 -14.97
N LYS A 104 4.32 6.12 -14.88
CA LYS A 104 4.34 6.97 -13.72
C LYS A 104 2.94 7.05 -13.15
N LEU A 105 2.63 6.16 -12.23
CA LEU A 105 1.30 6.11 -11.67
C LEU A 105 1.38 6.11 -10.14
N GLU A 106 0.70 7.08 -9.55
CA GLU A 106 0.74 7.32 -8.13
C GLU A 106 0.28 6.09 -7.33
N THR A 107 1.09 5.71 -6.37
CA THR A 107 0.75 4.63 -5.47
C THR A 107 0.58 5.18 -4.06
N HIS A 108 -0.38 4.66 -3.31
CA HIS A 108 -0.60 5.16 -1.96
C HIS A 108 -0.47 4.06 -0.92
N ILE A 109 0.46 4.24 -0.01
CA ILE A 109 0.63 3.30 1.08
C ILE A 109 0.31 3.98 2.40
N ARG A 110 -0.46 3.30 3.21
CA ARG A 110 -0.90 3.85 4.48
C ARG A 110 0.22 3.77 5.51
N VAL A 111 0.38 4.82 6.29
CA VAL A 111 1.37 4.85 7.33
C VAL A 111 0.79 5.59 8.55
N PRO A 112 1.12 5.14 9.77
CA PRO A 112 0.70 5.82 11.00
C PRO A 112 1.22 7.25 11.05
N ALA A 113 0.49 8.15 11.70
CA ALA A 113 0.88 9.55 11.71
C ALA A 113 2.30 9.73 12.25
N SER A 114 2.56 9.13 13.40
CA SER A 114 3.86 9.24 14.06
C SER A 114 4.94 8.50 13.28
N ALA A 115 4.53 7.69 12.31
CA ALA A 115 5.46 6.94 11.49
C ALA A 115 5.95 7.79 10.33
N ALA A 116 5.26 8.91 10.08
CA ALA A 116 5.67 9.83 9.04
C ALA A 116 7.00 10.46 9.41
N GLY A 117 7.16 10.81 10.69
CA GLY A 117 8.42 11.34 11.14
C GLY A 117 9.52 10.30 11.09
N ARG A 118 9.15 9.05 11.29
CA ARG A 118 10.11 7.95 11.28
C ARG A 118 10.54 7.63 9.85
N VAL A 119 9.58 7.61 8.93
CA VAL A 119 9.87 7.33 7.54
C VAL A 119 10.68 8.48 6.93
N ILE A 120 10.45 9.69 7.42
CA ILE A 120 11.29 10.82 7.06
C ILE A 120 12.68 10.65 7.67
N GLY A 121 12.69 10.16 8.89
CA GLY A 121 13.93 9.94 9.59
C GLY A 121 14.25 11.08 10.52
N ASP A 122 13.20 11.64 11.13
CA ASP A 122 13.33 12.80 12.01
C ASP A 122 13.73 14.05 11.23
N ASP A 123 14.99 14.12 10.81
CA ASP A 123 15.48 15.28 10.06
C ASP A 123 15.42 15.02 8.56
N GLY A 124 15.49 13.75 8.18
CA GLY A 124 15.45 13.41 6.77
C GLY A 124 16.48 12.38 6.36
N LYS A 125 17.21 11.85 7.34
CA LYS A 125 18.25 10.86 7.08
C LYS A 125 17.68 9.57 6.49
N THR A 126 16.42 9.31 6.79
CA THR A 126 15.78 8.07 6.38
C THR A 126 15.15 8.20 4.99
N VAL A 127 14.67 9.40 4.64
CA VAL A 127 14.18 9.66 3.29
C VAL A 127 15.31 9.45 2.29
N ASN A 128 16.51 9.84 2.69
CA ASN A 128 17.71 9.66 1.89
C ASN A 128 17.89 8.18 1.54
N GLU A 129 17.66 7.32 2.52
CA GLU A 129 17.80 5.88 2.34
C GLU A 129 16.68 5.35 1.44
N LEU A 130 15.46 5.83 1.68
CA LEU A 130 14.29 5.40 0.92
C LEU A 130 14.46 5.65 -0.58
N GLN A 131 14.80 6.87 -0.93
CA GLN A 131 14.91 7.27 -2.33
C GLN A 131 16.05 6.53 -3.01
N ASN A 132 17.14 6.33 -2.30
CA ASN A 132 18.32 5.68 -2.85
C ASN A 132 18.04 4.23 -3.19
N LEU A 133 17.23 3.57 -2.39
CA LEU A 133 16.95 2.15 -2.58
C LEU A 133 15.77 1.94 -3.52
N THR A 134 14.68 2.65 -3.26
CA THR A 134 13.44 2.43 -3.97
C THR A 134 13.48 2.99 -5.39
N ALA A 135 14.34 4.01 -5.58
CA ALA A 135 14.43 4.74 -6.84
C ALA A 135 13.09 5.42 -7.15
N ALA A 136 12.29 5.60 -6.10
CA ALA A 136 10.95 6.12 -6.23
C ALA A 136 10.83 7.48 -5.58
N GLU A 137 9.67 8.10 -5.79
CA GLU A 137 9.34 9.37 -5.17
C GLU A 137 8.51 9.12 -3.91
N VAL A 138 9.08 9.44 -2.77
CA VAL A 138 8.45 9.17 -1.50
C VAL A 138 8.11 10.48 -0.81
N VAL A 139 6.83 10.82 -0.78
CA VAL A 139 6.39 12.02 -0.11
C VAL A 139 5.38 11.69 0.99
N VAL A 140 5.72 12.07 2.21
CA VAL A 140 4.85 11.90 3.35
C VAL A 140 4.67 13.22 4.08
N PRO A 141 3.45 13.77 4.03
CA PRO A 141 3.15 15.09 4.56
C PRO A 141 2.72 15.07 6.01
N ARG A 142 3.25 16.04 6.73
CA ARG A 142 2.91 16.25 8.11
C ARG A 142 1.52 16.90 8.20
N ASP A 143 1.15 17.54 7.11
CA ASP A 143 -0.13 18.25 7.01
C ASP A 143 -1.18 17.39 6.31
N GLN A 144 -0.90 16.09 6.23
CA GLN A 144 -1.80 15.15 5.54
C GLN A 144 -3.16 15.08 6.23
N THR A 145 -3.15 14.62 7.47
CA THR A 145 -4.37 14.37 8.21
C THR A 145 -4.18 14.65 9.70
N PRO A 146 -5.25 15.06 10.39
CA PRO A 146 -5.22 15.33 11.83
C PRO A 146 -5.06 14.07 12.67
N ASP A 147 -4.73 14.25 13.93
CA ASP A 147 -4.44 13.13 14.83
C ASP A 147 -5.71 12.47 15.34
N GLU A 148 -6.79 12.61 14.58
CA GLU A 148 -8.05 11.96 14.93
C GLU A 148 -7.92 10.45 14.70
N ASN A 149 -7.39 10.10 13.54
CA ASN A 149 -7.15 8.71 13.20
C ASN A 149 -5.67 8.36 13.37
N GLU A 150 -4.90 9.37 13.81
CA GLU A 150 -3.45 9.26 14.04
C GLU A 150 -2.74 8.53 12.90
N GLN A 151 -3.17 8.78 11.68
CA GLN A 151 -2.65 8.06 10.53
C GLN A 151 -2.64 8.93 9.28
N VAL A 152 -1.59 8.80 8.48
CA VAL A 152 -1.41 9.57 7.26
C VAL A 152 -1.16 8.64 6.08
N ILE A 153 -0.90 9.22 4.90
CA ILE A 153 -0.66 8.42 3.71
C ILE A 153 0.58 8.92 2.97
N VAL A 154 1.44 7.99 2.54
CA VAL A 154 2.60 8.33 1.73
C VAL A 154 2.24 8.22 0.25
N LYS A 155 2.71 9.16 -0.54
CA LYS A 155 2.45 9.14 -1.97
C LYS A 155 3.69 8.71 -2.73
N ILE A 156 3.59 7.58 -3.41
CA ILE A 156 4.69 7.04 -4.19
C ILE A 156 4.50 7.37 -5.66
N ILE A 157 5.41 8.16 -6.21
CA ILE A 157 5.38 8.47 -7.63
C ILE A 157 6.50 7.72 -8.33
N GLY A 158 6.19 7.06 -9.43
CA GLY A 158 7.19 6.29 -10.13
C GLY A 158 6.59 5.15 -10.91
N HIS A 159 7.39 4.10 -11.11
CA HIS A 159 6.98 2.96 -11.92
C HIS A 159 6.59 1.82 -11.00
N PHE A 160 5.74 0.90 -11.45
CA PHE A 160 5.21 -0.12 -10.54
C PHE A 160 6.33 -0.91 -9.85
N TYR A 161 7.43 -1.17 -10.57
CA TYR A 161 8.59 -1.82 -9.98
C TYR A 161 9.15 -1.00 -8.83
N ALA A 162 9.32 0.29 -9.05
CA ALA A 162 9.86 1.20 -8.04
C ALA A 162 8.84 1.42 -6.93
N SER A 163 7.57 1.48 -7.31
CA SER A 163 6.48 1.60 -6.35
C SER A 163 6.50 0.44 -5.36
N GLN A 164 6.69 -0.77 -5.88
CA GLN A 164 6.75 -1.96 -5.04
C GLN A 164 7.97 -1.92 -4.12
N MET A 165 9.05 -1.34 -4.60
CA MET A 165 10.26 -1.17 -3.80
C MET A 165 9.97 -0.27 -2.61
N ALA A 166 9.20 0.78 -2.84
CA ALA A 166 8.81 1.70 -1.77
C ALA A 166 7.75 1.07 -0.87
N GLN A 167 6.84 0.33 -1.49
CA GLN A 167 5.79 -0.37 -0.76
C GLN A 167 6.38 -1.25 0.33
N ARG A 168 7.28 -2.13 -0.06
CA ARG A 168 7.91 -3.05 0.90
C ARG A 168 8.77 -2.28 1.90
N LYS A 169 9.36 -1.18 1.46
CA LYS A 169 10.33 -0.44 2.27
C LYS A 169 9.64 0.30 3.41
N ILE A 170 8.67 1.13 3.08
CA ILE A 170 7.98 1.93 4.08
C ILE A 170 7.08 1.04 4.94
N ARG A 171 6.31 0.17 4.29
CA ARG A 171 5.39 -0.71 5.00
C ARG A 171 6.14 -1.64 5.96
N ASP A 172 7.42 -1.90 5.68
CA ASP A 172 8.24 -2.74 6.54
C ASP A 172 8.58 -2.02 7.85
N ILE A 173 9.01 -0.77 7.76
CA ILE A 173 9.42 -0.03 8.96
C ILE A 173 8.21 0.24 9.85
N LEU A 174 7.02 0.14 9.27
CA LEU A 174 5.78 0.32 10.03
C LEU A 174 5.67 -0.73 11.14
N ALA A 175 6.28 -1.90 10.91
CA ALA A 175 6.31 -2.95 11.90
C ALA A 175 6.99 -2.45 13.18
N GLN A 176 8.09 -1.73 13.01
CA GLN A 176 8.80 -1.12 14.12
C GLN A 176 7.90 -0.13 14.85
N VAL A 177 7.22 0.70 14.07
CA VAL A 177 6.30 1.70 14.62
C VAL A 177 5.19 1.03 15.41
N LYS A 178 4.67 -0.08 14.87
CA LYS A 178 3.60 -0.83 15.50
C LYS A 178 4.08 -1.38 16.84
N GLN A 179 5.28 -1.94 16.85
CA GLN A 179 5.87 -2.50 18.07
C GLN A 179 6.10 -1.41 19.11
N GLN A 180 6.61 -0.29 18.67
CA GLN A 180 6.92 0.82 19.57
C GLN A 180 5.65 1.56 19.99
N HIS A 181 4.59 1.41 19.21
CA HIS A 181 3.32 2.10 19.50
C HIS A 181 2.68 1.54 20.77
N GLN A 182 2.89 0.25 21.02
CA GLN A 182 2.38 -0.39 22.24
C GLN A 182 2.93 0.30 23.48
N LYS A 183 4.13 0.86 23.32
CA LYS A 183 4.79 1.57 24.39
C LYS A 183 5.09 3.00 23.95
N GLY A 184 4.24 3.53 23.09
CA GLY A 184 4.47 4.82 22.49
C GLY A 184 4.06 5.97 23.38
N GLN A 185 4.63 6.02 24.58
CA GLN A 185 4.36 7.10 25.53
C GLN A 185 2.87 7.22 25.80
N SER A 186 2.23 6.07 26.01
CA SER A 186 0.80 6.02 26.23
C SER A 186 0.52 5.46 27.62
N GLY A 187 0.43 6.36 28.60
CA GLY A 187 0.15 5.96 29.95
C GLY A 187 -1.32 6.10 30.30
N GLN A 188 -1.73 5.45 31.37
CA GLN A 188 -3.12 5.50 31.80
C GLN A 188 -3.32 6.59 32.85
N LEU A 189 -3.68 7.78 32.39
CA LEU A 189 -3.91 8.91 33.30
C LEU A 189 -5.06 9.76 32.81
N GLN A 190 -5.85 10.27 33.76
CA GLN A 190 -6.98 11.15 33.47
C GLN A 190 -7.92 10.55 32.43
N ALA A 191 -8.67 9.54 32.85
CA ALA A 191 -9.61 8.89 31.96
C ALA A 191 -10.96 8.72 32.65
#